data_2L9D
#
_entry.id   2L9D
#
_entity_poly.entity_id   1
_entity_poly.type   'polypeptide(L)'
_entity_poly.pdbx_seq_one_letter_code
;GMGTTEKSGIKEIIIQGLTRAGKPFRPSDWVDRMCSTYASFGADRKLRYSPYLKPRVIEGVRCLAVDLKLKDTNPEGFNQ
LMHFATENQLNILDAEGNSIDAAQVTEI
;
_entity_poly.pdbx_strand_id   A
#
# COMPACT_ATOMS: atom_id res chain seq x y z
N GLY A 1 10.85 17.29 -10.70
CA GLY A 1 11.93 18.11 -10.14
C GLY A 1 12.17 19.35 -10.97
N MET A 2 11.28 20.35 -10.91
CA MET A 2 11.28 21.55 -11.76
C MET A 2 11.22 21.17 -13.25
N GLY A 3 10.60 20.04 -13.56
CA GLY A 3 10.41 19.51 -14.89
C GLY A 3 9.00 18.96 -15.01
N THR A 4 8.64 18.41 -16.16
CA THR A 4 7.36 17.84 -16.40
C THR A 4 7.38 16.42 -15.79
N THR A 5 6.78 16.33 -14.62
CA THR A 5 6.22 15.12 -14.02
C THR A 5 4.75 15.39 -13.76
N GLU A 6 4.03 15.78 -14.81
CA GLU A 6 2.58 15.87 -14.71
C GLU A 6 2.00 14.45 -14.72
N LYS A 7 1.51 14.01 -13.55
CA LYS A 7 1.05 12.65 -13.24
C LYS A 7 2.02 11.57 -13.74
N SER A 8 1.59 10.32 -13.79
CA SER A 8 2.30 9.21 -14.37
C SER A 8 1.26 8.13 -14.71
N GLY A 9 1.70 6.90 -14.93
CA GLY A 9 0.87 5.74 -15.22
C GLY A 9 1.03 4.66 -14.16
N ILE A 10 1.16 5.05 -12.89
CA ILE A 10 1.32 4.16 -11.76
C ILE A 10 0.13 3.20 -11.70
N LYS A 11 0.40 1.89 -11.60
CA LYS A 11 -0.61 0.83 -11.49
C LYS A 11 -0.30 -0.19 -10.40
N GLU A 12 0.67 0.10 -9.55
CA GLU A 12 0.96 -0.65 -8.33
C GLU A 12 1.72 0.34 -7.44
N ILE A 13 1.51 0.33 -6.13
CA ILE A 13 2.20 1.20 -5.17
C ILE A 13 2.75 0.36 -4.01
N ILE A 14 3.57 0.94 -3.14
CA ILE A 14 4.13 0.25 -1.98
C ILE A 14 4.10 1.21 -0.81
N ILE A 15 3.33 0.87 0.21
CA ILE A 15 3.35 1.60 1.47
C ILE A 15 4.57 1.04 2.20
N GLN A 16 5.63 1.84 2.33
CA GLN A 16 6.77 1.45 3.13
C GLN A 16 6.28 1.21 4.57
N GLY A 17 7.03 0.45 5.37
CA GLY A 17 6.75 0.27 6.78
C GLY A 17 7.63 1.19 7.62
N LEU A 18 8.24 2.20 7.00
CA LEU A 18 9.17 3.11 7.56
C LEU A 18 8.51 4.49 7.53
N THR A 19 8.61 5.27 8.61
CA THR A 19 7.95 6.57 8.70
C THR A 19 8.71 7.62 7.88
N ARG A 20 8.10 8.77 7.67
CA ARG A 20 8.74 10.00 7.17
C ARG A 20 9.94 10.45 8.01
N ALA A 21 10.03 10.04 9.27
CA ALA A 21 11.15 10.32 10.16
C ALA A 21 12.30 9.32 9.93
N GLY A 22 12.15 8.36 9.01
CA GLY A 22 13.12 7.30 8.80
C GLY A 22 13.25 6.43 10.04
N LYS A 23 12.14 6.01 10.67
CA LYS A 23 12.15 4.89 11.60
C LYS A 23 10.96 3.98 11.47
N PRO A 24 11.15 2.67 11.70
CA PRO A 24 10.21 1.71 11.23
C PRO A 24 9.04 1.57 12.20
N PHE A 25 7.84 1.61 11.63
CA PHE A 25 6.58 1.57 12.33
C PHE A 25 6.33 0.17 12.91
N ARG A 26 5.46 0.06 13.92
CA ARG A 26 5.10 -1.17 14.60
C ARG A 26 3.57 -1.29 14.67
N PRO A 27 3.02 -2.50 14.80
CA PRO A 27 3.76 -3.74 14.95
C PRO A 27 4.39 -4.17 13.63
N SER A 28 5.33 -5.11 13.68
CA SER A 28 5.98 -5.59 12.47
C SER A 28 4.99 -6.35 11.59
N ASP A 29 3.95 -6.95 12.18
CA ASP A 29 2.82 -7.57 11.50
C ASP A 29 1.81 -6.58 10.93
N TRP A 30 2.04 -5.25 10.94
CA TRP A 30 1.12 -4.30 10.33
C TRP A 30 0.80 -4.69 8.89
N VAL A 31 1.81 -5.15 8.15
CA VAL A 31 1.69 -5.60 6.77
C VAL A 31 0.71 -6.77 6.67
N ASP A 32 0.74 -7.67 7.65
CA ASP A 32 -0.09 -8.87 7.67
C ASP A 32 -1.54 -8.51 7.98
N ARG A 33 -1.72 -7.52 8.86
CA ARG A 33 -3.04 -7.00 9.22
C ARG A 33 -3.74 -6.45 7.98
N MET A 34 -3.08 -5.64 7.15
CA MET A 34 -3.76 -5.05 6.02
C MET A 34 -4.21 -6.11 5.01
N CYS A 35 -3.52 -7.25 4.90
CA CYS A 35 -4.03 -8.38 4.14
C CYS A 35 -5.30 -8.94 4.77
N SER A 36 -5.28 -9.25 6.08
CA SER A 36 -6.43 -9.85 6.78
C SER A 36 -7.67 -8.99 6.67
N THR A 37 -7.46 -7.70 6.87
CA THR A 37 -8.47 -6.63 6.83
C THR A 37 -9.32 -6.61 5.55
N TYR A 38 -8.83 -7.16 4.42
CA TYR A 38 -9.56 -7.22 3.15
C TYR A 38 -9.79 -8.66 2.70
N ALA A 39 -9.45 -9.64 3.53
CA ALA A 39 -9.57 -11.05 3.23
C ALA A 39 -11.01 -11.53 3.39
N SER A 40 -11.21 -12.82 3.17
CA SER A 40 -12.45 -13.56 3.38
C SER A 40 -12.10 -15.05 3.48
N PHE A 41 -13.00 -15.84 4.05
CA PHE A 41 -12.96 -17.28 3.95
C PHE A 41 -13.35 -17.66 2.53
N GLY A 42 -12.62 -18.60 1.94
CA GLY A 42 -12.89 -19.13 0.63
C GLY A 42 -13.73 -20.40 0.72
N ALA A 43 -14.94 -20.29 1.27
CA ALA A 43 -15.95 -21.34 1.42
C ALA A 43 -15.51 -22.64 2.13
N ASP A 44 -14.30 -22.70 2.69
CA ASP A 44 -13.65 -23.92 3.19
C ASP A 44 -13.02 -23.74 4.57
N ARG A 45 -13.44 -22.69 5.29
CA ARG A 45 -12.95 -22.22 6.58
C ARG A 45 -11.41 -22.20 6.66
N LYS A 46 -10.78 -21.51 5.72
CA LYS A 46 -9.42 -21.00 5.76
C LYS A 46 -9.53 -19.56 5.30
N LEU A 47 -8.79 -18.66 5.94
CA LEU A 47 -8.74 -17.29 5.47
C LEU A 47 -7.97 -17.27 4.14
N ARG A 48 -8.27 -16.31 3.28
CA ARG A 48 -7.64 -16.17 1.97
C ARG A 48 -7.32 -14.69 1.77
N TYR A 49 -6.07 -14.32 1.98
CA TYR A 49 -5.59 -12.97 1.69
C TYR A 49 -5.78 -12.71 0.19
N SER A 50 -6.47 -11.61 -0.12
CA SER A 50 -6.79 -11.21 -1.49
C SER A 50 -5.52 -10.94 -2.30
N PRO A 51 -5.57 -11.06 -3.64
CA PRO A 51 -4.37 -11.00 -4.47
C PRO A 51 -3.82 -9.58 -4.59
N TYR A 52 -4.64 -8.54 -4.40
CA TYR A 52 -4.24 -7.16 -4.70
C TYR A 52 -3.28 -6.56 -3.66
N LEU A 53 -2.76 -7.39 -2.76
CA LEU A 53 -2.17 -7.00 -1.51
C LEU A 53 -1.14 -8.07 -1.21
N LYS A 54 0.15 -7.73 -1.15
CA LYS A 54 1.16 -8.69 -0.71
C LYS A 54 2.25 -8.01 0.11
N PRO A 55 2.90 -8.75 1.03
CA PRO A 55 4.07 -8.27 1.73
C PRO A 55 5.22 -8.11 0.74
N ARG A 56 6.25 -7.35 1.15
CA ARG A 56 7.56 -7.36 0.52
C ARG A 56 8.64 -7.42 1.60
N VAL A 57 9.89 -7.32 1.16
CA VAL A 57 11.00 -6.69 1.86
C VAL A 57 11.78 -5.88 0.81
N ILE A 58 12.20 -4.65 1.15
CA ILE A 58 13.01 -3.74 0.34
C ILE A 58 13.89 -3.03 1.36
N GLU A 59 15.20 -2.91 1.09
CA GLU A 59 16.22 -2.36 2.00
C GLU A 59 16.13 -3.03 3.39
N GLY A 60 15.60 -4.25 3.47
CA GLY A 60 15.36 -5.00 4.70
C GLY A 60 14.05 -4.64 5.41
N VAL A 61 13.37 -3.55 5.04
CA VAL A 61 12.09 -3.14 5.64
C VAL A 61 10.98 -3.94 4.97
N ARG A 62 10.00 -4.41 5.76
CA ARG A 62 8.85 -5.24 5.34
C ARG A 62 8.02 -4.60 4.21
N CYS A 63 7.07 -3.72 4.53
CA CYS A 63 6.26 -2.96 3.58
C CYS A 63 5.22 -3.83 2.87
N LEU A 64 4.28 -3.17 2.20
CA LEU A 64 3.06 -3.76 1.67
C LEU A 64 2.87 -3.18 0.27
N ALA A 65 2.93 -4.04 -0.74
CA ALA A 65 2.62 -3.68 -2.11
C ALA A 65 1.09 -3.75 -2.30
N VAL A 66 0.54 -2.90 -3.15
CA VAL A 66 -0.90 -2.79 -3.40
C VAL A 66 -1.10 -2.62 -4.91
N ASP A 67 -1.89 -3.51 -5.50
CA ASP A 67 -2.32 -3.47 -6.90
C ASP A 67 -3.36 -2.37 -7.05
N LEU A 68 -3.23 -1.51 -8.06
CA LEU A 68 -4.23 -0.46 -8.27
C LEU A 68 -5.57 -0.98 -8.81
N LYS A 69 -5.66 -2.26 -9.23
CA LYS A 69 -6.93 -2.78 -9.73
C LYS A 69 -7.98 -2.79 -8.62
N LEU A 70 -7.60 -3.00 -7.35
CA LEU A 70 -8.54 -2.98 -6.23
C LEU A 70 -9.36 -1.68 -6.23
N LYS A 71 -8.84 -0.54 -6.69
CA LYS A 71 -9.53 0.75 -6.71
C LYS A 71 -10.68 0.72 -7.71
N ASP A 72 -10.56 0.00 -8.81
CA ASP A 72 -11.64 -0.19 -9.76
C ASP A 72 -12.80 -0.92 -9.09
N THR A 73 -12.50 -2.05 -8.45
CA THR A 73 -13.52 -2.98 -7.99
C THR A 73 -14.09 -2.61 -6.60
N ASN A 74 -13.29 -2.02 -5.70
CA ASN A 74 -13.66 -1.54 -4.37
C ASN A 74 -12.80 -0.31 -4.04
N PRO A 75 -13.16 0.88 -4.58
CA PRO A 75 -12.41 2.10 -4.36
C PRO A 75 -12.35 2.52 -2.89
N GLU A 76 -13.39 2.23 -2.11
CA GLU A 76 -13.49 2.52 -0.68
C GLU A 76 -12.41 1.80 0.10
N GLY A 77 -12.19 0.53 -0.26
CA GLY A 77 -11.16 -0.32 0.31
C GLY A 77 -9.78 0.28 0.11
N PHE A 78 -9.39 0.47 -1.17
CA PHE A 78 -8.08 1.05 -1.47
C PHE A 78 -7.90 2.42 -0.82
N ASN A 79 -8.94 3.26 -0.83
CA ASN A 79 -8.96 4.56 -0.17
C ASN A 79 -8.53 4.45 1.29
N GLN A 80 -9.24 3.62 2.07
CA GLN A 80 -8.91 3.40 3.47
C GLN A 80 -7.50 2.81 3.64
N LEU A 81 -7.02 2.05 2.66
CA LEU A 81 -5.67 1.48 2.69
C LEU A 81 -4.61 2.55 2.51
N MET A 82 -4.85 3.50 1.59
CA MET A 82 -3.99 4.64 1.40
C MET A 82 -3.95 5.44 2.70
N HIS A 83 -5.11 5.70 3.32
CA HIS A 83 -5.23 6.52 4.52
C HIS A 83 -4.39 5.98 5.68
N PHE A 84 -4.28 4.66 5.78
CA PHE A 84 -3.46 3.99 6.78
C PHE A 84 -2.00 4.46 6.72
N ALA A 85 -1.49 4.77 5.52
CA ALA A 85 -0.17 5.37 5.38
C ALA A 85 -0.09 6.73 6.06
N THR A 86 -1.05 7.61 5.78
CA THR A 86 -1.09 8.96 6.34
C THR A 86 -1.24 8.90 7.87
N GLU A 87 -1.97 7.91 8.37
CA GLU A 87 -2.15 7.62 9.78
C GLU A 87 -0.78 7.41 10.43
N ASN A 88 0.02 6.43 10.00
CA ASN A 88 1.19 6.05 10.79
C ASN A 88 2.43 6.78 10.28
N GLN A 89 2.22 7.61 9.25
CA GLN A 89 3.13 8.56 8.60
C GLN A 89 4.14 7.83 7.71
N LEU A 90 3.77 6.66 7.18
CA LEU A 90 4.67 5.86 6.42
C LEU A 90 5.00 6.50 5.09
N ASN A 91 6.18 6.18 4.60
CA ASN A 91 6.64 6.63 3.30
C ASN A 91 5.84 5.90 2.22
N ILE A 92 4.95 6.60 1.53
CA ILE A 92 4.24 6.05 0.37
C ILE A 92 5.23 6.07 -0.78
N LEU A 93 5.51 4.90 -1.36
CA LEU A 93 6.31 4.74 -2.54
C LEU A 93 5.45 4.25 -3.69
N ASP A 94 6.08 4.16 -4.86
CA ASP A 94 5.53 3.62 -6.10
C ASP A 94 6.13 2.24 -6.38
N ALA A 95 5.85 1.71 -7.58
CA ALA A 95 6.33 0.41 -8.04
C ALA A 95 7.86 0.33 -8.16
N GLU A 96 8.52 1.42 -8.51
CA GLU A 96 9.99 1.51 -8.50
C GLU A 96 10.50 1.68 -7.07
N GLY A 97 9.74 2.38 -6.24
CA GLY A 97 10.02 2.61 -4.84
C GLY A 97 10.51 4.04 -4.57
N ASN A 98 10.21 4.97 -5.49
CA ASN A 98 10.35 6.41 -5.32
C ASN A 98 9.30 6.88 -4.31
N SER A 99 9.63 7.80 -3.40
CA SER A 99 8.68 8.33 -2.43
C SER A 99 7.72 9.35 -3.10
N ILE A 100 6.41 9.10 -3.08
CA ILE A 100 5.36 9.86 -3.77
C ILE A 100 4.24 10.25 -2.80
N ASP A 101 3.22 10.98 -3.27
CA ASP A 101 2.01 11.31 -2.50
C ASP A 101 0.85 10.50 -3.01
N ALA A 102 -0.21 10.45 -2.21
CA ALA A 102 -1.40 9.68 -2.53
C ALA A 102 -2.23 10.33 -3.66
N ALA A 103 -2.08 11.64 -3.87
CA ALA A 103 -2.72 12.34 -4.97
C ALA A 103 -2.24 11.81 -6.31
N GLN A 104 -0.99 11.34 -6.40
CA GLN A 104 -0.46 10.74 -7.61
C GLN A 104 -1.08 9.37 -7.91
N VAL A 105 -1.98 8.86 -7.07
CA VAL A 105 -2.49 7.50 -7.11
C VAL A 105 -4.01 7.50 -7.33
N THR A 106 -4.79 8.08 -6.42
CA THR A 106 -6.26 8.01 -6.41
C THR A 106 -6.91 8.97 -7.42
N GLU A 107 -6.17 9.41 -8.45
CA GLU A 107 -6.55 10.36 -9.49
C GLU A 107 -6.28 9.80 -10.90
N ILE A 108 -5.79 8.56 -10.98
CA ILE A 108 -5.55 7.81 -12.21
C ILE A 108 -6.80 6.98 -12.47
N GLY A 1 0.14 26.31 -7.41
CA GLY A 1 0.27 24.87 -7.62
C GLY A 1 1.14 24.62 -8.84
N MET A 2 2.43 24.38 -8.63
CA MET A 2 3.43 24.11 -9.65
C MET A 2 4.02 22.76 -9.26
N GLY A 3 3.49 21.68 -9.84
CA GLY A 3 3.70 20.32 -9.39
C GLY A 3 2.75 19.36 -10.11
N THR A 4 2.84 18.07 -9.73
CA THR A 4 2.28 16.90 -10.43
C THR A 4 2.58 16.86 -11.94
N THR A 5 3.58 17.62 -12.41
CA THR A 5 4.00 17.71 -13.80
C THR A 5 4.79 16.48 -14.27
N GLU A 6 4.85 15.41 -13.47
CA GLU A 6 5.57 14.18 -13.73
C GLU A 6 4.61 12.99 -13.62
N LYS A 7 3.96 12.66 -14.74
CA LYS A 7 3.16 11.44 -14.88
C LYS A 7 4.06 10.20 -14.75
N SER A 8 3.40 9.05 -14.64
CA SER A 8 3.99 7.74 -14.83
C SER A 8 2.90 6.78 -15.35
N GLY A 9 3.15 5.47 -15.25
CA GLY A 9 2.26 4.38 -15.64
C GLY A 9 2.26 3.27 -14.59
N ILE A 10 2.34 3.63 -13.31
CA ILE A 10 2.41 2.75 -12.16
C ILE A 10 1.08 2.00 -12.01
N LYS A 11 1.11 0.72 -11.61
CA LYS A 11 -0.10 -0.09 -11.39
C LYS A 11 -0.26 -0.70 -10.00
N GLU A 12 0.51 -0.25 -9.02
CA GLU A 12 0.29 -0.54 -7.62
C GLU A 12 0.98 0.49 -6.73
N ILE A 13 0.78 0.39 -5.42
CA ILE A 13 1.51 1.11 -4.39
C ILE A 13 2.10 0.12 -3.41
N ILE A 14 3.13 0.55 -2.69
CA ILE A 14 3.77 -0.24 -1.66
C ILE A 14 3.90 0.67 -0.44
N ILE A 15 2.96 0.54 0.52
CA ILE A 15 3.01 1.29 1.77
C ILE A 15 4.17 0.68 2.60
N GLN A 16 5.29 1.39 2.69
CA GLN A 16 6.47 0.90 3.39
C GLN A 16 6.21 0.86 4.90
N GLY A 17 6.79 -0.11 5.60
CA GLY A 17 6.71 -0.21 7.06
C GLY A 17 7.86 0.53 7.75
N LEU A 18 8.41 1.55 7.08
CA LEU A 18 9.30 2.58 7.58
C LEU A 18 8.53 3.90 7.50
N THR A 19 8.75 4.78 8.48
CA THR A 19 8.28 6.15 8.36
C THR A 19 9.20 6.90 7.38
N ARG A 20 8.78 8.10 6.98
CA ARG A 20 9.56 9.01 6.16
C ARG A 20 10.88 9.44 6.80
N ALA A 21 10.97 9.33 8.13
CA ALA A 21 12.17 9.59 8.90
C ALA A 21 13.12 8.38 8.94
N GLY A 22 12.86 7.32 8.17
CA GLY A 22 13.76 6.19 8.04
C GLY A 22 13.90 5.39 9.34
N LYS A 23 12.82 5.26 10.12
CA LYS A 23 12.74 4.36 11.25
C LYS A 23 11.55 3.42 11.08
N PRO A 24 11.63 2.16 11.52
CA PRO A 24 10.56 1.19 11.30
C PRO A 24 9.38 1.48 12.22
N PHE A 25 8.18 1.47 11.63
CA PHE A 25 6.93 1.60 12.36
C PHE A 25 6.69 0.32 13.17
N ARG A 26 5.77 0.35 14.14
CA ARG A 26 5.31 -0.85 14.85
C ARG A 26 3.78 -0.87 14.82
N PRO A 27 3.14 -2.03 15.00
CA PRO A 27 3.80 -3.31 15.20
C PRO A 27 4.40 -3.80 13.89
N SER A 28 5.26 -4.81 13.94
CA SER A 28 5.74 -5.47 12.74
C SER A 28 4.61 -6.23 12.00
N ASP A 29 3.44 -6.39 12.61
CA ASP A 29 2.30 -7.09 12.01
C ASP A 29 1.32 -6.16 11.27
N TRP A 30 1.62 -4.84 11.20
CA TRP A 30 0.64 -3.86 10.73
C TRP A 30 0.18 -4.17 9.29
N VAL A 31 1.10 -4.63 8.45
CA VAL A 31 0.82 -5.00 7.07
C VAL A 31 -0.14 -6.19 7.07
N ASP A 32 0.07 -7.18 7.93
CA ASP A 32 -0.71 -8.41 7.91
C ASP A 32 -2.15 -8.08 8.23
N ARG A 33 -2.39 -7.18 9.19
CA ARG A 33 -3.71 -6.68 9.49
C ARG A 33 -4.33 -6.03 8.26
N MET A 34 -3.65 -5.08 7.62
CA MET A 34 -4.26 -4.35 6.52
C MET A 34 -4.54 -5.28 5.34
N CYS A 35 -3.56 -6.11 4.93
CA CYS A 35 -3.68 -7.14 3.91
C CYS A 35 -4.90 -8.06 4.24
N SER A 36 -5.08 -8.42 5.52
CA SER A 36 -6.21 -9.23 6.00
C SER A 36 -7.55 -8.50 6.04
N THR A 37 -7.57 -7.17 6.07
CA THR A 37 -8.80 -6.36 6.19
C THR A 37 -9.57 -6.34 4.86
N TYR A 38 -9.04 -6.98 3.82
CA TYR A 38 -9.62 -7.08 2.50
C TYR A 38 -9.70 -8.54 2.06
N ALA A 39 -9.68 -9.46 3.02
CA ALA A 39 -9.47 -10.88 2.83
C ALA A 39 -10.72 -11.67 3.22
N SER A 40 -10.70 -12.97 2.95
CA SER A 40 -11.73 -13.94 3.35
C SER A 40 -11.08 -15.28 3.64
N PHE A 41 -11.68 -16.08 4.50
CA PHE A 41 -11.47 -17.51 4.51
C PHE A 41 -11.90 -18.07 3.16
N GLY A 42 -10.97 -18.77 2.52
CA GLY A 42 -11.24 -19.70 1.44
C GLY A 42 -12.04 -20.87 1.98
N ALA A 43 -12.50 -21.71 1.04
CA ALA A 43 -13.35 -22.84 1.33
C ALA A 43 -12.75 -23.84 2.33
N ASP A 44 -11.42 -23.84 2.53
CA ASP A 44 -10.76 -24.75 3.47
C ASP A 44 -10.68 -24.17 4.90
N ARG A 45 -11.46 -23.13 5.19
CA ARG A 45 -11.43 -22.35 6.43
C ARG A 45 -10.02 -21.83 6.73
N LYS A 46 -9.38 -21.16 5.77
CA LYS A 46 -8.08 -20.54 5.97
C LYS A 46 -8.07 -19.26 5.16
N LEU A 47 -7.51 -18.19 5.72
CA LEU A 47 -7.48 -16.87 5.09
C LEU A 47 -6.84 -16.94 3.70
N ARG A 48 -7.30 -16.06 2.81
CA ARG A 48 -6.69 -15.65 1.55
C ARG A 48 -6.84 -14.14 1.51
N TYR A 49 -5.74 -13.42 1.39
CA TYR A 49 -5.75 -11.97 1.13
C TYR A 49 -6.54 -11.67 -0.15
N SER A 50 -6.90 -10.40 -0.37
CA SER A 50 -7.40 -9.95 -1.67
C SER A 50 -6.40 -10.31 -2.77
N PRO A 51 -6.85 -10.51 -4.02
CA PRO A 51 -5.97 -10.76 -5.16
C PRO A 51 -5.12 -9.53 -5.52
N TYR A 52 -5.38 -8.38 -4.89
CA TYR A 52 -4.79 -7.08 -5.17
C TYR A 52 -3.77 -6.68 -4.15
N LEU A 53 -3.31 -7.59 -3.28
CA LEU A 53 -2.46 -7.18 -2.19
C LEU A 53 -1.78 -8.35 -1.56
N LYS A 54 -0.56 -8.10 -1.09
CA LYS A 54 0.30 -9.00 -0.35
C LYS A 54 1.25 -8.16 0.49
N PRO A 55 1.88 -8.72 1.53
CA PRO A 55 3.14 -8.17 1.99
C PRO A 55 4.22 -8.35 0.91
N ARG A 56 5.36 -7.71 1.15
CA ARG A 56 6.66 -8.00 0.54
C ARG A 56 7.69 -8.10 1.67
N VAL A 57 8.98 -8.16 1.36
CA VAL A 57 10.09 -7.99 2.29
C VAL A 57 11.14 -7.10 1.62
N ILE A 58 11.00 -5.77 1.72
CA ILE A 58 11.91 -4.80 1.08
C ILE A 58 12.78 -4.27 2.19
N GLU A 59 14.09 -4.51 2.13
CA GLU A 59 15.03 -4.12 3.19
C GLU A 59 14.62 -4.72 4.56
N GLY A 60 13.91 -5.85 4.56
CA GLY A 60 13.37 -6.49 5.73
C GLY A 60 12.07 -5.85 6.25
N VAL A 61 11.52 -4.85 5.57
CA VAL A 61 10.29 -4.19 5.97
C VAL A 61 9.13 -5.01 5.41
N ARG A 62 7.94 -4.92 6.02
CA ARG A 62 6.80 -5.75 5.63
C ARG A 62 6.07 -5.29 4.37
N CYS A 63 6.07 -3.98 4.10
CA CYS A 63 5.70 -3.34 2.83
C CYS A 63 4.46 -3.91 2.16
N LEU A 64 3.31 -3.28 2.40
CA LEU A 64 2.02 -3.73 1.88
C LEU A 64 1.86 -3.28 0.43
N ALA A 65 1.82 -4.23 -0.50
CA ALA A 65 1.48 -3.98 -1.89
C ALA A 65 -0.05 -3.87 -1.95
N VAL A 66 -0.61 -2.88 -2.65
CA VAL A 66 -2.02 -2.85 -3.05
C VAL A 66 -2.04 -2.44 -4.55
N ASP A 67 -2.50 -3.32 -5.43
CA ASP A 67 -2.68 -3.13 -6.88
C ASP A 67 -3.72 -2.07 -7.16
N LEU A 68 -3.46 -1.21 -8.16
CA LEU A 68 -4.31 -0.09 -8.52
C LEU A 68 -5.67 -0.52 -9.11
N LYS A 69 -5.84 -1.78 -9.54
CA LYS A 69 -7.14 -2.31 -9.96
C LYS A 69 -8.11 -2.29 -8.78
N LEU A 70 -7.64 -2.47 -7.55
CA LEU A 70 -8.54 -2.41 -6.40
C LEU A 70 -9.33 -1.08 -6.38
N LYS A 71 -8.74 0.04 -6.82
CA LYS A 71 -9.38 1.34 -6.83
C LYS A 71 -10.50 1.39 -7.88
N ASP A 72 -10.35 0.70 -9.00
CA ASP A 72 -11.41 0.57 -10.00
C ASP A 72 -12.62 -0.13 -9.39
N THR A 73 -12.40 -1.23 -8.67
CA THR A 73 -13.48 -2.08 -8.15
C THR A 73 -14.05 -1.59 -6.80
N ASN A 74 -13.23 -1.00 -5.90
CA ASN A 74 -13.63 -0.43 -4.60
C ASN A 74 -12.67 0.70 -4.23
N PRO A 75 -12.90 1.93 -4.69
CA PRO A 75 -11.99 3.04 -4.49
C PRO A 75 -11.91 3.50 -3.04
N GLU A 76 -13.00 3.40 -2.28
CA GLU A 76 -13.09 3.84 -0.88
C GLU A 76 -12.11 3.08 0.00
N GLY A 77 -12.13 1.75 -0.10
CA GLY A 77 -11.23 0.91 0.68
C GLY A 77 -9.77 1.31 0.43
N PHE A 78 -9.42 1.51 -0.85
CA PHE A 78 -8.10 1.95 -1.28
C PHE A 78 -7.76 3.31 -0.68
N ASN A 79 -8.67 4.26 -0.81
CA ASN A 79 -8.55 5.61 -0.29
C ASN A 79 -8.19 5.55 1.20
N GLN A 80 -8.93 4.80 2.01
CA GLN A 80 -8.60 4.63 3.43
C GLN A 80 -7.19 4.07 3.67
N LEU A 81 -6.65 3.25 2.77
CA LEU A 81 -5.29 2.71 2.87
C LEU A 81 -4.25 3.82 2.68
N MET A 82 -4.57 4.78 1.81
CA MET A 82 -3.72 5.95 1.57
C MET A 82 -3.66 6.81 2.81
N HIS A 83 -4.79 7.02 3.49
CA HIS A 83 -4.84 7.79 4.73
C HIS A 83 -3.93 7.15 5.79
N PHE A 84 -4.04 5.83 5.98
CA PHE A 84 -3.25 5.06 6.94
C PHE A 84 -1.75 5.36 6.78
N ALA A 85 -1.30 5.45 5.52
CA ALA A 85 0.07 5.77 5.19
C ALA A 85 0.50 7.11 5.79
N THR A 86 -0.06 8.22 5.30
CA THR A 86 0.28 9.56 5.74
C THR A 86 0.11 9.68 7.26
N GLU A 87 -0.87 8.99 7.84
CA GLU A 87 -1.15 9.03 9.25
C GLU A 87 0.04 8.56 10.08
N ASN A 88 0.65 7.42 9.76
CA ASN A 88 1.76 6.92 10.54
C ASN A 88 3.07 7.51 9.99
N GLN A 89 2.97 8.25 8.88
CA GLN A 89 3.99 8.97 8.12
C GLN A 89 4.84 8.01 7.28
N LEU A 90 4.24 6.89 6.87
CA LEU A 90 4.80 5.82 6.09
C LEU A 90 5.22 6.31 4.72
N ASN A 91 6.41 5.91 4.32
CA ASN A 91 6.97 6.12 3.00
C ASN A 91 6.07 5.42 1.98
N ILE A 92 5.38 6.14 1.10
CA ILE A 92 4.64 5.52 0.01
C ILE A 92 5.71 5.22 -1.04
N LEU A 93 5.98 3.95 -1.29
CA LEU A 93 6.73 3.51 -2.45
C LEU A 93 5.73 3.22 -3.57
N ASP A 94 6.24 3.26 -4.79
CA ASP A 94 5.53 2.88 -6.00
C ASP A 94 5.75 1.39 -6.30
N ALA A 95 5.23 0.95 -7.46
CA ALA A 95 5.31 -0.42 -7.96
C ALA A 95 6.74 -0.88 -8.31
N GLU A 96 7.76 -0.05 -8.09
CA GLU A 96 9.16 -0.41 -8.26
C GLU A 96 9.97 -0.20 -6.98
N GLY A 97 9.50 0.61 -6.03
CA GLY A 97 10.20 0.95 -4.82
C GLY A 97 10.81 2.36 -4.81
N ASN A 98 10.38 3.25 -5.71
CA ASN A 98 10.71 4.68 -5.62
C ASN A 98 9.70 5.34 -4.68
N SER A 99 10.11 6.26 -3.80
CA SER A 99 9.16 6.99 -2.94
C SER A 99 8.37 8.03 -3.75
N ILE A 100 7.05 8.13 -3.51
CA ILE A 100 6.09 9.03 -4.18
C ILE A 100 5.14 9.68 -3.14
N ASP A 101 4.36 10.65 -3.62
CA ASP A 101 3.28 11.34 -2.92
C ASP A 101 1.96 10.59 -3.17
N ALA A 102 0.97 10.79 -2.31
CA ALA A 102 -0.35 10.16 -2.44
C ALA A 102 -1.21 10.77 -3.55
N ALA A 103 -0.98 12.03 -3.93
CA ALA A 103 -1.72 12.67 -5.03
C ALA A 103 -1.56 11.85 -6.30
N GLN A 104 -0.31 11.51 -6.59
CA GLN A 104 0.18 10.79 -7.76
C GLN A 104 -0.31 9.35 -7.80
N VAL A 105 -1.19 8.94 -6.87
CA VAL A 105 -1.84 7.65 -6.80
C VAL A 105 -3.35 7.82 -6.95
N THR A 106 -3.98 8.70 -6.17
CA THR A 106 -5.45 8.77 -6.17
C THR A 106 -6.02 9.53 -7.38
N GLU A 107 -5.17 10.18 -8.18
CA GLU A 107 -5.56 10.91 -9.39
C GLU A 107 -5.67 10.01 -10.63
N ILE A 108 -5.36 8.73 -10.47
CA ILE A 108 -5.07 7.80 -11.53
C ILE A 108 -6.40 7.22 -11.98
N GLY A 1 -7.64 17.33 -9.10
CA GLY A 1 -6.66 16.69 -10.01
C GLY A 1 -5.62 17.70 -10.46
N MET A 2 -4.39 17.59 -9.96
CA MET A 2 -3.20 18.35 -10.35
C MET A 2 -2.01 17.45 -9.98
N GLY A 3 -1.09 17.21 -10.90
CA GLY A 3 0.05 16.32 -10.71
C GLY A 3 -0.01 15.16 -11.69
N THR A 4 -0.01 15.49 -12.98
CA THR A 4 -0.23 14.57 -14.08
C THR A 4 0.99 14.52 -15.01
N THR A 5 2.18 14.67 -14.44
CA THR A 5 3.46 14.60 -15.15
C THR A 5 4.44 13.64 -14.45
N GLU A 6 3.97 12.86 -13.46
CA GLU A 6 4.70 11.78 -12.82
C GLU A 6 3.86 10.50 -12.93
N LYS A 7 4.08 9.74 -14.00
CA LYS A 7 3.63 8.35 -14.15
C LYS A 7 4.70 7.58 -14.90
N SER A 8 4.72 6.27 -14.71
CA SER A 8 5.52 5.36 -15.54
C SER A 8 4.66 4.17 -16.01
N GLY A 9 3.33 4.33 -16.04
CA GLY A 9 2.43 3.21 -16.29
C GLY A 9 2.60 2.18 -15.19
N ILE A 10 2.74 2.67 -13.96
CA ILE A 10 2.89 1.87 -12.76
C ILE A 10 1.48 1.42 -12.37
N LYS A 11 1.42 0.27 -11.71
CA LYS A 11 0.18 -0.36 -11.32
C LYS A 11 0.27 -1.02 -9.95
N GLU A 12 1.30 -0.71 -9.14
CA GLU A 12 1.34 -1.24 -7.78
C GLU A 12 2.26 -0.40 -6.90
N ILE A 13 1.67 0.39 -6.01
CA ILE A 13 2.39 1.26 -5.07
C ILE A 13 2.90 0.42 -3.89
N ILE A 14 3.77 0.97 -3.02
CA ILE A 14 4.36 0.24 -1.90
C ILE A 14 4.41 1.14 -0.66
N ILE A 15 3.45 1.02 0.25
CA ILE A 15 3.55 1.62 1.58
C ILE A 15 4.75 0.98 2.30
N GLN A 16 5.80 1.73 2.60
CA GLN A 16 6.94 1.24 3.34
C GLN A 16 6.54 0.96 4.79
N GLY A 17 7.31 0.12 5.48
CA GLY A 17 7.19 -0.06 6.93
C GLY A 17 8.15 0.83 7.71
N LEU A 18 8.92 1.67 7.01
CA LEU A 18 9.74 2.72 7.59
C LEU A 18 8.89 3.97 7.58
N THR A 19 9.08 4.79 8.62
CA THR A 19 8.49 6.11 8.66
C THR A 19 9.28 7.02 7.71
N ARG A 20 8.78 8.24 7.52
CA ARG A 20 9.52 9.36 6.91
C ARG A 20 10.91 9.59 7.52
N ALA A 21 11.11 9.21 8.79
CA ALA A 21 12.39 9.34 9.47
C ALA A 21 13.37 8.20 9.10
N GLY A 22 12.92 7.19 8.35
CA GLY A 22 13.71 6.02 8.04
C GLY A 22 13.83 5.07 9.22
N LYS A 23 12.93 5.12 10.21
CA LYS A 23 12.90 4.18 11.33
C LYS A 23 11.69 3.27 11.18
N PRO A 24 11.75 1.98 11.58
CA PRO A 24 10.66 1.05 11.36
C PRO A 24 9.48 1.34 12.29
N PHE A 25 8.29 1.35 11.71
CA PHE A 25 7.03 1.46 12.42
C PHE A 25 6.77 0.15 13.16
N ARG A 26 5.93 0.18 14.21
CA ARG A 26 5.47 -1.03 14.89
C ARG A 26 3.94 -0.93 15.01
N PRO A 27 3.22 -2.07 15.07
CA PRO A 27 3.79 -3.40 15.15
C PRO A 27 4.38 -3.82 13.81
N SER A 28 5.37 -4.71 13.81
CA SER A 28 5.86 -5.31 12.58
C SER A 28 4.78 -6.16 11.91
N ASP A 29 3.73 -6.52 12.66
CA ASP A 29 2.55 -7.24 12.19
C ASP A 29 1.63 -6.37 11.34
N TRP A 30 1.85 -5.04 11.27
CA TRP A 30 0.90 -4.11 10.66
C TRP A 30 0.48 -4.59 9.27
N VAL A 31 1.46 -5.00 8.47
CA VAL A 31 1.39 -5.54 7.11
C VAL A 31 0.40 -6.71 7.01
N ASP A 32 0.46 -7.62 7.97
CA ASP A 32 -0.27 -8.88 7.95
C ASP A 32 -1.69 -8.66 8.46
N ARG A 33 -1.85 -7.68 9.35
CA ARG A 33 -3.16 -7.18 9.74
C ARG A 33 -3.82 -6.50 8.55
N MET A 34 -3.12 -5.63 7.80
CA MET A 34 -3.66 -4.96 6.61
C MET A 34 -4.23 -6.01 5.66
N CYS A 35 -3.43 -7.00 5.23
CA CYS A 35 -3.91 -7.99 4.27
C CYS A 35 -5.12 -8.77 4.81
N SER A 36 -5.12 -9.12 6.10
CA SER A 36 -6.24 -9.80 6.75
C SER A 36 -7.52 -8.94 6.82
N THR A 37 -7.37 -7.62 6.87
CA THR A 37 -8.49 -6.67 6.95
C THR A 37 -9.10 -6.46 5.55
N TYR A 38 -8.50 -7.05 4.51
CA TYR A 38 -8.86 -6.90 3.11
C TYR A 38 -9.15 -8.26 2.48
N ALA A 39 -9.57 -9.22 3.30
CA ALA A 39 -9.66 -10.62 2.93
C ALA A 39 -10.92 -11.25 3.51
N SER A 40 -11.22 -12.47 3.08
CA SER A 40 -12.27 -13.26 3.71
C SER A 40 -12.02 -14.73 3.48
N PHE A 41 -12.79 -15.54 4.18
CA PHE A 41 -12.78 -16.98 4.04
C PHE A 41 -13.45 -17.34 2.71
N GLY A 42 -12.84 -18.28 1.98
CA GLY A 42 -13.35 -18.80 0.72
C GLY A 42 -14.60 -19.64 0.91
N ALA A 43 -15.13 -20.18 -0.20
CA ALA A 43 -16.23 -21.12 -0.19
C ALA A 43 -15.93 -22.34 0.69
N ASP A 44 -14.66 -22.76 0.73
CA ASP A 44 -14.16 -23.85 1.56
C ASP A 44 -13.81 -23.43 2.99
N ARG A 45 -14.32 -22.28 3.44
CA ARG A 45 -14.08 -21.63 4.73
C ARG A 45 -12.60 -21.62 5.12
N LYS A 46 -11.77 -20.92 4.35
CA LYS A 46 -10.37 -20.70 4.72
C LYS A 46 -9.93 -19.36 4.21
N LEU A 47 -9.17 -18.64 5.04
CA LEU A 47 -8.86 -17.24 4.79
C LEU A 47 -8.10 -17.15 3.48
N ARG A 48 -8.46 -16.22 2.61
CA ARG A 48 -7.79 -15.95 1.35
C ARG A 48 -7.55 -14.46 1.24
N TYR A 49 -6.31 -14.03 1.45
CA TYR A 49 -5.92 -12.66 1.10
C TYR A 49 -6.16 -12.44 -0.40
N SER A 50 -6.50 -11.23 -0.80
CA SER A 50 -6.54 -10.82 -2.21
C SER A 50 -5.15 -10.87 -2.84
N PRO A 51 -5.04 -10.86 -4.18
CA PRO A 51 -3.77 -10.66 -4.86
C PRO A 51 -3.34 -9.18 -4.79
N TYR A 52 -4.27 -8.26 -4.50
CA TYR A 52 -4.05 -6.83 -4.62
C TYR A 52 -3.23 -6.24 -3.46
N LEU A 53 -2.73 -7.06 -2.55
CA LEU A 53 -2.20 -6.64 -1.26
C LEU A 53 -1.23 -7.71 -0.81
N LYS A 54 0.08 -7.46 -0.87
CA LYS A 54 1.10 -8.45 -0.54
C LYS A 54 2.30 -7.78 0.16
N PRO A 55 3.02 -8.49 1.03
CA PRO A 55 4.29 -8.01 1.55
C PRO A 55 5.36 -8.04 0.45
N ARG A 56 6.45 -7.32 0.68
CA ARG A 56 7.64 -7.26 -0.18
C ARG A 56 8.88 -7.12 0.74
N VAL A 57 10.06 -6.86 0.19
CA VAL A 57 11.23 -6.51 1.00
C VAL A 57 12.02 -5.39 0.31
N ILE A 58 11.91 -4.15 0.79
CA ILE A 58 12.71 -3.02 0.34
C ILE A 58 13.57 -2.62 1.52
N GLU A 59 14.88 -2.42 1.33
CA GLU A 59 15.81 -1.98 2.40
C GLU A 59 15.75 -2.89 3.65
N GLY A 60 15.24 -4.11 3.53
CA GLY A 60 15.04 -5.06 4.63
C GLY A 60 13.73 -4.91 5.40
N VAL A 61 12.86 -3.96 5.04
CA VAL A 61 11.53 -3.74 5.60
C VAL A 61 10.55 -4.79 5.06
N ARG A 62 9.37 -4.93 5.67
CA ARG A 62 8.29 -5.79 5.16
C ARG A 62 7.41 -5.13 4.12
N CYS A 63 7.44 -3.79 4.08
CA CYS A 63 6.62 -2.96 3.20
C CYS A 63 5.15 -3.42 3.13
N LEU A 64 4.35 -2.97 2.16
CA LEU A 64 3.07 -3.53 1.75
C LEU A 64 2.79 -3.04 0.34
N ALA A 65 2.94 -3.90 -0.67
CA ALA A 65 2.56 -3.62 -2.04
C ALA A 65 1.02 -3.60 -2.14
N VAL A 66 0.45 -2.63 -2.87
CA VAL A 66 -1.00 -2.43 -3.05
C VAL A 66 -1.21 -2.23 -4.55
N ASP A 67 -1.82 -3.21 -5.20
CA ASP A 67 -2.06 -3.26 -6.64
C ASP A 67 -3.09 -2.20 -7.00
N LEU A 68 -2.76 -1.31 -7.93
CA LEU A 68 -3.64 -0.22 -8.37
C LEU A 68 -4.92 -0.74 -9.02
N LYS A 69 -4.97 -2.00 -9.45
CA LYS A 69 -6.19 -2.56 -10.03
C LYS A 69 -7.31 -2.63 -9.00
N LEU A 70 -6.98 -2.70 -7.70
CA LEU A 70 -8.01 -2.54 -6.68
C LEU A 70 -8.75 -1.21 -6.91
N LYS A 71 -8.05 -0.10 -7.14
CA LYS A 71 -8.65 1.23 -7.26
C LYS A 71 -9.70 1.23 -8.41
N ASP A 72 -9.59 0.31 -9.37
CA ASP A 72 -10.51 0.14 -10.49
C ASP A 72 -11.83 -0.50 -10.03
N THR A 73 -11.86 -1.15 -8.88
CA THR A 73 -12.95 -2.00 -8.39
C THR A 73 -13.44 -1.67 -6.97
N ASN A 74 -12.58 -1.36 -5.97
CA ASN A 74 -13.04 -0.90 -4.65
C ASN A 74 -12.16 0.22 -4.08
N PRO A 75 -12.10 1.39 -4.72
CA PRO A 75 -11.09 2.37 -4.35
C PRO A 75 -11.35 2.97 -2.98
N GLU A 76 -12.54 2.79 -2.42
CA GLU A 76 -12.92 3.08 -1.04
C GLU A 76 -11.89 2.54 -0.06
N GLY A 77 -11.45 1.31 -0.29
CA GLY A 77 -10.42 0.70 0.54
C GLY A 77 -9.08 1.40 0.30
N PHE A 78 -8.67 1.52 -0.97
CA PHE A 78 -7.43 2.18 -1.39
C PHE A 78 -7.27 3.55 -0.72
N ASN A 79 -8.33 4.35 -0.82
CA ASN A 79 -8.52 5.66 -0.23
C ASN A 79 -8.11 5.66 1.24
N GLN A 80 -8.79 4.86 2.06
CA GLN A 80 -8.48 4.74 3.49
C GLN A 80 -7.07 4.19 3.74
N LEU A 81 -6.55 3.34 2.85
CA LEU A 81 -5.22 2.74 2.96
C LEU A 81 -4.14 3.81 2.92
N MET A 82 -4.24 4.75 1.98
CA MET A 82 -3.28 5.85 1.87
C MET A 82 -3.29 6.69 3.14
N HIS A 83 -4.47 6.98 3.68
CA HIS A 83 -4.61 7.79 4.88
C HIS A 83 -3.85 7.17 6.05
N PHE A 84 -4.02 5.85 6.28
CA PHE A 84 -3.30 5.13 7.32
C PHE A 84 -1.79 5.29 7.14
N ALA A 85 -1.28 5.23 5.91
CA ALA A 85 0.14 5.34 5.66
C ALA A 85 0.66 6.67 6.19
N THR A 86 0.18 7.79 5.65
CA THR A 86 0.64 9.11 6.06
C THR A 86 0.36 9.33 7.56
N GLU A 87 -0.76 8.88 8.12
CA GLU A 87 -1.07 9.09 9.53
C GLU A 87 0.00 8.47 10.44
N ASN A 88 0.35 7.21 10.16
CA ASN A 88 1.34 6.45 10.92
C ASN A 88 2.75 6.80 10.46
N GLN A 89 2.87 7.88 9.67
CA GLN A 89 4.08 8.50 9.14
C GLN A 89 4.87 7.57 8.23
N LEU A 90 4.25 6.49 7.74
CA LEU A 90 4.85 5.55 6.81
C LEU A 90 5.20 6.30 5.54
N ASN A 91 6.36 5.96 4.97
CA ASN A 91 6.78 6.50 3.69
C ASN A 91 5.95 5.80 2.62
N ILE A 92 5.06 6.51 1.93
CA ILE A 92 4.41 5.98 0.74
C ILE A 92 5.50 5.94 -0.31
N LEU A 93 5.92 4.74 -0.71
CA LEU A 93 6.74 4.53 -1.89
C LEU A 93 5.83 4.04 -3.02
N ASP A 94 6.36 4.01 -4.23
CA ASP A 94 5.75 3.39 -5.40
C ASP A 94 6.53 2.14 -5.77
N ALA A 95 6.29 1.59 -6.96
CA ALA A 95 6.77 0.28 -7.39
C ALA A 95 8.30 0.17 -7.45
N GLU A 96 8.99 1.26 -7.79
CA GLU A 96 10.44 1.37 -7.79
C GLU A 96 11.00 1.57 -6.37
N GLY A 97 10.13 1.75 -5.39
CA GLY A 97 10.51 2.22 -4.07
C GLY A 97 10.93 3.69 -4.11
N ASN A 98 10.39 4.48 -5.03
CA ASN A 98 10.53 5.94 -5.01
C ASN A 98 9.48 6.45 -4.04
N SER A 99 9.85 7.31 -3.10
CA SER A 99 8.93 7.99 -2.20
C SER A 99 8.03 8.94 -2.99
N ILE A 100 6.73 8.92 -2.71
CA ILE A 100 5.71 9.78 -3.29
C ILE A 100 4.73 10.22 -2.19
N ASP A 101 3.83 11.11 -2.57
CA ASP A 101 2.60 11.45 -1.86
C ASP A 101 1.58 10.32 -2.01
N ALA A 102 0.33 10.59 -1.67
CA ALA A 102 -0.80 9.93 -2.31
C ALA A 102 -1.47 10.83 -3.36
N ALA A 103 -1.17 12.13 -3.36
CA ALA A 103 -1.80 13.16 -4.20
C ALA A 103 -1.44 13.03 -5.68
N GLN A 104 -0.52 12.14 -6.04
CA GLN A 104 -0.18 11.78 -7.41
C GLN A 104 -0.68 10.36 -7.74
N VAL A 105 -1.56 9.79 -6.91
CA VAL A 105 -2.15 8.46 -7.10
C VAL A 105 -3.68 8.46 -7.00
N THR A 106 -4.28 9.24 -6.10
CA THR A 106 -5.73 9.16 -5.91
C THR A 106 -6.52 9.97 -6.93
N GLU A 107 -5.88 10.96 -7.55
CA GLU A 107 -6.51 12.10 -8.24
C GLU A 107 -5.94 12.28 -9.65
N ILE A 108 -5.36 11.21 -10.21
CA ILE A 108 -4.78 11.20 -11.54
C ILE A 108 -5.84 11.62 -12.55
N GLY A 1 7.03 16.85 -7.95
CA GLY A 1 6.39 18.16 -7.80
C GLY A 1 7.20 19.24 -8.48
N MET A 2 6.54 20.22 -9.12
CA MET A 2 7.14 21.22 -10.00
C MET A 2 8.17 20.59 -10.94
N GLY A 3 7.69 19.59 -11.69
CA GLY A 3 8.46 18.47 -12.20
C GLY A 3 7.83 17.19 -11.66
N THR A 4 8.16 16.02 -12.19
CA THR A 4 7.95 14.72 -11.53
C THR A 4 6.56 14.59 -10.88
N THR A 5 5.49 14.80 -11.66
CA THR A 5 4.09 14.64 -11.24
C THR A 5 3.22 14.16 -12.42
N GLU A 6 3.84 13.66 -13.50
CA GLU A 6 3.15 13.39 -14.77
C GLU A 6 2.58 11.97 -14.79
N LYS A 7 1.48 11.75 -15.54
CA LYS A 7 0.82 10.45 -15.66
C LYS A 7 1.82 9.38 -16.11
N SER A 8 2.05 8.36 -15.29
CA SER A 8 2.79 7.16 -15.67
C SER A 8 1.88 5.93 -15.50
N GLY A 9 2.41 4.75 -15.84
CA GLY A 9 1.70 3.48 -15.95
C GLY A 9 1.73 2.66 -14.67
N ILE A 10 1.85 3.31 -13.51
CA ILE A 10 1.87 2.67 -12.20
C ILE A 10 0.53 1.97 -11.99
N LYS A 11 0.55 0.66 -11.78
CA LYS A 11 -0.64 -0.14 -11.46
C LYS A 11 -0.45 -0.94 -10.18
N GLU A 12 0.46 -0.50 -9.32
CA GLU A 12 0.66 -1.04 -7.98
C GLU A 12 1.42 0.04 -7.21
N ILE A 13 1.02 0.36 -5.99
CA ILE A 13 1.75 1.27 -5.11
C ILE A 13 2.43 0.45 -4.01
N ILE A 14 3.29 1.04 -3.18
CA ILE A 14 4.05 0.28 -2.19
C ILE A 14 4.12 1.09 -0.89
N ILE A 15 3.34 0.70 0.11
CA ILE A 15 3.34 1.32 1.42
C ILE A 15 4.66 0.90 2.08
N GLN A 16 5.60 1.82 2.31
CA GLN A 16 6.79 1.50 3.07
C GLN A 16 6.41 1.31 4.54
N GLY A 17 7.18 0.50 5.27
CA GLY A 17 6.99 0.33 6.71
C GLY A 17 7.89 1.26 7.52
N LEU A 18 8.64 2.13 6.85
CA LEU A 18 9.41 3.19 7.47
C LEU A 18 8.48 4.39 7.61
N THR A 19 8.62 5.11 8.72
CA THR A 19 7.98 6.39 8.90
C THR A 19 8.77 7.44 8.11
N ARG A 20 8.20 8.65 7.96
CA ARG A 20 8.88 9.81 7.39
C ARG A 20 10.12 10.25 8.18
N ALA A 21 10.22 9.80 9.42
CA ALA A 21 11.40 10.00 10.25
C ALA A 21 12.56 9.07 9.84
N GLY A 22 12.32 8.05 9.01
CA GLY A 22 13.33 7.08 8.63
C GLY A 22 13.59 6.02 9.71
N LYS A 23 12.59 5.76 10.56
CA LYS A 23 12.59 4.73 11.58
C LYS A 23 11.49 3.72 11.24
N PRO A 24 11.56 2.46 11.69
CA PRO A 24 10.51 1.51 11.40
C PRO A 24 9.26 1.82 12.25
N PHE A 25 8.10 1.60 11.66
CA PHE A 25 6.81 1.54 12.33
C PHE A 25 6.65 0.18 13.02
N ARG A 26 5.73 0.08 13.99
CA ARG A 26 5.25 -1.16 14.63
C ARG A 26 3.73 -1.18 14.43
N PRO A 27 3.04 -2.33 14.52
CA PRO A 27 3.62 -3.63 14.80
C PRO A 27 4.50 -4.10 13.65
N SER A 28 5.50 -4.92 13.93
CA SER A 28 6.33 -5.52 12.88
C SER A 28 5.48 -6.46 12.02
N ASP A 29 4.40 -7.02 12.57
CA ASP A 29 3.44 -7.86 11.87
C ASP A 29 2.38 -7.04 11.10
N TRP A 30 2.50 -5.70 10.98
CA TRP A 30 1.51 -4.85 10.30
C TRP A 30 1.25 -5.29 8.86
N VAL A 31 2.28 -5.79 8.17
CA VAL A 31 2.18 -6.17 6.77
C VAL A 31 1.31 -7.41 6.57
N ASP A 32 1.06 -8.20 7.60
CA ASP A 32 0.09 -9.29 7.53
C ASP A 32 -1.29 -8.84 8.00
N ARG A 33 -1.37 -7.76 8.78
CA ARG A 33 -2.67 -7.27 9.23
C ARG A 33 -3.45 -6.80 8.03
N MET A 34 -2.84 -5.91 7.24
CA MET A 34 -3.50 -5.25 6.13
C MET A 34 -4.11 -6.25 5.14
N CYS A 35 -3.38 -7.33 4.81
CA CYS A 35 -3.85 -8.30 3.84
C CYS A 35 -5.08 -9.05 4.33
N SER A 36 -5.25 -9.19 5.65
CA SER A 36 -6.41 -9.71 6.35
C SER A 36 -7.55 -8.69 6.41
N THR A 37 -7.22 -7.40 6.57
CA THR A 37 -8.19 -6.31 6.64
C THR A 37 -8.99 -6.18 5.33
N TYR A 38 -8.46 -6.68 4.21
CA TYR A 38 -9.12 -6.72 2.91
C TYR A 38 -9.11 -8.15 2.38
N ALA A 39 -9.43 -9.11 3.25
CA ALA A 39 -9.55 -10.52 2.92
C ALA A 39 -11.01 -10.98 2.94
N SER A 40 -11.21 -12.27 2.72
CA SER A 40 -12.48 -12.98 2.88
C SER A 40 -12.17 -14.45 3.18
N PHE A 41 -13.11 -15.16 3.81
CA PHE A 41 -13.03 -16.60 3.94
C PHE A 41 -13.06 -17.22 2.56
N GLY A 42 -12.22 -18.23 2.36
CA GLY A 42 -12.27 -19.11 1.22
C GLY A 42 -13.31 -20.21 1.46
N ALA A 43 -13.53 -21.04 0.44
CA ALA A 43 -14.54 -22.09 0.47
C ALA A 43 -14.35 -23.07 1.62
N ASP A 44 -13.11 -23.26 2.10
CA ASP A 44 -12.79 -24.22 3.16
C ASP A 44 -13.09 -23.69 4.57
N ARG A 45 -13.68 -22.49 4.68
CA ARG A 45 -13.79 -21.70 5.91
C ARG A 45 -12.44 -21.51 6.59
N LYS A 46 -11.59 -20.75 5.91
CA LYS A 46 -10.33 -20.21 6.41
C LYS A 46 -10.20 -18.86 5.75
N LEU A 47 -9.71 -17.86 6.49
CA LEU A 47 -9.45 -16.56 5.90
C LEU A 47 -8.41 -16.75 4.79
N ARG A 48 -8.65 -16.13 3.64
CA ARG A 48 -7.78 -16.16 2.47
C ARG A 48 -7.50 -14.72 2.09
N TYR A 49 -6.22 -14.33 2.12
CA TYR A 49 -5.82 -13.02 1.63
C TYR A 49 -6.26 -12.87 0.17
N SER A 50 -6.47 -11.62 -0.23
CA SER A 50 -6.72 -11.26 -1.62
C SER A 50 -5.37 -11.12 -2.33
N PRO A 51 -5.32 -11.24 -3.66
CA PRO A 51 -4.07 -11.16 -4.42
C PRO A 51 -3.52 -9.74 -4.48
N TYR A 52 -4.37 -8.74 -4.23
CA TYR A 52 -4.07 -7.34 -4.47
C TYR A 52 -3.14 -6.73 -3.40
N LEU A 53 -2.63 -7.53 -2.45
CA LEU A 53 -2.07 -7.02 -1.21
C LEU A 53 -0.97 -7.97 -0.75
N LYS A 54 0.29 -7.68 -1.08
CA LYS A 54 1.41 -8.60 -0.88
C LYS A 54 2.67 -7.92 -0.35
N PRO A 55 3.44 -8.61 0.52
CA PRO A 55 4.67 -8.07 1.09
C PRO A 55 5.79 -7.96 0.05
N ARG A 56 6.85 -7.23 0.38
CA ARG A 56 8.11 -7.18 -0.36
C ARG A 56 9.26 -7.31 0.63
N VAL A 57 10.48 -6.97 0.21
CA VAL A 57 11.54 -6.48 1.08
C VAL A 57 12.21 -5.36 0.30
N ILE A 58 12.29 -4.16 0.87
CA ILE A 58 12.92 -3.00 0.26
C ILE A 58 13.86 -2.45 1.34
N GLU A 59 15.17 -2.40 1.09
CA GLU A 59 16.14 -1.90 2.08
C GLU A 59 16.06 -2.65 3.43
N GLY A 60 15.52 -3.87 3.43
CA GLY A 60 15.29 -4.65 4.64
C GLY A 60 13.97 -4.34 5.35
N VAL A 61 13.21 -3.31 4.97
CA VAL A 61 11.85 -3.09 5.49
C VAL A 61 10.96 -4.23 4.97
N ARG A 62 9.77 -4.39 5.55
CA ARG A 62 8.77 -5.31 5.01
C ARG A 62 8.18 -4.72 3.72
N CYS A 63 7.64 -3.50 3.75
CA CYS A 63 6.85 -2.92 2.67
C CYS A 63 5.59 -3.75 2.37
N LEU A 64 4.64 -3.13 1.68
CA LEU A 64 3.38 -3.75 1.28
C LEU A 64 3.00 -3.20 -0.09
N ALA A 65 3.08 -4.03 -1.13
CA ALA A 65 2.59 -3.72 -2.47
C ALA A 65 1.06 -3.84 -2.50
N VAL A 66 0.40 -2.95 -3.23
CA VAL A 66 -1.04 -2.84 -3.30
C VAL A 66 -1.44 -2.65 -4.77
N ASP A 67 -1.96 -3.71 -5.41
CA ASP A 67 -2.37 -3.76 -6.82
C ASP A 67 -3.53 -2.78 -7.05
N LEU A 68 -3.41 -1.91 -8.05
CA LEU A 68 -4.40 -0.88 -8.34
C LEU A 68 -5.73 -1.42 -8.90
N LYS A 69 -5.80 -2.71 -9.22
CA LYS A 69 -7.05 -3.38 -9.59
C LYS A 69 -8.04 -3.36 -8.43
N LEU A 70 -7.59 -3.32 -7.17
CA LEU A 70 -8.53 -3.22 -6.05
C LEU A 70 -9.32 -1.89 -6.12
N LYS A 71 -8.75 -0.78 -6.59
CA LYS A 71 -9.43 0.52 -6.69
C LYS A 71 -10.60 0.48 -7.67
N ASP A 72 -10.49 -0.32 -8.72
CA ASP A 72 -11.53 -0.53 -9.73
C ASP A 72 -12.76 -1.19 -9.10
N THR A 73 -12.52 -2.22 -8.29
CA THR A 73 -13.57 -3.04 -7.70
C THR A 73 -14.08 -2.47 -6.37
N ASN A 74 -13.21 -2.04 -5.46
CA ASN A 74 -13.53 -1.49 -4.15
C ASN A 74 -12.67 -0.24 -3.88
N PRO A 75 -13.03 0.92 -4.46
CA PRO A 75 -12.26 2.15 -4.29
C PRO A 75 -12.23 2.65 -2.86
N GLU A 76 -13.34 2.55 -2.14
CA GLU A 76 -13.54 3.12 -0.81
C GLU A 76 -12.48 2.61 0.17
N GLY A 77 -12.16 1.33 0.05
CA GLY A 77 -11.16 0.68 0.87
C GLY A 77 -9.74 0.98 0.42
N PHE A 78 -9.50 1.22 -0.87
CA PHE A 78 -8.20 1.68 -1.36
C PHE A 78 -7.91 3.05 -0.79
N ASN A 79 -8.89 3.91 -0.91
CA ASN A 79 -8.93 5.27 -0.39
C ASN A 79 -8.60 5.26 1.10
N GLN A 80 -9.23 4.37 1.89
CA GLN A 80 -8.87 4.17 3.29
C GLN A 80 -7.41 3.74 3.48
N LEU A 81 -6.90 2.84 2.63
CA LEU A 81 -5.52 2.34 2.70
C LEU A 81 -4.53 3.51 2.57
N MET A 82 -4.82 4.41 1.63
CA MET A 82 -4.01 5.60 1.38
C MET A 82 -3.92 6.44 2.65
N HIS A 83 -5.07 6.79 3.23
CA HIS A 83 -5.11 7.66 4.40
C HIS A 83 -4.45 7.01 5.60
N PHE A 84 -4.61 5.69 5.78
CA PHE A 84 -4.00 4.93 6.85
C PHE A 84 -2.48 5.12 6.87
N ALA A 85 -1.84 5.02 5.69
CA ALA A 85 -0.40 5.20 5.58
C ALA A 85 -0.03 6.59 6.07
N THR A 86 -0.68 7.60 5.50
CA THR A 86 -0.45 9.01 5.77
C THR A 86 -0.63 9.32 7.28
N GLU A 87 -1.68 8.78 7.91
CA GLU A 87 -1.99 9.04 9.31
C GLU A 87 -0.88 8.52 10.21
N ASN A 88 -0.32 7.36 9.86
CA ASN A 88 0.77 6.71 10.59
C ASN A 88 2.14 7.17 10.09
N GLN A 89 2.16 8.23 9.27
CA GLN A 89 3.33 8.86 8.68
C GLN A 89 4.23 7.87 7.94
N LEU A 90 3.65 6.79 7.40
CA LEU A 90 4.36 5.85 6.56
C LEU A 90 4.71 6.53 5.24
N ASN A 91 5.85 6.15 4.68
CA ASN A 91 6.24 6.66 3.36
C ASN A 91 5.45 5.92 2.29
N ILE A 92 4.67 6.64 1.50
CA ILE A 92 3.98 6.13 0.33
C ILE A 92 5.03 6.11 -0.77
N LEU A 93 5.57 4.92 -1.07
CA LEU A 93 6.39 4.74 -2.26
C LEU A 93 5.50 4.30 -3.42
N ASP A 94 5.99 4.43 -4.64
CA ASP A 94 5.37 3.94 -5.85
C ASP A 94 5.89 2.53 -6.18
N ALA A 95 5.55 2.04 -7.38
CA ALA A 95 6.00 0.75 -7.89
C ALA A 95 7.51 0.65 -7.96
N GLU A 96 8.22 1.74 -8.27
CA GLU A 96 9.67 1.75 -8.30
C GLU A 96 10.23 1.77 -6.89
N GLY A 97 9.62 2.49 -5.95
CA GLY A 97 10.21 2.79 -4.65
C GLY A 97 10.63 4.25 -4.51
N ASN A 98 10.06 5.15 -5.32
CA ASN A 98 10.16 6.58 -5.15
C ASN A 98 9.08 7.03 -4.17
N SER A 99 9.44 7.83 -3.18
CA SER A 99 8.51 8.46 -2.25
C SER A 99 7.62 9.47 -2.98
N ILE A 100 6.30 9.26 -2.94
CA ILE A 100 5.27 10.06 -3.60
C ILE A 100 4.21 10.50 -2.56
N ASP A 101 3.08 11.01 -3.03
CA ASP A 101 1.93 11.41 -2.23
C ASP A 101 0.73 10.61 -2.68
N ALA A 102 -0.28 10.52 -1.82
CA ALA A 102 -1.54 9.85 -2.12
C ALA A 102 -2.29 10.57 -3.26
N ALA A 103 -2.09 11.88 -3.38
CA ALA A 103 -2.62 12.70 -4.46
C ALA A 103 -2.04 12.33 -5.83
N GLN A 104 -0.90 11.64 -5.88
CA GLN A 104 -0.31 11.13 -7.12
C GLN A 104 -0.82 9.72 -7.45
N VAL A 105 -1.84 9.24 -6.72
CA VAL A 105 -2.45 7.94 -6.90
C VAL A 105 -3.96 8.10 -7.07
N THR A 106 -4.62 8.93 -6.27
CA THR A 106 -6.08 8.92 -6.15
C THR A 106 -6.81 9.63 -7.30
N GLU A 107 -6.09 10.22 -8.26
CA GLU A 107 -6.65 11.08 -9.31
C GLU A 107 -6.27 10.59 -10.71
N ILE A 108 -5.85 9.33 -10.83
CA ILE A 108 -5.65 8.65 -12.11
C ILE A 108 -7.01 8.50 -12.79
N GLY A 1 8.87 10.86 -16.76
CA GLY A 1 9.70 10.90 -17.96
C GLY A 1 8.94 11.58 -19.09
N MET A 2 9.52 12.63 -19.67
CA MET A 2 8.93 13.50 -20.69
C MET A 2 7.47 13.89 -20.38
N GLY A 3 7.18 14.14 -19.10
CA GLY A 3 5.85 14.41 -18.61
C GLY A 3 5.54 15.89 -18.76
N THR A 4 4.64 16.38 -17.89
CA THR A 4 4.30 17.79 -17.81
C THR A 4 4.28 18.27 -16.37
N THR A 5 3.64 17.51 -15.49
CA THR A 5 3.41 17.89 -14.09
C THR A 5 3.60 16.67 -13.20
N GLU A 6 4.68 15.91 -13.40
CA GLU A 6 5.02 14.70 -12.64
C GLU A 6 3.81 13.79 -12.45
N LYS A 7 3.43 13.13 -13.55
CA LYS A 7 2.50 12.02 -13.55
C LYS A 7 3.21 10.83 -14.17
N SER A 8 2.59 9.67 -14.06
CA SER A 8 3.01 8.44 -14.69
C SER A 8 1.75 7.67 -15.04
N GLY A 9 1.84 6.35 -15.15
CA GLY A 9 0.70 5.46 -15.34
C GLY A 9 0.87 4.22 -14.48
N ILE A 10 1.38 4.39 -13.25
CA ILE A 10 1.66 3.32 -12.30
C ILE A 10 0.34 2.68 -11.87
N LYS A 11 0.38 1.37 -11.61
CA LYS A 11 -0.79 0.57 -11.24
C LYS A 11 -0.60 -0.24 -9.96
N GLU A 12 0.40 0.07 -9.15
CA GLU A 12 0.55 -0.50 -7.81
C GLU A 12 1.23 0.55 -6.92
N ILE A 13 0.93 0.52 -5.62
CA ILE A 13 1.61 1.30 -4.60
C ILE A 13 1.96 0.40 -3.42
N ILE A 14 2.79 0.89 -2.51
CA ILE A 14 3.57 0.13 -1.55
C ILE A 14 3.77 1.09 -0.39
N ILE A 15 2.88 1.00 0.59
CA ILE A 15 2.99 1.77 1.81
C ILE A 15 4.18 1.18 2.58
N GLN A 16 5.22 1.97 2.81
CA GLN A 16 6.34 1.54 3.64
C GLN A 16 5.89 1.32 5.09
N GLY A 17 6.68 0.59 5.87
CA GLY A 17 6.45 0.45 7.32
C GLY A 17 7.54 1.14 8.13
N LEU A 18 8.23 2.12 7.56
CA LEU A 18 9.08 3.08 8.22
C LEU A 18 8.27 4.35 8.22
N THR A 19 8.26 5.09 9.33
CA THR A 19 7.76 6.44 9.28
C THR A 19 8.77 7.31 8.52
N ARG A 20 8.33 8.48 8.09
CA ARG A 20 9.14 9.55 7.53
C ARG A 20 10.36 9.94 8.37
N ALA A 21 10.35 9.59 9.67
CA ALA A 21 11.44 9.82 10.59
C ALA A 21 12.58 8.81 10.44
N GLY A 22 12.42 7.80 9.58
CA GLY A 22 13.39 6.73 9.42
C GLY A 22 13.31 5.67 10.51
N LYS A 23 12.29 5.70 11.39
CA LYS A 23 12.09 4.64 12.39
C LYS A 23 11.08 3.64 11.84
N PRO A 24 11.23 2.34 12.13
CA PRO A 24 10.25 1.32 11.78
C PRO A 24 9.02 1.43 12.68
N PHE A 25 7.85 1.17 12.11
CA PHE A 25 6.57 1.24 12.79
C PHE A 25 6.22 -0.15 13.34
N ARG A 26 5.39 -0.19 14.40
CA ARG A 26 4.87 -1.42 14.99
C ARG A 26 3.33 -1.37 15.02
N PRO A 27 2.64 -2.52 15.16
CA PRO A 27 3.22 -3.85 15.15
C PRO A 27 3.78 -4.14 13.75
N SER A 28 4.87 -4.89 13.65
CA SER A 28 5.52 -5.18 12.36
C SER A 28 4.52 -5.90 11.43
N ASP A 29 3.62 -6.66 12.05
CA ASP A 29 2.57 -7.50 11.51
C ASP A 29 1.44 -6.71 10.83
N TRP A 30 1.47 -5.37 10.85
CA TRP A 30 0.41 -4.54 10.30
C TRP A 30 0.08 -4.90 8.84
N VAL A 31 1.10 -5.36 8.11
CA VAL A 31 1.03 -5.78 6.71
C VAL A 31 0.12 -6.99 6.55
N ASP A 32 0.25 -8.00 7.42
CA ASP A 32 -0.57 -9.21 7.35
C ASP A 32 -1.96 -8.94 7.95
N ARG A 33 -2.07 -7.96 8.85
CA ARG A 33 -3.38 -7.51 9.32
C ARG A 33 -4.14 -6.87 8.17
N MET A 34 -3.50 -6.01 7.37
CA MET A 34 -4.15 -5.35 6.24
C MET A 34 -4.66 -6.37 5.22
N CYS A 35 -3.83 -7.33 4.77
CA CYS A 35 -4.33 -8.29 3.78
C CYS A 35 -5.52 -9.07 4.33
N SER A 36 -5.50 -9.48 5.60
CA SER A 36 -6.61 -10.19 6.21
C SER A 36 -7.89 -9.34 6.29
N THR A 37 -7.77 -8.01 6.34
CA THR A 37 -8.89 -7.08 6.36
C THR A 37 -9.63 -7.14 5.01
N TYR A 38 -8.89 -7.36 3.92
CA TYR A 38 -9.40 -7.47 2.58
C TYR A 38 -9.12 -8.90 2.10
N ALA A 39 -9.74 -9.83 2.81
CA ALA A 39 -9.76 -11.25 2.51
C ALA A 39 -11.16 -11.82 2.77
N SER A 40 -11.38 -13.09 2.39
CA SER A 40 -12.51 -13.95 2.73
C SER A 40 -12.07 -15.39 2.58
N PHE A 41 -12.90 -16.33 3.03
CA PHE A 41 -12.57 -17.75 3.01
C PHE A 41 -12.64 -18.30 1.59
N GLY A 42 -11.79 -19.29 1.32
CA GLY A 42 -11.89 -20.21 0.20
C GLY A 42 -12.53 -21.52 0.68
N ALA A 43 -12.69 -22.48 -0.23
CA ALA A 43 -13.39 -23.73 0.03
C ALA A 43 -12.73 -24.58 1.13
N ASP A 44 -11.42 -24.43 1.36
CA ASP A 44 -10.66 -25.15 2.39
C ASP A 44 -10.95 -24.62 3.81
N ARG A 45 -11.89 -23.66 3.95
CA ARG A 45 -12.18 -22.95 5.20
C ARG A 45 -10.93 -22.33 5.81
N LYS A 46 -9.95 -21.96 4.98
CA LYS A 46 -8.94 -20.97 5.33
C LYS A 46 -9.30 -19.67 4.62
N LEU A 47 -8.84 -18.57 5.21
CA LEU A 47 -8.82 -17.25 4.58
C LEU A 47 -8.01 -17.34 3.27
N ARG A 48 -8.32 -16.46 2.32
CA ARG A 48 -7.55 -16.22 1.12
C ARG A 48 -7.56 -14.70 0.95
N TYR A 49 -6.37 -14.12 1.03
CA TYR A 49 -6.14 -12.70 0.79
C TYR A 49 -6.56 -12.36 -0.64
N SER A 50 -7.17 -11.20 -0.85
CA SER A 50 -7.33 -10.67 -2.19
C SER A 50 -5.96 -10.57 -2.87
N PRO A 51 -5.87 -10.81 -4.19
CA PRO A 51 -4.61 -10.92 -4.90
C PRO A 51 -3.84 -9.58 -4.95
N TYR A 52 -4.55 -8.46 -4.82
CA TYR A 52 -4.03 -7.12 -5.00
C TYR A 52 -3.11 -6.65 -3.87
N LEU A 53 -2.91 -7.43 -2.82
CA LEU A 53 -2.49 -6.94 -1.53
C LEU A 53 -1.44 -7.89 -0.98
N LYS A 54 -0.15 -7.54 -1.07
CA LYS A 54 0.93 -8.47 -0.72
C LYS A 54 2.03 -7.79 0.10
N PRO A 55 2.73 -8.55 0.95
CA PRO A 55 3.92 -8.08 1.64
C PRO A 55 5.07 -7.94 0.64
N ARG A 56 6.15 -7.27 1.03
CA ARG A 56 7.44 -7.24 0.31
C ARG A 56 8.55 -7.36 1.36
N VAL A 57 9.78 -7.03 0.96
CA VAL A 57 10.81 -6.43 1.81
C VAL A 57 11.43 -5.32 0.97
N ILE A 58 11.69 -4.16 1.59
CA ILE A 58 12.38 -3.00 0.99
C ILE A 58 13.35 -2.52 2.07
N GLU A 59 14.67 -2.61 1.86
CA GLU A 59 15.72 -2.19 2.82
C GLU A 59 15.73 -3.00 4.13
N GLY A 60 14.79 -3.92 4.31
CA GLY A 60 14.51 -4.67 5.53
C GLY A 60 13.15 -4.33 6.14
N VAL A 61 12.43 -3.32 5.65
CA VAL A 61 11.09 -3.04 6.10
C VAL A 61 10.18 -4.16 5.60
N ARG A 62 8.98 -4.26 6.14
CA ARG A 62 7.94 -5.15 5.67
C ARG A 62 7.38 -4.63 4.34
N CYS A 63 6.79 -3.43 4.34
CA CYS A 63 6.03 -2.78 3.26
C CYS A 63 4.75 -3.57 2.92
N LEU A 64 3.71 -2.90 2.43
CA LEU A 64 2.44 -3.50 2.04
C LEU A 64 2.01 -2.94 0.68
N ALA A 65 2.08 -3.78 -0.35
CA ALA A 65 1.75 -3.46 -1.74
C ALA A 65 0.23 -3.50 -1.93
N VAL A 66 -0.34 -2.57 -2.69
CA VAL A 66 -1.75 -2.47 -3.05
C VAL A 66 -1.82 -2.15 -4.56
N ASP A 67 -2.23 -3.13 -5.38
CA ASP A 67 -2.48 -2.94 -6.82
C ASP A 67 -3.66 -1.99 -6.99
N LEU A 68 -3.51 -0.98 -7.85
CA LEU A 68 -4.51 0.04 -8.11
C LEU A 68 -5.75 -0.51 -8.83
N LYS A 69 -5.77 -1.75 -9.32
CA LYS A 69 -7.03 -2.40 -9.69
C LYS A 69 -7.94 -2.49 -8.48
N LEU A 70 -7.41 -2.65 -7.27
CA LEU A 70 -8.25 -2.61 -6.09
C LEU A 70 -9.02 -1.30 -6.03
N LYS A 71 -8.43 -0.17 -6.41
CA LYS A 71 -9.15 1.11 -6.45
C LYS A 71 -10.32 1.05 -7.44
N ASP A 72 -10.19 0.35 -8.56
CA ASP A 72 -11.25 0.21 -9.56
C ASP A 72 -12.42 -0.63 -9.06
N THR A 73 -12.17 -1.58 -8.15
CA THR A 73 -13.15 -2.57 -7.67
C THR A 73 -13.49 -2.41 -6.16
N ASN A 74 -12.85 -1.49 -5.45
CA ASN A 74 -13.17 -0.96 -4.12
C ASN A 74 -12.31 0.27 -3.83
N PRO A 75 -12.68 1.46 -4.34
CA PRO A 75 -11.89 2.65 -4.10
C PRO A 75 -11.91 3.08 -2.64
N GLU A 76 -12.97 2.72 -1.90
CA GLU A 76 -13.22 3.12 -0.53
C GLU A 76 -12.17 2.54 0.41
N GLY A 77 -11.93 1.24 0.28
CA GLY A 77 -10.97 0.53 1.11
C GLY A 77 -9.54 0.89 0.74
N PHE A 78 -9.26 1.08 -0.55
CA PHE A 78 -7.99 1.66 -1.01
C PHE A 78 -7.75 3.01 -0.31
N ASN A 79 -8.74 3.90 -0.34
CA ASN A 79 -8.76 5.21 0.31
C ASN A 79 -8.39 5.12 1.80
N GLN A 80 -9.08 4.23 2.52
CA GLN A 80 -8.79 3.93 3.93
C GLN A 80 -7.33 3.53 4.11
N LEU A 81 -6.80 2.69 3.22
CA LEU A 81 -5.43 2.22 3.26
C LEU A 81 -4.44 3.38 3.17
N MET A 82 -4.72 4.35 2.30
CA MET A 82 -3.88 5.54 2.13
C MET A 82 -3.87 6.39 3.41
N HIS A 83 -5.00 6.52 4.11
CA HIS A 83 -5.11 7.32 5.31
C HIS A 83 -4.21 6.78 6.43
N PHE A 84 -4.17 5.45 6.61
CA PHE A 84 -3.24 4.79 7.54
C PHE A 84 -1.80 5.26 7.30
N ALA A 85 -1.41 5.44 6.03
CA ALA A 85 -0.09 5.94 5.68
C ALA A 85 0.13 7.35 6.20
N THR A 86 -0.84 8.24 6.03
CA THR A 86 -0.73 9.59 6.59
C THR A 86 -0.66 9.53 8.11
N GLU A 87 -1.53 8.71 8.73
CA GLU A 87 -1.67 8.61 10.18
C GLU A 87 -0.36 8.24 10.86
N ASN A 88 0.25 7.11 10.45
CA ASN A 88 1.42 6.65 11.16
C ASN A 88 2.66 7.23 10.49
N GLN A 89 2.47 7.97 9.40
CA GLN A 89 3.37 8.87 8.69
C GLN A 89 4.37 8.07 7.90
N LEU A 90 3.94 6.90 7.41
CA LEU A 90 4.78 6.03 6.68
C LEU A 90 5.13 6.63 5.33
N ASN A 91 6.35 6.34 4.90
CA ASN A 91 6.84 6.75 3.60
C ASN A 91 5.95 6.09 2.54
N ILE A 92 5.18 6.84 1.78
CA ILE A 92 4.47 6.28 0.63
C ILE A 92 5.54 6.17 -0.44
N LEU A 93 6.00 4.96 -0.75
CA LEU A 93 6.83 4.77 -1.93
C LEU A 93 5.94 4.76 -3.16
N ASP A 94 6.58 4.62 -4.30
CA ASP A 94 6.02 4.19 -5.58
C ASP A 94 6.45 2.76 -5.88
N ALA A 95 5.99 2.26 -7.02
CA ALA A 95 6.15 0.85 -7.37
C ALA A 95 7.63 0.49 -7.55
N GLU A 96 8.46 1.43 -8.00
CA GLU A 96 9.90 1.26 -8.10
C GLU A 96 10.53 1.30 -6.71
N GLY A 97 10.00 2.18 -5.85
CA GLY A 97 10.39 2.42 -4.47
C GLY A 97 10.84 3.86 -4.24
N ASN A 98 10.58 4.76 -5.19
CA ASN A 98 10.82 6.20 -5.01
C ASN A 98 9.80 6.73 -4.00
N SER A 99 10.18 7.59 -3.06
CA SER A 99 9.24 8.17 -2.09
C SER A 99 8.38 9.23 -2.74
N ILE A 100 7.06 9.14 -2.61
CA ILE A 100 6.09 10.04 -3.25
C ILE A 100 5.07 10.57 -2.24
N ASP A 101 4.30 11.57 -2.68
CA ASP A 101 3.11 12.03 -1.99
C ASP A 101 1.90 11.21 -2.42
N ALA A 102 0.81 11.34 -1.65
CA ALA A 102 -0.43 10.62 -1.90
C ALA A 102 -1.18 11.19 -3.10
N ALA A 103 -1.00 12.47 -3.43
CA ALA A 103 -1.61 13.07 -4.62
C ALA A 103 -1.20 12.29 -5.88
N GLN A 104 0.04 11.81 -5.93
CA GLN A 104 0.52 10.97 -7.01
C GLN A 104 -0.10 9.55 -7.00
N VAL A 105 -1.15 9.30 -6.21
CA VAL A 105 -1.90 8.06 -6.16
C VAL A 105 -3.41 8.29 -6.25
N THR A 106 -3.97 9.25 -5.52
CA THR A 106 -5.42 9.39 -5.35
C THR A 106 -6.00 10.58 -6.14
N GLU A 107 -5.20 11.27 -6.95
CA GLU A 107 -5.62 12.39 -7.81
C GLU A 107 -5.19 12.15 -9.27
N ILE A 108 -5.01 10.90 -9.71
CA ILE A 108 -4.61 10.58 -11.10
C ILE A 108 -5.69 11.06 -12.05
N GLY A 1 14.07 22.80 -4.80
CA GLY A 1 12.95 22.24 -5.55
C GLY A 1 13.46 21.45 -6.75
N MET A 2 12.83 20.30 -6.98
CA MET A 2 13.03 19.43 -8.13
C MET A 2 11.70 18.74 -8.43
N GLY A 3 11.64 17.98 -9.54
CA GLY A 3 10.56 17.04 -9.76
C GLY A 3 10.59 15.98 -8.66
N THR A 4 9.43 15.45 -8.27
CA THR A 4 9.32 14.39 -7.28
C THR A 4 8.31 13.38 -7.83
N THR A 5 8.80 12.46 -8.68
CA THR A 5 8.01 11.48 -9.40
C THR A 5 7.15 12.21 -10.45
N GLU A 6 7.56 12.19 -11.73
CA GLU A 6 6.69 12.70 -12.79
C GLU A 6 5.61 11.66 -13.13
N LYS A 7 4.62 12.06 -13.91
CA LYS A 7 3.53 11.22 -14.42
C LYS A 7 4.06 9.99 -15.15
N SER A 8 3.30 8.90 -15.09
CA SER A 8 3.66 7.58 -15.57
C SER A 8 2.37 6.81 -15.89
N GLY A 9 2.47 5.50 -16.17
CA GLY A 9 1.35 4.61 -16.38
C GLY A 9 1.16 3.62 -15.23
N ILE A 10 1.56 3.95 -14.00
CA ILE A 10 1.58 3.04 -12.86
C ILE A 10 0.15 2.64 -12.50
N LYS A 11 -0.06 1.33 -12.26
CA LYS A 11 -1.26 0.78 -11.65
C LYS A 11 -0.90 -0.18 -10.49
N GLU A 12 0.15 0.10 -9.72
CA GLU A 12 0.42 -0.60 -8.46
C GLU A 12 1.33 0.29 -7.62
N ILE A 13 0.93 0.57 -6.39
CA ILE A 13 1.60 1.49 -5.46
C ILE A 13 2.11 0.68 -4.26
N ILE A 14 2.95 1.28 -3.40
CA ILE A 14 3.60 0.53 -2.32
C ILE A 14 3.56 1.37 -1.05
N ILE A 15 2.74 0.98 -0.07
CA ILE A 15 2.76 1.56 1.26
C ILE A 15 4.11 1.13 1.85
N GLN A 16 5.06 2.05 2.05
CA GLN A 16 6.28 1.68 2.74
C GLN A 16 5.98 1.50 4.22
N GLY A 17 6.86 0.82 4.96
CA GLY A 17 6.78 0.70 6.43
C GLY A 17 7.90 1.47 7.09
N LEU A 18 8.37 2.53 6.45
CA LEU A 18 9.24 3.54 7.00
C LEU A 18 8.38 4.79 7.14
N THR A 19 8.62 5.55 8.19
CA THR A 19 7.94 6.79 8.46
C THR A 19 8.51 7.88 7.56
N ARG A 20 7.81 9.01 7.44
CA ARG A 20 8.28 10.23 6.79
C ARG A 20 9.60 10.76 7.35
N ALA A 21 9.91 10.41 8.61
CA ALA A 21 11.16 10.74 9.26
C ALA A 21 12.33 9.88 8.76
N GLY A 22 12.09 8.87 7.93
CA GLY A 22 13.12 7.97 7.43
C GLY A 22 13.60 6.98 8.49
N LYS A 23 12.70 6.53 9.37
CA LYS A 23 12.96 5.46 10.35
C LYS A 23 11.94 4.35 10.12
N PRO A 24 12.24 3.09 10.47
CA PRO A 24 11.27 2.00 10.34
C PRO A 24 10.14 2.16 11.35
N PHE A 25 9.02 1.49 11.11
CA PHE A 25 7.82 1.55 11.93
C PHE A 25 7.56 0.17 12.55
N ARG A 26 7.10 0.13 13.80
CA ARG A 26 6.59 -1.07 14.46
C ARG A 26 5.10 -0.83 14.81
N PRO A 27 4.33 -1.87 15.11
CA PRO A 27 4.72 -3.27 15.03
C PRO A 27 5.02 -3.64 13.58
N SER A 28 5.97 -4.54 13.33
CA SER A 28 6.45 -4.79 11.98
C SER A 28 5.37 -5.43 11.11
N ASP A 29 4.53 -6.25 11.74
CA ASP A 29 3.42 -7.03 11.18
C ASP A 29 2.24 -6.16 10.74
N TRP A 30 2.34 -4.82 10.80
CA TRP A 30 1.26 -3.92 10.39
C TRP A 30 0.78 -4.23 8.96
N VAL A 31 1.68 -4.72 8.10
CA VAL A 31 1.40 -5.14 6.74
C VAL A 31 0.30 -6.19 6.74
N ASP A 32 0.43 -7.23 7.57
CA ASP A 32 -0.46 -8.38 7.52
C ASP A 32 -1.83 -8.06 8.09
N ARG A 33 -1.93 -7.08 8.99
CA ARG A 33 -3.23 -6.54 9.41
C ARG A 33 -4.03 -6.17 8.18
N MET A 34 -3.44 -5.33 7.31
CA MET A 34 -4.11 -4.84 6.11
C MET A 34 -4.50 -6.02 5.24
N CYS A 35 -3.61 -6.99 5.02
CA CYS A 35 -3.94 -8.19 4.26
C CYS A 35 -5.15 -8.91 4.86
N SER A 36 -5.13 -9.18 6.17
CA SER A 36 -6.18 -9.92 6.88
C SER A 36 -7.53 -9.24 6.74
N THR A 37 -7.53 -7.93 6.92
CA THR A 37 -8.70 -7.06 6.86
C THR A 37 -9.56 -7.42 5.63
N TYR A 38 -8.98 -7.33 4.43
CA TYR A 38 -9.68 -7.48 3.15
C TYR A 38 -9.80 -8.95 2.67
N ALA A 39 -9.44 -9.92 3.53
CA ALA A 39 -9.36 -11.33 3.22
C ALA A 39 -10.53 -12.10 3.84
N SER A 40 -10.61 -13.41 3.58
CA SER A 40 -11.75 -14.27 3.95
C SER A 40 -11.29 -15.72 4.11
N PHE A 41 -12.06 -16.53 4.84
CA PHE A 41 -11.91 -17.99 4.88
C PHE A 41 -12.34 -18.63 3.56
N GLY A 42 -11.81 -19.82 3.23
CA GLY A 42 -12.15 -20.48 1.96
C GLY A 42 -12.69 -21.90 2.14
N ALA A 43 -13.76 -22.06 2.93
CA ALA A 43 -14.46 -23.30 3.30
C ALA A 43 -13.61 -24.16 4.24
N ASP A 44 -12.36 -24.37 3.88
CA ASP A 44 -11.29 -24.98 4.66
C ASP A 44 -10.88 -24.09 5.85
N ARG A 45 -11.59 -22.97 6.07
CA ARG A 45 -11.45 -21.99 7.16
C ARG A 45 -10.00 -21.59 7.45
N LYS A 46 -9.20 -21.32 6.40
CA LYS A 46 -7.76 -21.17 6.54
C LYS A 46 -7.18 -19.86 6.02
N LEU A 47 -8.06 -18.87 5.97
CA LEU A 47 -7.90 -17.53 5.40
C LEU A 47 -7.32 -17.52 3.97
N ARG A 48 -7.54 -16.44 3.21
CA ARG A 48 -7.14 -16.24 1.83
C ARG A 48 -6.94 -14.76 1.61
N TYR A 49 -5.68 -14.33 1.63
CA TYR A 49 -5.29 -12.97 1.31
C TYR A 49 -5.60 -12.72 -0.17
N SER A 50 -6.41 -11.71 -0.44
CA SER A 50 -6.77 -11.30 -1.80
C SER A 50 -5.52 -10.82 -2.54
N PRO A 51 -5.48 -10.97 -3.88
CA PRO A 51 -4.27 -10.76 -4.66
C PRO A 51 -3.88 -9.28 -4.73
N TYR A 52 -4.83 -8.36 -4.53
CA TYR A 52 -4.60 -6.93 -4.68
C TYR A 52 -3.82 -6.31 -3.53
N LEU A 53 -3.36 -7.11 -2.57
CA LEU A 53 -2.86 -6.67 -1.28
C LEU A 53 -1.86 -7.72 -0.80
N LYS A 54 -0.56 -7.47 -0.96
CA LYS A 54 0.48 -8.42 -0.57
C LYS A 54 1.66 -7.73 0.10
N PRO A 55 2.35 -8.43 1.03
CA PRO A 55 3.66 -7.98 1.51
C PRO A 55 4.67 -7.99 0.35
N ARG A 56 5.80 -7.31 0.55
CA ARG A 56 6.94 -7.31 -0.35
C ARG A 56 8.22 -7.44 0.48
N VAL A 57 9.40 -7.35 -0.13
CA VAL A 57 10.64 -6.99 0.53
C VAL A 57 11.40 -6.08 -0.45
N ILE A 58 11.69 -4.85 -0.02
CA ILE A 58 12.35 -3.78 -0.77
C ILE A 58 13.25 -3.11 0.24
N GLU A 59 14.54 -2.96 -0.07
CA GLU A 59 15.56 -2.40 0.82
C GLU A 59 15.51 -3.05 2.22
N GLY A 60 15.13 -4.34 2.29
CA GLY A 60 15.00 -5.08 3.52
C GLY A 60 13.78 -4.68 4.37
N VAL A 61 12.96 -3.71 3.94
CA VAL A 61 11.71 -3.30 4.58
C VAL A 61 10.63 -4.36 4.31
N ARG A 62 9.51 -4.32 5.04
CA ARG A 62 8.30 -5.12 4.77
C ARG A 62 7.52 -4.50 3.62
N CYS A 63 6.84 -3.37 3.83
CA CYS A 63 5.96 -2.70 2.86
C CYS A 63 4.76 -3.56 2.45
N LEU A 64 3.81 -2.93 1.77
CA LEU A 64 2.53 -3.51 1.34
C LEU A 64 2.26 -3.04 -0.09
N ALA A 65 2.41 -3.92 -1.07
CA ALA A 65 1.99 -3.66 -2.44
C ALA A 65 0.46 -3.63 -2.46
N VAL A 66 -0.11 -2.69 -3.22
CA VAL A 66 -1.54 -2.57 -3.41
C VAL A 66 -1.76 -2.37 -4.91
N ASP A 67 -2.37 -3.38 -5.54
CA ASP A 67 -2.68 -3.40 -6.97
C ASP A 67 -3.85 -2.44 -7.22
N LEU A 68 -3.72 -1.51 -8.17
CA LEU A 68 -4.77 -0.53 -8.48
C LEU A 68 -6.03 -1.13 -9.11
N LYS A 69 -6.05 -2.44 -9.37
CA LYS A 69 -7.23 -3.15 -9.87
C LYS A 69 -8.38 -3.06 -8.86
N LEU A 70 -8.11 -3.15 -7.56
CA LEU A 70 -9.18 -3.05 -6.56
C LEU A 70 -9.96 -1.74 -6.68
N LYS A 71 -9.32 -0.62 -7.02
CA LYS A 71 -9.97 0.69 -7.10
C LYS A 71 -11.00 0.72 -8.23
N ASP A 72 -10.83 -0.09 -9.27
CA ASP A 72 -11.76 -0.22 -10.40
C ASP A 72 -13.08 -0.86 -9.96
N THR A 73 -13.05 -1.65 -8.88
CA THR A 73 -14.17 -2.51 -8.47
C THR A 73 -14.73 -2.12 -7.10
N ASN A 74 -13.91 -1.55 -6.21
CA ASN A 74 -14.31 -1.01 -4.93
C ASN A 74 -13.37 0.13 -4.54
N PRO A 75 -13.58 1.35 -5.05
CA PRO A 75 -12.68 2.47 -4.81
C PRO A 75 -12.60 2.89 -3.34
N GLU A 76 -13.69 2.80 -2.57
CA GLU A 76 -13.76 3.30 -1.20
C GLU A 76 -12.81 2.53 -0.29
N GLY A 77 -12.84 1.21 -0.39
CA GLY A 77 -12.01 0.37 0.46
C GLY A 77 -10.52 0.59 0.17
N PHE A 78 -10.16 0.87 -1.08
CA PHE A 78 -8.81 1.29 -1.45
C PHE A 78 -8.50 2.63 -0.80
N ASN A 79 -9.42 3.59 -0.91
CA ASN A 79 -9.25 4.94 -0.41
C ASN A 79 -8.94 4.94 1.09
N GLN A 80 -9.65 4.12 1.89
CA GLN A 80 -9.35 3.96 3.31
C GLN A 80 -7.95 3.40 3.55
N LEU A 81 -7.49 2.50 2.67
CA LEU A 81 -6.16 1.90 2.78
C LEU A 81 -5.07 2.95 2.61
N MET A 82 -5.30 3.90 1.69
CA MET A 82 -4.40 5.02 1.48
C MET A 82 -4.26 5.80 2.79
N HIS A 83 -5.39 6.11 3.44
CA HIS A 83 -5.44 6.90 4.65
C HIS A 83 -4.53 6.32 5.72
N PHE A 84 -4.50 5.00 5.89
CA PHE A 84 -3.64 4.33 6.86
C PHE A 84 -2.16 4.75 6.76
N ALA A 85 -1.66 4.98 5.53
CA ALA A 85 -0.30 5.50 5.34
C ALA A 85 -0.20 6.88 5.99
N THR A 86 -1.06 7.79 5.56
CA THR A 86 -1.13 9.17 6.01
C THR A 86 -1.49 9.27 7.51
N GLU A 87 -2.12 8.24 8.10
CA GLU A 87 -2.36 8.09 9.52
C GLU A 87 -1.03 7.81 10.22
N ASN A 88 -0.32 6.71 9.90
CA ASN A 88 0.75 6.25 10.77
C ASN A 88 2.08 6.89 10.34
N GLN A 89 2.00 7.81 9.37
CA GLN A 89 2.99 8.73 8.85
C GLN A 89 4.00 8.03 7.94
N LEU A 90 3.62 6.91 7.33
CA LEU A 90 4.49 6.15 6.47
C LEU A 90 4.63 6.77 5.09
N ASN A 91 5.71 6.42 4.42
CA ASN A 91 5.97 6.88 3.07
C ASN A 91 5.06 6.14 2.09
N ILE A 92 4.19 6.83 1.37
CA ILE A 92 3.52 6.31 0.20
C ILE A 92 4.57 6.34 -0.90
N LEU A 93 4.95 5.17 -1.40
CA LEU A 93 5.73 5.06 -2.61
C LEU A 93 4.83 4.64 -3.76
N ASP A 94 5.40 4.86 -4.92
CA ASP A 94 4.91 4.45 -6.23
C ASP A 94 5.60 3.14 -6.61
N ALA A 95 5.36 2.69 -7.85
CA ALA A 95 5.72 1.36 -8.31
C ALA A 95 7.22 1.06 -8.15
N GLU A 96 8.06 2.02 -8.52
CA GLU A 96 9.53 1.87 -8.47
C GLU A 96 10.08 2.15 -7.07
N GLY A 97 9.29 2.77 -6.19
CA GLY A 97 9.71 3.15 -4.85
C GLY A 97 10.00 4.64 -4.72
N ASN A 98 9.67 5.44 -5.74
CA ASN A 98 9.72 6.90 -5.66
C ASN A 98 8.55 7.36 -4.80
N SER A 99 8.74 8.35 -3.94
CA SER A 99 7.71 8.80 -3.01
C SER A 99 6.65 9.65 -3.73
N ILE A 100 5.41 9.52 -3.27
CA ILE A 100 4.23 10.22 -3.77
C ILE A 100 3.28 10.52 -2.59
N ASP A 101 2.07 10.98 -2.90
CA ASP A 101 0.95 11.28 -2.00
C ASP A 101 -0.23 10.44 -2.49
N ALA A 102 -1.32 10.41 -1.73
CA ALA A 102 -2.50 9.63 -2.11
C ALA A 102 -3.25 10.26 -3.29
N ALA A 103 -3.22 11.60 -3.41
CA ALA A 103 -3.83 12.30 -4.55
C ALA A 103 -3.26 11.81 -5.87
N GLN A 104 -1.97 11.44 -5.86
CA GLN A 104 -1.23 10.93 -7.01
C GLN A 104 -1.71 9.51 -7.41
N VAL A 105 -2.79 9.00 -6.80
CA VAL A 105 -3.29 7.64 -7.01
C VAL A 105 -4.81 7.58 -7.16
N THR A 106 -5.53 8.59 -6.69
CA THR A 106 -6.98 8.56 -6.51
C THR A 106 -7.63 9.22 -7.71
N GLU A 107 -7.30 8.59 -8.83
CA GLU A 107 -7.93 8.68 -10.12
C GLU A 107 -7.95 10.14 -10.57
N ILE A 108 -6.71 10.64 -10.63
CA ILE A 108 -6.28 11.94 -11.13
C ILE A 108 -6.88 12.21 -12.52
N GLY A 1 5.25 18.87 -6.11
CA GLY A 1 4.46 20.05 -5.75
C GLY A 1 4.78 21.29 -6.58
N MET A 2 5.44 21.19 -7.74
CA MET A 2 5.67 22.27 -8.69
C MET A 2 6.08 21.61 -10.00
N GLY A 3 5.74 22.21 -11.14
CA GLY A 3 6.16 21.71 -12.44
C GLY A 3 5.25 20.57 -12.91
N THR A 4 5.53 20.05 -14.10
CA THR A 4 4.51 19.43 -14.94
C THR A 4 4.85 17.99 -15.34
N THR A 5 5.94 17.41 -14.83
CA THR A 5 6.50 16.15 -15.33
C THR A 5 5.85 14.90 -14.71
N GLU A 6 4.97 15.09 -13.75
CA GLU A 6 4.55 14.10 -12.78
C GLU A 6 3.41 13.22 -13.29
N LYS A 7 3.76 12.33 -14.22
CA LYS A 7 2.87 11.32 -14.80
C LYS A 7 3.64 10.03 -15.00
N SER A 8 2.97 8.89 -14.92
CA SER A 8 3.52 7.57 -15.25
C SER A 8 2.38 6.55 -15.33
N GLY A 9 2.64 5.37 -15.91
CA GLY A 9 1.63 4.37 -16.22
C GLY A 9 1.54 3.22 -15.22
N ILE A 10 2.10 3.43 -14.03
CA ILE A 10 2.22 2.47 -12.94
C ILE A 10 0.83 2.18 -12.38
N LYS A 11 0.63 0.95 -11.94
CA LYS A 11 -0.58 0.45 -11.31
C LYS A 11 -0.21 -0.45 -10.14
N GLU A 12 0.84 -0.13 -9.38
CA GLU A 12 1.17 -0.89 -8.17
C GLU A 12 2.12 -0.14 -7.22
N ILE A 13 1.61 0.41 -6.12
CA ILE A 13 2.38 1.32 -5.25
C ILE A 13 3.11 0.54 -4.15
N ILE A 14 3.81 1.24 -3.24
CA ILE A 14 4.52 0.67 -2.11
C ILE A 14 4.24 1.51 -0.87
N ILE A 15 3.47 0.97 0.07
CA ILE A 15 3.44 1.53 1.41
C ILE A 15 4.72 1.02 2.09
N GLN A 16 5.71 1.89 2.33
CA GLN A 16 6.86 1.47 3.13
C GLN A 16 6.41 1.22 4.57
N GLY A 17 7.20 0.51 5.38
CA GLY A 17 6.94 0.37 6.81
C GLY A 17 7.95 1.15 7.64
N LEU A 18 8.54 2.19 7.04
CA LEU A 18 9.42 3.16 7.64
C LEU A 18 8.65 4.48 7.62
N THR A 19 8.77 5.26 8.67
CA THR A 19 8.11 6.54 8.75
C THR A 19 8.92 7.60 7.99
N ARG A 20 8.29 8.74 7.67
CA ARG A 20 8.94 9.96 7.18
C ARG A 20 10.03 10.48 8.15
N ALA A 21 10.00 10.04 9.40
CA ALA A 21 11.03 10.31 10.40
C ALA A 21 12.25 9.38 10.29
N GLY A 22 12.19 8.35 9.43
CA GLY A 22 13.28 7.43 9.10
C GLY A 22 13.31 6.14 9.94
N LYS A 23 12.31 5.92 10.81
CA LYS A 23 12.29 4.86 11.82
C LYS A 23 11.33 3.75 11.41
N PRO A 24 11.56 2.48 11.80
CA PRO A 24 10.68 1.39 11.44
C PRO A 24 9.44 1.44 12.32
N PHE A 25 8.28 1.20 11.73
CA PHE A 25 6.99 1.27 12.41
C PHE A 25 6.76 -0.01 13.24
N ARG A 26 5.78 -0.01 14.15
CA ARG A 26 5.32 -1.21 14.85
C ARG A 26 3.78 -1.22 14.81
N PRO A 27 3.15 -2.41 14.82
CA PRO A 27 3.80 -3.71 14.88
C PRO A 27 4.49 -4.03 13.56
N SER A 28 5.38 -5.02 13.51
CA SER A 28 5.94 -5.50 12.23
C SER A 28 4.80 -5.90 11.29
N ASP A 29 3.82 -6.56 11.87
CA ASP A 29 2.76 -7.35 11.28
C ASP A 29 1.64 -6.48 10.72
N TRP A 30 1.78 -5.15 10.73
CA TRP A 30 0.80 -4.24 10.16
C TRP A 30 0.47 -4.64 8.70
N VAL A 31 1.48 -5.13 8.00
CA VAL A 31 1.48 -5.72 6.66
C VAL A 31 0.47 -6.87 6.56
N ASP A 32 0.47 -7.77 7.54
CA ASP A 32 -0.37 -8.96 7.58
C ASP A 32 -1.76 -8.58 8.08
N ARG A 33 -1.88 -7.53 8.88
CA ARG A 33 -3.17 -6.97 9.30
C ARG A 33 -3.94 -6.52 8.06
N MET A 34 -3.29 -5.84 7.12
CA MET A 34 -3.94 -5.48 5.86
C MET A 34 -4.38 -6.73 5.12
N CYS A 35 -3.47 -7.70 4.98
CA CYS A 35 -3.72 -8.96 4.30
C CYS A 35 -5.04 -9.57 4.78
N SER A 36 -5.18 -9.73 6.09
CA SER A 36 -6.37 -10.28 6.73
C SER A 36 -7.60 -9.37 6.68
N THR A 37 -7.44 -8.06 6.81
CA THR A 37 -8.58 -7.13 6.77
C THR A 37 -9.21 -7.13 5.38
N TYR A 38 -8.37 -7.15 4.34
CA TYR A 38 -8.76 -7.09 2.95
C TYR A 38 -8.96 -8.52 2.42
N ALA A 39 -9.49 -9.44 3.22
CA ALA A 39 -9.71 -10.83 2.86
C ALA A 39 -11.10 -11.31 3.28
N SER A 40 -11.46 -12.54 2.90
CA SER A 40 -12.78 -13.13 3.16
C SER A 40 -12.63 -14.59 3.59
N PHE A 41 -13.53 -15.09 4.43
CA PHE A 41 -13.70 -16.53 4.62
C PHE A 41 -14.20 -17.15 3.32
N GLY A 42 -13.70 -18.33 2.99
CA GLY A 42 -14.19 -19.14 1.90
C GLY A 42 -14.79 -20.42 2.43
N ALA A 43 -14.90 -21.43 1.56
CA ALA A 43 -15.57 -22.70 1.82
C ALA A 43 -15.11 -23.41 3.10
N ASP A 44 -13.88 -23.21 3.53
CA ASP A 44 -13.28 -23.83 4.71
C ASP A 44 -13.53 -23.04 5.99
N ARG A 45 -14.09 -21.83 5.87
CA ARG A 45 -14.21 -20.79 6.89
C ARG A 45 -12.89 -20.57 7.63
N LYS A 46 -11.86 -20.20 6.86
CA LYS A 46 -10.50 -20.03 7.35
C LYS A 46 -9.78 -18.91 6.61
N LEU A 47 -10.47 -17.81 6.35
CA LEU A 47 -10.01 -16.71 5.53
C LEU A 47 -9.53 -17.19 4.14
N ARG A 48 -8.99 -16.30 3.30
CA ARG A 48 -8.43 -16.50 1.98
C ARG A 48 -8.00 -15.11 1.54
N TYR A 49 -6.70 -14.88 1.36
CA TYR A 49 -6.22 -13.57 0.94
C TYR A 49 -6.70 -13.26 -0.48
N SER A 50 -6.65 -11.98 -0.80
CA SER A 50 -6.74 -11.45 -2.15
C SER A 50 -5.36 -11.44 -2.80
N PRO A 51 -5.28 -11.35 -4.14
CA PRO A 51 -4.02 -11.20 -4.85
C PRO A 51 -3.44 -9.78 -4.74
N TYR A 52 -4.25 -8.78 -4.39
CA TYR A 52 -3.95 -7.38 -4.67
C TYR A 52 -2.98 -6.73 -3.69
N LEU A 53 -2.36 -7.49 -2.79
CA LEU A 53 -1.73 -6.98 -1.59
C LEU A 53 -0.73 -8.04 -1.14
N LYS A 54 0.58 -7.75 -1.18
CA LYS A 54 1.62 -8.67 -0.72
C LYS A 54 2.79 -7.92 -0.11
N PRO A 55 3.58 -8.56 0.77
CA PRO A 55 4.79 -7.98 1.33
C PRO A 55 5.89 -7.85 0.27
N ARG A 56 7.00 -7.22 0.65
CA ARG A 56 8.25 -7.11 -0.10
C ARG A 56 9.41 -7.26 0.90
N VAL A 57 10.65 -7.03 0.46
CA VAL A 57 11.74 -6.66 1.34
C VAL A 57 12.55 -5.58 0.64
N ILE A 58 12.55 -4.36 1.19
CA ILE A 58 13.27 -3.20 0.66
C ILE A 58 14.19 -2.76 1.79
N GLU A 59 15.51 -2.88 1.64
CA GLU A 59 16.47 -2.36 2.63
C GLU A 59 16.25 -2.98 4.02
N GLY A 60 15.62 -4.16 4.05
CA GLY A 60 15.27 -4.92 5.24
C GLY A 60 13.84 -4.67 5.74
N VAL A 61 13.14 -3.63 5.29
CA VAL A 61 11.77 -3.37 5.71
C VAL A 61 10.85 -4.49 5.19
N ARG A 62 9.66 -4.61 5.75
CA ARG A 62 8.62 -5.51 5.21
C ARG A 62 7.91 -4.88 4.01
N CYS A 63 7.72 -3.55 4.00
CA CYS A 63 6.90 -2.83 3.03
C CYS A 63 5.48 -3.43 2.94
N LEU A 64 4.67 -2.93 2.02
CA LEU A 64 3.51 -3.58 1.44
C LEU A 64 3.49 -3.11 -0.02
N ALA A 65 3.31 -4.01 -0.98
CA ALA A 65 2.91 -3.65 -2.33
C ALA A 65 1.39 -3.42 -2.32
N VAL A 66 0.80 -2.90 -3.39
CA VAL A 66 -0.64 -3.09 -3.63
C VAL A 66 -0.77 -3.23 -5.16
N ASP A 67 -1.80 -3.89 -5.68
CA ASP A 67 -2.19 -3.83 -7.08
C ASP A 67 -3.28 -2.76 -7.20
N LEU A 68 -3.12 -1.80 -8.10
CA LEU A 68 -4.14 -0.77 -8.35
C LEU A 68 -5.44 -1.35 -8.95
N LYS A 69 -5.49 -2.63 -9.32
CA LYS A 69 -6.72 -3.26 -9.79
C LYS A 69 -7.79 -3.24 -8.70
N LEU A 70 -7.45 -3.42 -7.42
CA LEU A 70 -8.43 -3.40 -6.30
C LEU A 70 -9.28 -2.11 -6.33
N LYS A 71 -8.76 -0.97 -6.81
CA LYS A 71 -9.47 0.30 -6.94
C LYS A 71 -10.64 0.23 -7.93
N ASP A 72 -10.61 -0.68 -8.90
CA ASP A 72 -11.71 -0.91 -9.84
C ASP A 72 -12.94 -1.39 -9.09
N THR A 73 -12.73 -2.29 -8.13
CA THR A 73 -13.77 -3.14 -7.59
C THR A 73 -14.18 -2.70 -6.17
N ASN A 74 -13.26 -2.18 -5.35
CA ASN A 74 -13.51 -1.78 -3.95
C ASN A 74 -12.75 -0.47 -3.67
N PRO A 75 -13.09 0.65 -4.33
CA PRO A 75 -12.30 1.87 -4.22
C PRO A 75 -12.29 2.47 -2.80
N GLU A 76 -13.30 2.19 -1.98
CA GLU A 76 -13.36 2.59 -0.58
C GLU A 76 -12.25 1.92 0.21
N GLY A 77 -12.01 0.64 -0.05
CA GLY A 77 -10.87 -0.09 0.48
C GLY A 77 -9.57 0.59 0.10
N PHE A 78 -9.38 0.93 -1.18
CA PHE A 78 -8.16 1.58 -1.61
C PHE A 78 -7.96 2.94 -0.91
N ASN A 79 -9.03 3.71 -0.74
CA ASN A 79 -9.04 5.00 -0.04
C ASN A 79 -8.59 4.81 1.41
N GLN A 80 -9.17 3.83 2.12
CA GLN A 80 -8.74 3.49 3.46
C GLN A 80 -7.25 3.13 3.50
N LEU A 81 -6.77 2.31 2.55
CA LEU A 81 -5.37 1.89 2.50
C LEU A 81 -4.45 3.09 2.38
N MET A 82 -4.79 4.04 1.50
CA MET A 82 -4.03 5.28 1.35
C MET A 82 -3.94 5.97 2.71
N HIS A 83 -5.06 6.11 3.42
CA HIS A 83 -5.11 6.82 4.70
C HIS A 83 -4.13 6.23 5.73
N PHE A 84 -4.02 4.90 5.80
CA PHE A 84 -3.17 4.24 6.78
C PHE A 84 -1.70 4.68 6.66
N ALA A 85 -1.25 5.03 5.45
CA ALA A 85 0.06 5.60 5.27
C ALA A 85 0.18 6.94 6.00
N THR A 86 -0.75 7.86 5.77
CA THR A 86 -0.74 9.19 6.38
C THR A 86 -0.90 9.11 7.90
N GLU A 87 -1.72 8.16 8.36
CA GLU A 87 -1.92 7.77 9.74
C GLU A 87 -0.59 7.46 10.39
N ASN A 88 0.13 6.42 9.97
CA ASN A 88 1.27 5.95 10.74
C ASN A 88 2.57 6.59 10.24
N GLN A 89 2.42 7.52 9.29
CA GLN A 89 3.39 8.49 8.76
C GLN A 89 4.38 7.80 7.84
N LEU A 90 4.00 6.65 7.26
CA LEU A 90 4.89 5.87 6.45
C LEU A 90 5.24 6.58 5.16
N ASN A 91 6.44 6.30 4.66
CA ASN A 91 6.86 6.74 3.35
C ASN A 91 6.02 6.01 2.30
N ILE A 92 5.24 6.71 1.49
CA ILE A 92 4.58 6.07 0.37
C ILE A 92 5.57 6.13 -0.79
N LEU A 93 6.09 4.97 -1.18
CA LEU A 93 6.84 4.76 -2.39
C LEU A 93 5.88 4.33 -3.50
N ASP A 94 6.40 4.26 -4.72
CA ASP A 94 5.74 3.65 -5.88
C ASP A 94 6.61 2.49 -6.36
N ALA A 95 6.27 1.93 -7.51
CA ALA A 95 6.87 0.71 -8.04
C ALA A 95 8.36 0.85 -8.38
N GLU A 96 8.91 2.06 -8.44
CA GLU A 96 10.34 2.32 -8.65
C GLU A 96 11.09 2.41 -7.30
N GLY A 97 10.40 2.49 -6.17
CA GLY A 97 10.97 2.85 -4.88
C GLY A 97 11.17 4.36 -4.74
N ASN A 98 10.34 5.15 -5.43
CA ASN A 98 10.35 6.61 -5.34
C ASN A 98 9.22 7.05 -4.43
N SER A 99 9.52 7.93 -3.49
CA SER A 99 8.60 8.53 -2.53
C SER A 99 7.64 9.48 -3.28
N ILE A 100 6.37 9.11 -3.43
CA ILE A 100 5.36 9.86 -4.20
C ILE A 100 4.32 10.49 -3.27
N ASP A 101 3.45 11.33 -3.83
CA ASP A 101 2.24 11.82 -3.15
C ASP A 101 1.09 10.86 -3.44
N ALA A 102 0.03 10.96 -2.67
CA ALA A 102 -1.15 10.09 -2.83
C ALA A 102 -2.03 10.53 -4.00
N ALA A 103 -1.97 11.80 -4.39
CA ALA A 103 -2.66 12.29 -5.57
C ALA A 103 -2.00 11.78 -6.87
N GLN A 104 -0.80 11.21 -6.81
CA GLN A 104 -0.21 10.47 -7.91
C GLN A 104 -0.78 9.04 -8.01
N VAL A 105 -1.82 8.71 -7.22
CA VAL A 105 -2.38 7.37 -7.14
C VAL A 105 -3.91 7.38 -7.21
N THR A 106 -4.61 8.06 -6.31
CA THR A 106 -6.08 8.00 -6.26
C THR A 106 -6.76 8.72 -7.44
N GLU A 107 -5.99 9.32 -8.36
CA GLU A 107 -6.46 10.10 -9.50
C GLU A 107 -6.12 9.44 -10.85
N ILE A 108 -5.56 8.23 -10.80
CA ILE A 108 -5.13 7.45 -11.96
C ILE A 108 -6.34 6.92 -12.71
N GLY A 1 15.48 17.87 -11.36
CA GLY A 1 15.77 19.28 -11.63
C GLY A 1 14.55 20.10 -11.28
N MET A 2 14.02 20.86 -12.25
CA MET A 2 12.61 21.22 -12.21
C MET A 2 11.86 20.01 -12.77
N GLY A 3 11.78 19.89 -14.10
CA GLY A 3 11.12 18.76 -14.75
C GLY A 3 12.04 17.55 -14.76
N THR A 4 11.59 16.46 -14.17
CA THR A 4 12.32 15.19 -14.16
C THR A 4 11.40 13.97 -14.30
N THR A 5 10.14 14.10 -13.93
CA THR A 5 9.12 13.06 -13.88
C THR A 5 7.80 13.81 -13.69
N GLU A 6 6.92 13.76 -14.69
CA GLU A 6 5.61 14.39 -14.66
C GLU A 6 4.55 13.35 -15.04
N LYS A 7 3.83 12.84 -14.04
CA LYS A 7 2.75 11.86 -14.16
C LYS A 7 3.27 10.46 -14.54
N SER A 8 2.40 9.45 -14.47
CA SER A 8 2.75 8.07 -14.73
C SER A 8 1.54 7.29 -15.25
N GLY A 9 1.72 5.98 -15.45
CA GLY A 9 0.69 5.01 -15.83
C GLY A 9 0.72 3.76 -14.94
N ILE A 10 1.35 3.88 -13.78
CA ILE A 10 1.42 2.89 -12.73
C ILE A 10 0.00 2.59 -12.22
N LYS A 11 -0.21 1.33 -11.81
CA LYS A 11 -1.49 0.77 -11.35
C LYS A 11 -1.30 -0.04 -10.08
N GLU A 12 -0.28 0.26 -9.29
CA GLU A 12 0.00 -0.39 -8.02
C GLU A 12 0.78 0.60 -7.17
N ILE A 13 0.61 0.58 -5.86
CA ILE A 13 1.40 1.35 -4.91
C ILE A 13 1.95 0.42 -3.84
N ILE A 14 2.92 0.87 -3.05
CA ILE A 14 3.55 0.06 -2.02
C ILE A 14 3.69 0.94 -0.78
N ILE A 15 2.79 0.78 0.19
CA ILE A 15 2.89 1.48 1.46
C ILE A 15 4.14 0.94 2.16
N GLN A 16 5.15 1.78 2.36
CA GLN A 16 6.32 1.39 3.12
C GLN A 16 5.93 1.24 4.61
N GLY A 17 6.76 0.55 5.39
CA GLY A 17 6.57 0.39 6.85
C GLY A 17 7.61 1.17 7.66
N LEU A 18 8.21 2.18 7.04
CA LEU A 18 9.10 3.16 7.64
C LEU A 18 8.34 4.48 7.67
N THR A 19 8.60 5.30 8.70
CA THR A 19 8.05 6.65 8.82
C THR A 19 8.86 7.61 7.94
N ARG A 20 8.30 8.80 7.67
CA ARG A 20 8.97 9.89 6.95
C ARG A 20 10.25 10.41 7.61
N ALA A 21 10.46 10.09 8.88
CA ALA A 21 11.69 10.36 9.59
C ALA A 21 12.79 9.34 9.26
N GLY A 22 12.50 8.31 8.46
CA GLY A 22 13.38 7.19 8.22
C GLY A 22 13.64 6.42 9.52
N LYS A 23 12.57 6.04 10.23
CA LYS A 23 12.64 5.08 11.32
C LYS A 23 11.56 4.01 11.13
N PRO A 24 11.73 2.80 11.68
CA PRO A 24 10.73 1.75 11.54
C PRO A 24 9.49 2.07 12.38
N PHE A 25 8.37 1.46 11.99
CA PHE A 25 7.06 1.57 12.65
C PHE A 25 6.80 0.36 13.58
N ARG A 26 5.75 0.40 14.41
CA ARG A 26 5.20 -0.78 15.10
C ARG A 26 3.66 -0.74 14.94
N PRO A 27 2.97 -1.89 15.01
CA PRO A 27 3.58 -3.20 15.13
C PRO A 27 4.37 -3.52 13.87
N SER A 28 5.42 -4.33 14.01
CA SER A 28 6.20 -4.73 12.86
C SER A 28 5.38 -5.63 11.93
N ASP A 29 4.33 -6.24 12.47
CA ASP A 29 3.41 -7.15 11.82
C ASP A 29 2.22 -6.42 11.18
N TRP A 30 2.24 -5.07 11.15
CA TRP A 30 1.12 -4.25 10.65
C TRP A 30 0.66 -4.65 9.25
N VAL A 31 1.58 -5.12 8.40
CA VAL A 31 1.29 -5.51 7.02
C VAL A 31 0.21 -6.58 7.03
N ASP A 32 0.35 -7.60 7.89
CA ASP A 32 -0.53 -8.74 7.88
C ASP A 32 -1.92 -8.38 8.37
N ARG A 33 -2.03 -7.35 9.22
CA ARG A 33 -3.33 -6.77 9.57
C ARG A 33 -4.07 -6.42 8.28
N MET A 34 -3.48 -5.51 7.50
CA MET A 34 -4.12 -4.97 6.31
C MET A 34 -4.40 -6.08 5.31
N CYS A 35 -3.47 -7.05 5.17
CA CYS A 35 -3.65 -8.21 4.32
C CYS A 35 -4.97 -8.91 4.64
N SER A 36 -5.16 -9.31 5.90
CA SER A 36 -6.36 -10.00 6.35
C SER A 36 -7.62 -9.12 6.26
N THR A 37 -7.52 -7.82 6.52
CA THR A 37 -8.64 -6.88 6.49
C THR A 37 -9.27 -6.75 5.09
N TYR A 38 -8.62 -7.29 4.05
CA TYR A 38 -9.14 -7.35 2.69
C TYR A 38 -8.97 -8.78 2.19
N ALA A 39 -9.33 -9.76 3.03
CA ALA A 39 -9.30 -11.17 2.70
C ALA A 39 -10.67 -11.80 2.93
N SER A 40 -10.79 -13.11 2.68
CA SER A 40 -11.97 -13.91 2.92
C SER A 40 -11.53 -15.35 3.12
N PHE A 41 -12.28 -16.16 3.87
CA PHE A 41 -12.12 -17.61 3.82
C PHE A 41 -12.33 -18.15 2.41
N GLY A 42 -11.52 -19.13 2.07
CA GLY A 42 -11.69 -19.99 0.91
C GLY A 42 -12.23 -21.36 1.34
N ALA A 43 -12.38 -22.25 0.37
CA ALA A 43 -13.12 -23.49 0.48
C ALA A 43 -12.68 -24.37 1.65
N ASP A 44 -11.38 -24.39 1.93
CA ASP A 44 -10.70 -25.25 2.91
C ASP A 44 -10.75 -24.64 4.33
N ARG A 45 -11.59 -23.63 4.55
CA ARG A 45 -11.72 -22.89 5.82
C ARG A 45 -10.35 -22.35 6.27
N LYS A 46 -9.54 -21.90 5.34
CA LYS A 46 -8.39 -21.04 5.62
C LYS A 46 -8.69 -19.70 5.01
N LEU A 47 -8.08 -18.65 5.58
CA LEU A 47 -8.08 -17.34 4.98
C LEU A 47 -7.41 -17.42 3.60
N ARG A 48 -7.84 -16.56 2.68
CA ARG A 48 -7.22 -16.33 1.39
C ARG A 48 -7.13 -14.82 1.21
N TYR A 49 -5.91 -14.29 1.30
CA TYR A 49 -5.58 -12.94 0.86
C TYR A 49 -6.08 -12.75 -0.58
N SER A 50 -6.43 -11.52 -0.92
CA SER A 50 -6.95 -11.14 -2.22
C SER A 50 -5.86 -11.07 -3.27
N PRO A 51 -6.23 -11.05 -4.57
CA PRO A 51 -5.30 -10.85 -5.66
C PRO A 51 -4.54 -9.52 -5.51
N TYR A 52 -5.16 -8.48 -4.97
CA TYR A 52 -4.68 -7.09 -5.05
C TYR A 52 -3.64 -6.72 -4.02
N LEU A 53 -3.33 -7.58 -3.06
CA LEU A 53 -2.75 -7.13 -1.80
C LEU A 53 -1.80 -8.21 -1.30
N LYS A 54 -0.51 -7.90 -1.21
CA LYS A 54 0.50 -8.81 -0.67
C LYS A 54 1.59 -8.00 0.05
N PRO A 55 2.37 -8.62 0.96
CA PRO A 55 3.57 -8.01 1.49
C PRO A 55 4.60 -7.79 0.36
N ARG A 56 5.67 -7.07 0.67
CA ARG A 56 6.86 -6.95 -0.21
C ARG A 56 8.11 -7.21 0.63
N VAL A 57 9.27 -6.90 0.05
CA VAL A 57 10.38 -6.34 0.80
C VAL A 57 10.84 -5.15 -0.03
N ILE A 58 11.17 -4.02 0.61
CA ILE A 58 11.88 -2.90 0.00
C ILE A 58 12.91 -2.47 1.03
N GLU A 59 14.19 -2.46 0.67
CA GLU A 59 15.31 -2.13 1.55
C GLU A 59 15.29 -2.91 2.87
N GLY A 60 14.65 -4.08 2.92
CA GLY A 60 14.51 -4.89 4.13
C GLY A 60 13.27 -4.54 4.96
N VAL A 61 12.48 -3.51 4.64
CA VAL A 61 11.19 -3.26 5.28
C VAL A 61 10.16 -4.27 4.78
N ARG A 62 9.06 -4.42 5.52
CA ARG A 62 8.03 -5.40 5.21
C ARG A 62 7.11 -4.93 4.10
N CYS A 63 6.59 -3.70 4.24
CA CYS A 63 5.73 -2.99 3.29
C CYS A 63 4.53 -3.79 2.75
N LEU A 64 3.65 -3.12 2.00
CA LEU A 64 2.37 -3.67 1.55
C LEU A 64 2.07 -3.15 0.15
N ALA A 65 2.13 -4.03 -0.84
CA ALA A 65 1.84 -3.75 -2.24
C ALA A 65 0.33 -3.81 -2.46
N VAL A 66 -0.28 -2.74 -2.97
CA VAL A 66 -1.73 -2.62 -3.16
C VAL A 66 -1.99 -2.22 -4.62
N ASP A 67 -2.64 -3.11 -5.35
CA ASP A 67 -2.99 -2.95 -6.75
C ASP A 67 -4.17 -1.98 -6.88
N LEU A 68 -4.08 -1.01 -7.80
CA LEU A 68 -5.09 0.02 -7.99
C LEU A 68 -6.39 -0.51 -8.59
N LYS A 69 -6.42 -1.73 -9.14
CA LYS A 69 -7.68 -2.33 -9.59
C LYS A 69 -8.66 -2.43 -8.42
N LEU A 70 -8.16 -2.62 -7.20
CA LEU A 70 -8.98 -2.64 -6.00
C LEU A 70 -9.80 -1.36 -5.86
N LYS A 71 -9.25 -0.19 -6.19
CA LYS A 71 -9.96 1.08 -6.08
C LYS A 71 -11.19 1.15 -6.98
N ASP A 72 -11.19 0.45 -8.12
CA ASP A 72 -12.37 0.40 -8.97
C ASP A 72 -13.47 -0.43 -8.32
N THR A 73 -13.14 -1.65 -7.90
CA THR A 73 -14.13 -2.61 -7.40
C THR A 73 -14.51 -2.33 -5.94
N ASN A 74 -13.66 -1.64 -5.17
CA ASN A 74 -13.85 -1.34 -3.75
C ASN A 74 -13.05 -0.09 -3.36
N PRO A 75 -13.47 1.10 -3.80
CA PRO A 75 -12.75 2.32 -3.53
C PRO A 75 -12.66 2.62 -2.04
N GLU A 76 -13.68 2.24 -1.27
CA GLU A 76 -13.84 2.61 0.13
C GLU A 76 -12.79 1.99 1.04
N GLY A 77 -12.27 0.84 0.64
CA GLY A 77 -11.22 0.14 1.36
C GLY A 77 -9.83 0.59 0.89
N PHE A 78 -9.63 0.87 -0.40
CA PHE A 78 -8.40 1.51 -0.88
C PHE A 78 -8.23 2.85 -0.16
N ASN A 79 -9.30 3.62 -0.04
CA ASN A 79 -9.41 4.87 0.69
C ASN A 79 -8.88 4.75 2.11
N GLN A 80 -9.39 3.79 2.89
CA GLN A 80 -8.90 3.51 4.24
C GLN A 80 -7.41 3.14 4.25
N LEU A 81 -6.95 2.41 3.24
CA LEU A 81 -5.58 1.92 3.17
C LEU A 81 -4.60 3.07 3.01
N MET A 82 -4.93 3.98 2.09
CA MET A 82 -4.14 5.20 1.89
C MET A 82 -4.12 5.99 3.19
N HIS A 83 -5.29 6.12 3.84
CA HIS A 83 -5.44 6.89 5.07
C HIS A 83 -4.50 6.40 6.17
N PHE A 84 -4.35 5.07 6.33
CA PHE A 84 -3.44 4.47 7.30
C PHE A 84 -2.00 4.99 7.12
N ALA A 85 -1.57 5.18 5.87
CA ALA A 85 -0.22 5.64 5.59
C ALA A 85 -0.06 7.09 6.03
N THR A 86 -1.00 7.95 5.64
CA THR A 86 -1.05 9.33 6.05
C THR A 86 -1.13 9.43 7.58
N GLU A 87 -1.87 8.53 8.23
CA GLU A 87 -2.03 8.51 9.68
C GLU A 87 -0.66 8.36 10.34
N ASN A 88 0.08 7.29 10.06
CA ASN A 88 1.24 7.01 10.89
C ASN A 88 2.46 7.75 10.35
N GLN A 89 2.31 8.41 9.19
CA GLN A 89 3.28 9.23 8.45
C GLN A 89 4.30 8.34 7.74
N LEU A 90 3.86 7.17 7.28
CA LEU A 90 4.71 6.27 6.55
C LEU A 90 4.98 6.77 5.15
N ASN A 91 6.09 6.29 4.59
CA ASN A 91 6.46 6.60 3.24
C ASN A 91 5.51 5.86 2.30
N ILE A 92 4.56 6.54 1.66
CA ILE A 92 3.83 5.98 0.53
C ILE A 92 4.85 5.94 -0.60
N LEU A 93 5.20 4.74 -1.07
CA LEU A 93 5.93 4.55 -2.31
C LEU A 93 4.94 4.14 -3.40
N ASP A 94 5.38 4.35 -4.63
CA ASP A 94 4.68 3.96 -5.84
C ASP A 94 5.24 2.63 -6.32
N ALA A 95 4.78 2.17 -7.47
CA ALA A 95 5.13 0.81 -7.94
C ALA A 95 6.61 0.64 -8.22
N GLU A 96 7.36 1.71 -8.47
CA GLU A 96 8.81 1.65 -8.60
C GLU A 96 9.48 1.56 -7.23
N GLY A 97 9.10 2.42 -6.29
CA GLY A 97 9.89 2.73 -5.11
C GLY A 97 10.13 4.23 -4.93
N ASN A 98 9.52 5.05 -5.78
CA ASN A 98 9.46 6.49 -5.66
C ASN A 98 8.50 6.80 -4.53
N SER A 99 8.88 7.66 -3.59
CA SER A 99 7.94 8.26 -2.67
C SER A 99 7.04 9.24 -3.45
N ILE A 100 5.74 9.23 -3.10
CA ILE A 100 4.63 9.95 -3.72
C ILE A 100 3.62 10.30 -2.59
N ASP A 101 2.44 10.84 -2.93
CA ASP A 101 1.35 11.11 -2.00
C ASP A 101 0.15 10.30 -2.45
N ALA A 102 -0.80 10.07 -1.55
CA ALA A 102 -2.04 9.37 -1.90
C ALA A 102 -2.86 10.16 -2.91
N ALA A 103 -2.78 11.49 -2.89
CA ALA A 103 -3.41 12.38 -3.83
C ALA A 103 -3.07 12.00 -5.28
N GLN A 104 -1.82 11.61 -5.48
CA GLN A 104 -1.23 11.32 -6.77
C GLN A 104 -1.61 9.91 -7.26
N VAL A 105 -2.50 9.21 -6.55
CA VAL A 105 -2.93 7.82 -6.80
C VAL A 105 -4.45 7.79 -7.00
N THR A 106 -5.16 8.81 -6.53
CA THR A 106 -6.61 8.84 -6.38
C THR A 106 -7.17 9.56 -7.60
N GLU A 107 -6.88 8.91 -8.72
CA GLU A 107 -7.42 9.07 -10.03
C GLU A 107 -7.34 10.54 -10.43
N ILE A 108 -6.07 10.95 -10.44
CA ILE A 108 -5.53 12.26 -10.72
C ILE A 108 -6.23 12.80 -11.96
N GLY A 1 -0.67 27.69 -11.71
CA GLY A 1 -0.27 26.32 -12.03
C GLY A 1 1.12 26.06 -11.48
N MET A 2 1.28 24.97 -10.74
CA MET A 2 2.55 24.61 -10.13
C MET A 2 3.26 23.66 -11.11
N GLY A 3 2.74 22.44 -11.29
CA GLY A 3 3.23 21.46 -12.25
C GLY A 3 3.27 20.09 -11.61
N THR A 4 2.10 19.46 -11.48
CA THR A 4 1.84 18.40 -10.49
C THR A 4 0.92 17.32 -11.10
N THR A 5 1.10 17.04 -12.40
CA THR A 5 0.06 16.38 -13.21
C THR A 5 0.67 15.42 -14.25
N GLU A 6 1.95 15.09 -14.08
CA GLU A 6 2.71 14.08 -14.82
C GLU A 6 2.07 12.70 -14.69
N LYS A 7 2.33 11.80 -15.64
CA LYS A 7 1.84 10.43 -15.62
C LYS A 7 3.02 9.48 -15.51
N SER A 8 2.74 8.23 -15.15
CA SER A 8 3.73 7.19 -15.00
C SER A 8 3.09 5.84 -15.34
N GLY A 9 3.92 4.81 -15.42
CA GLY A 9 3.53 3.46 -15.77
C GLY A 9 3.51 2.57 -14.53
N ILE A 10 2.95 3.05 -13.43
CA ILE A 10 2.90 2.38 -12.13
C ILE A 10 1.59 1.59 -12.01
N LYS A 11 1.65 0.32 -11.56
CA LYS A 11 0.51 -0.57 -11.43
C LYS A 11 0.45 -1.29 -10.09
N GLU A 12 1.26 -0.87 -9.13
CA GLU A 12 1.02 -1.07 -7.70
C GLU A 12 1.69 0.09 -6.97
N ILE A 13 1.37 0.33 -5.72
CA ILE A 13 2.17 1.18 -4.84
C ILE A 13 2.75 0.30 -3.74
N ILE A 14 3.66 0.83 -2.93
CA ILE A 14 4.31 0.07 -1.88
C ILE A 14 4.42 0.96 -0.66
N ILE A 15 3.60 0.70 0.36
CA ILE A 15 3.72 1.40 1.62
C ILE A 15 4.92 0.77 2.35
N GLN A 16 6.01 1.53 2.51
CA GLN A 16 7.17 1.06 3.26
C GLN A 16 6.81 0.81 4.73
N GLY A 17 7.60 -0.03 5.40
CA GLY A 17 7.50 -0.28 6.84
C GLY A 17 8.36 0.68 7.67
N LEU A 18 8.88 1.76 7.07
CA LEU A 18 9.59 2.85 7.73
C LEU A 18 8.65 4.03 7.78
N THR A 19 8.82 4.86 8.81
CA THR A 19 8.13 6.14 8.91
C THR A 19 8.91 7.19 8.11
N ARG A 20 8.37 8.42 8.04
CA ARG A 20 9.09 9.56 7.45
C ARG A 20 10.49 9.76 8.02
N ALA A 21 10.66 9.34 9.28
CA ALA A 21 11.88 9.47 10.06
C ALA A 21 12.94 8.42 9.69
N GLY A 22 12.62 7.49 8.78
CA GLY A 22 13.49 6.39 8.40
C GLY A 22 13.68 5.37 9.53
N LYS A 23 12.87 5.42 10.59
CA LYS A 23 12.81 4.41 11.63
C LYS A 23 11.78 3.37 11.23
N PRO A 24 11.99 2.07 11.53
CA PRO A 24 11.01 1.04 11.24
C PRO A 24 9.82 1.16 12.20
N PHE A 25 8.62 0.81 11.73
CA PHE A 25 7.38 0.90 12.49
C PHE A 25 7.17 -0.38 13.31
N ARG A 26 6.37 -0.29 14.37
CA ARG A 26 5.81 -1.44 15.07
C ARG A 26 4.28 -1.29 15.05
N PRO A 27 3.51 -2.38 15.01
CA PRO A 27 3.99 -3.75 15.06
C PRO A 27 4.70 -4.07 13.74
N SER A 28 5.51 -5.12 13.70
CA SER A 28 6.05 -5.59 12.42
C SER A 28 4.88 -6.06 11.54
N ASP A 29 3.94 -6.71 12.20
CA ASP A 29 2.80 -7.50 11.75
C ASP A 29 1.66 -6.61 11.22
N TRP A 30 1.93 -5.32 11.04
CA TRP A 30 0.98 -4.38 10.45
C TRP A 30 0.59 -4.82 9.03
N VAL A 31 1.47 -5.56 8.36
CA VAL A 31 1.25 -6.11 7.03
C VAL A 31 0.12 -7.13 7.05
N ASP A 32 0.14 -8.05 8.01
CA ASP A 32 -0.84 -9.13 8.11
C ASP A 32 -2.21 -8.52 8.30
N ARG A 33 -2.31 -7.57 9.23
CA ARG A 33 -3.59 -6.98 9.62
C ARG A 33 -4.28 -6.33 8.44
N MET A 34 -3.46 -5.66 7.64
CA MET A 34 -3.84 -5.03 6.41
C MET A 34 -4.29 -6.06 5.39
N CYS A 35 -3.51 -7.11 5.12
CA CYS A 35 -3.95 -8.10 4.14
C CYS A 35 -5.28 -8.75 4.57
N SER A 36 -5.48 -8.99 5.86
CA SER A 36 -6.72 -9.50 6.44
C SER A 36 -7.91 -8.53 6.26
N THR A 37 -7.65 -7.22 6.18
CA THR A 37 -8.69 -6.20 6.02
C THR A 37 -9.25 -6.20 4.59
N TYR A 38 -8.56 -6.85 3.65
CA TYR A 38 -9.01 -7.04 2.27
C TYR A 38 -8.98 -8.54 2.00
N ALA A 39 -9.60 -9.32 2.88
CA ALA A 39 -9.65 -10.77 2.82
C ALA A 39 -11.06 -11.26 3.11
N SER A 40 -11.41 -12.44 2.62
CA SER A 40 -12.70 -13.07 2.82
C SER A 40 -12.53 -14.54 3.13
N PHE A 41 -13.36 -15.02 4.05
CA PHE A 41 -13.38 -16.41 4.42
C PHE A 41 -14.14 -17.18 3.35
N GLY A 42 -13.69 -18.39 3.05
CA GLY A 42 -14.38 -19.31 2.15
C GLY A 42 -15.45 -20.06 2.93
N ALA A 43 -15.97 -21.15 2.37
CA ALA A 43 -16.95 -21.99 3.06
C ALA A 43 -16.36 -22.73 4.28
N ASP A 44 -15.04 -22.75 4.42
CA ASP A 44 -14.29 -23.76 5.17
C ASP A 44 -13.57 -23.14 6.37
N ARG A 45 -14.10 -22.01 6.88
CA ARG A 45 -13.57 -21.15 7.94
C ARG A 45 -12.12 -20.67 7.82
N LYS A 46 -11.38 -21.09 6.80
CA LYS A 46 -10.12 -20.48 6.42
C LYS A 46 -10.39 -19.19 5.68
N LEU A 47 -9.34 -18.41 5.51
CA LEU A 47 -9.34 -17.05 5.02
C LEU A 47 -8.47 -17.01 3.77
N ARG A 48 -8.85 -16.16 2.82
CA ARG A 48 -8.06 -15.84 1.64
C ARG A 48 -7.90 -14.34 1.57
N TYR A 49 -6.65 -13.89 1.59
CA TYR A 49 -6.28 -12.52 1.26
C TYR A 49 -6.56 -12.29 -0.23
N SER A 50 -6.84 -11.05 -0.64
CA SER A 50 -6.94 -10.71 -2.05
C SER A 50 -5.56 -10.77 -2.73
N PRO A 51 -5.49 -11.00 -4.05
CA PRO A 51 -4.23 -11.02 -4.78
C PRO A 51 -3.57 -9.64 -4.88
N TYR A 52 -4.31 -8.57 -4.55
CA TYR A 52 -3.88 -7.19 -4.64
C TYR A 52 -2.91 -6.75 -3.56
N LEU A 53 -2.62 -7.61 -2.59
CA LEU A 53 -2.01 -7.20 -1.33
C LEU A 53 -1.09 -8.32 -0.89
N LYS A 54 0.21 -8.14 -1.12
CA LYS A 54 1.25 -9.12 -0.78
C LYS A 54 2.38 -8.39 -0.06
N PRO A 55 3.05 -9.05 0.90
CA PRO A 55 4.28 -8.53 1.47
C PRO A 55 5.39 -8.58 0.41
N ARG A 56 6.46 -7.85 0.68
CA ARG A 56 7.74 -7.97 0.00
C ARG A 56 8.79 -8.06 1.11
N VAL A 57 10.06 -7.96 0.75
CA VAL A 57 11.06 -7.35 1.61
C VAL A 57 11.96 -6.52 0.69
N ILE A 58 11.88 -5.19 0.84
CA ILE A 58 12.56 -4.16 0.08
C ILE A 58 13.46 -3.45 1.08
N GLU A 59 14.74 -3.33 0.77
CA GLU A 59 15.73 -2.71 1.65
C GLU A 59 15.83 -3.42 3.02
N GLY A 60 15.41 -4.69 3.12
CA GLY A 60 15.32 -5.42 4.37
C GLY A 60 14.01 -5.15 5.14
N VAL A 61 13.15 -4.27 4.64
CA VAL A 61 11.88 -3.84 5.24
C VAL A 61 10.76 -4.62 4.57
N ARG A 62 9.85 -5.20 5.36
CA ARG A 62 8.64 -5.88 4.86
C ARG A 62 7.92 -5.10 3.74
N CYS A 63 7.56 -3.84 4.01
CA CYS A 63 6.64 -3.06 3.17
C CYS A 63 5.29 -3.80 2.99
N LEU A 64 4.41 -3.27 2.15
CA LEU A 64 3.17 -3.92 1.71
C LEU A 64 2.88 -3.40 0.30
N ALA A 65 2.77 -4.27 -0.69
CA ALA A 65 2.32 -3.88 -2.03
C ALA A 65 0.81 -3.70 -2.03
N VAL A 66 0.30 -2.80 -2.88
CA VAL A 66 -1.11 -2.52 -3.09
C VAL A 66 -1.29 -2.38 -4.61
N ASP A 67 -1.69 -3.46 -5.27
CA ASP A 67 -1.93 -3.52 -6.73
C ASP A 67 -2.98 -2.48 -7.12
N LEU A 68 -2.68 -1.68 -8.14
CA LEU A 68 -3.56 -0.61 -8.59
C LEU A 68 -4.85 -1.13 -9.23
N LYS A 69 -4.93 -2.41 -9.61
CA LYS A 69 -6.17 -3.00 -10.11
C LYS A 69 -7.26 -2.96 -9.03
N LEU A 70 -6.91 -3.00 -7.74
CA LEU A 70 -7.88 -2.88 -6.65
C LEU A 70 -8.71 -1.58 -6.79
N LYS A 71 -8.16 -0.50 -7.34
CA LYS A 71 -8.80 0.80 -7.52
C LYS A 71 -9.96 0.73 -8.49
N ASP A 72 -9.87 -0.10 -9.53
CA ASP A 72 -10.97 -0.28 -10.47
C ASP A 72 -12.14 -0.96 -9.77
N THR A 73 -11.87 -2.07 -9.09
CA THR A 73 -12.91 -2.95 -8.58
C THR A 73 -13.42 -2.51 -7.19
N ASN A 74 -12.66 -1.71 -6.44
CA ASN A 74 -12.98 -1.32 -5.06
C ASN A 74 -12.19 -0.06 -4.66
N PRO A 75 -12.46 1.10 -5.29
CA PRO A 75 -11.72 2.34 -5.10
C PRO A 75 -11.73 2.88 -3.67
N GLU A 76 -12.81 2.66 -2.90
CA GLU A 76 -12.88 3.06 -1.50
C GLU A 76 -11.82 2.33 -0.69
N GLY A 77 -11.60 1.05 -1.01
CA GLY A 77 -10.57 0.23 -0.40
C GLY A 77 -9.19 0.79 -0.64
N PHE A 78 -8.89 1.24 -1.88
CA PHE A 78 -7.62 1.89 -2.18
C PHE A 78 -7.49 3.24 -1.45
N ASN A 79 -8.57 4.01 -1.37
CA ASN A 79 -8.60 5.29 -0.65
C ASN A 79 -8.27 5.08 0.83
N GLN A 80 -8.91 4.08 1.47
CA GLN A 80 -8.56 3.69 2.83
C GLN A 80 -7.10 3.24 2.92
N LEU A 81 -6.58 2.50 1.92
CA LEU A 81 -5.17 2.10 1.90
C LEU A 81 -4.27 3.32 1.97
N MET A 82 -4.54 4.33 1.14
CA MET A 82 -3.75 5.53 1.09
C MET A 82 -3.63 6.15 2.49
N HIS A 83 -4.77 6.28 3.18
CA HIS A 83 -4.79 6.94 4.47
C HIS A 83 -3.98 6.18 5.52
N PHE A 84 -4.00 4.84 5.48
CA PHE A 84 -3.26 4.00 6.44
C PHE A 84 -1.82 4.46 6.52
N ALA A 85 -1.20 4.75 5.37
CA ALA A 85 0.19 5.18 5.37
C ALA A 85 0.35 6.46 6.17
N THR A 86 -0.39 7.51 5.84
CA THR A 86 -0.29 8.82 6.45
C THR A 86 -0.62 8.75 7.95
N GLU A 87 -1.63 7.97 8.33
CA GLU A 87 -2.05 7.73 9.71
C GLU A 87 -0.89 7.18 10.55
N ASN A 88 -0.07 6.31 9.96
CA ASN A 88 1.09 5.70 10.60
C ASN A 88 2.40 6.39 10.21
N GLN A 89 2.30 7.53 9.51
CA GLN A 89 3.38 8.33 8.96
C GLN A 89 4.38 7.51 8.12
N LEU A 90 3.93 6.37 7.56
CA LEU A 90 4.74 5.46 6.76
C LEU A 90 5.09 6.09 5.41
N ASN A 91 6.29 5.80 4.91
CA ASN A 91 6.74 6.27 3.61
C ASN A 91 5.90 5.59 2.52
N ILE A 92 5.31 6.38 1.62
CA ILE A 92 4.55 5.87 0.49
C ILE A 92 5.53 5.81 -0.66
N LEU A 93 5.81 4.60 -1.16
CA LEU A 93 6.57 4.36 -2.36
C LEU A 93 5.65 3.91 -3.48
N ASP A 94 6.25 3.74 -4.65
CA ASP A 94 5.65 3.21 -5.87
C ASP A 94 6.04 1.75 -6.08
N ALA A 95 5.65 1.18 -7.23
CA ALA A 95 5.95 -0.20 -7.60
C ALA A 95 7.45 -0.47 -7.78
N GLU A 96 8.26 0.55 -8.08
CA GLU A 96 9.72 0.47 -8.09
C GLU A 96 10.29 0.60 -6.68
N GLY A 97 9.65 1.39 -5.81
CA GLY A 97 10.06 1.61 -4.42
C GLY A 97 10.72 2.98 -4.23
N ASN A 98 10.51 3.91 -5.17
CA ASN A 98 10.81 5.33 -4.97
C ASN A 98 9.71 5.92 -4.12
N SER A 99 10.01 6.84 -3.20
CA SER A 99 9.01 7.63 -2.50
C SER A 99 8.19 8.46 -3.51
N ILE A 100 6.87 8.57 -3.31
CA ILE A 100 5.94 9.41 -4.06
C ILE A 100 4.98 10.07 -3.08
N ASP A 101 4.30 11.15 -3.50
CA ASP A 101 3.12 11.66 -2.81
C ASP A 101 1.92 10.79 -3.16
N ALA A 102 0.92 10.84 -2.29
CA ALA A 102 -0.34 10.12 -2.43
C ALA A 102 -1.26 10.80 -3.43
N ALA A 103 -1.12 12.11 -3.61
CA ALA A 103 -1.92 12.88 -4.55
C ALA A 103 -1.77 12.33 -5.96
N GLN A 104 -0.53 11.99 -6.32
CA GLN A 104 -0.14 11.58 -7.66
C GLN A 104 -0.77 10.23 -8.06
N VAL A 105 -1.40 9.52 -7.14
CA VAL A 105 -1.85 8.15 -7.32
C VAL A 105 -3.36 8.09 -7.50
N THR A 106 -4.10 8.79 -6.65
CA THR A 106 -5.56 8.66 -6.60
C THR A 106 -6.27 9.31 -7.79
N GLU A 107 -5.56 10.09 -8.60
CA GLU A 107 -6.08 10.89 -9.71
C GLU A 107 -5.96 10.20 -11.07
N ILE A 108 -5.40 8.99 -11.09
CA ILE A 108 -5.18 8.20 -12.29
C ILE A 108 -6.51 7.53 -12.60
N GLY A 1 10.51 15.60 -4.35
CA GLY A 1 10.29 15.11 -5.70
C GLY A 1 11.57 15.13 -6.51
N MET A 2 12.49 14.20 -6.26
CA MET A 2 13.72 14.08 -7.04
C MET A 2 13.36 13.44 -8.39
N GLY A 3 13.18 14.26 -9.43
CA GLY A 3 12.87 13.82 -10.78
C GLY A 3 11.37 13.77 -11.08
N THR A 4 11.04 13.40 -12.30
CA THR A 4 9.74 13.54 -12.92
C THR A 4 9.07 12.18 -13.00
N THR A 5 8.23 11.86 -12.02
CA THR A 5 7.43 10.63 -12.00
C THR A 5 5.97 10.95 -11.62
N GLU A 6 5.62 12.25 -11.52
CA GLU A 6 4.25 12.68 -11.26
C GLU A 6 3.34 12.21 -12.41
N LYS A 7 2.12 11.75 -12.08
CA LYS A 7 1.12 11.20 -13.00
C LYS A 7 1.72 10.22 -14.01
N SER A 8 1.81 8.95 -13.65
CA SER A 8 2.36 7.89 -14.52
C SER A 8 1.36 6.75 -14.67
N GLY A 9 1.52 5.94 -15.72
CA GLY A 9 0.61 4.87 -16.10
C GLY A 9 0.81 3.59 -15.27
N ILE A 10 1.14 3.72 -13.99
CA ILE A 10 1.34 2.63 -13.05
C ILE A 10 -0.03 2.14 -12.56
N LYS A 11 -0.14 0.83 -12.31
CA LYS A 11 -1.32 0.10 -11.87
C LYS A 11 -1.14 -0.61 -10.53
N GLU A 12 -0.15 -0.23 -9.73
CA GLU A 12 0.04 -0.75 -8.36
C GLU A 12 0.93 0.20 -7.55
N ILE A 13 0.53 0.58 -6.33
CA ILE A 13 1.35 1.41 -5.40
C ILE A 13 1.99 0.52 -4.34
N ILE A 14 2.85 1.10 -3.49
CA ILE A 14 3.52 0.35 -2.42
C ILE A 14 3.63 1.27 -1.21
N ILE A 15 2.91 0.97 -0.13
CA ILE A 15 3.03 1.72 1.12
C ILE A 15 4.34 1.26 1.76
N GLN A 16 5.22 2.17 2.15
CA GLN A 16 6.39 1.80 2.93
C GLN A 16 5.95 1.53 4.37
N GLY A 17 6.82 0.92 5.19
CA GLY A 17 6.60 0.88 6.64
C GLY A 17 7.57 1.77 7.43
N LEU A 18 8.02 2.86 6.82
CA LEU A 18 9.00 3.78 7.36
C LEU A 18 8.38 5.17 7.40
N THR A 19 8.38 5.82 8.55
CA THR A 19 7.99 7.22 8.64
C THR A 19 8.88 8.06 7.72
N ARG A 20 8.39 9.23 7.30
CA ARG A 20 9.18 10.19 6.53
C ARG A 20 10.48 10.61 7.21
N ALA A 21 10.56 10.51 8.54
CA ALA A 21 11.75 10.76 9.34
C ALA A 21 12.82 9.67 9.20
N GLY A 22 12.53 8.60 8.44
CA GLY A 22 13.45 7.51 8.19
C GLY A 22 13.55 6.54 9.36
N LYS A 23 12.51 6.43 10.20
CA LYS A 23 12.42 5.44 11.27
C LYS A 23 11.28 4.47 10.96
N PRO A 24 11.42 3.18 11.32
CA PRO A 24 10.38 2.18 11.09
C PRO A 24 9.17 2.46 11.98
N PHE A 25 8.03 1.86 11.65
CA PHE A 25 6.80 2.03 12.39
C PHE A 25 6.55 0.76 13.23
N ARG A 26 5.66 0.82 14.22
CA ARG A 26 5.12 -0.36 14.90
C ARG A 26 3.59 -0.32 14.85
N PRO A 27 2.90 -1.47 14.89
CA PRO A 27 3.49 -2.80 15.01
C PRO A 27 4.30 -3.16 13.76
N SER A 28 5.24 -4.11 13.86
CA SER A 28 6.09 -4.41 12.71
C SER A 28 5.26 -5.13 11.64
N ASP A 29 4.40 -6.03 12.08
CA ASP A 29 3.73 -7.07 11.30
C ASP A 29 2.47 -6.51 10.62
N TRP A 30 2.28 -5.19 10.63
CA TRP A 30 1.09 -4.46 10.18
C TRP A 30 0.62 -4.89 8.79
N VAL A 31 1.57 -5.26 7.93
CA VAL A 31 1.34 -5.66 6.56
C VAL A 31 0.39 -6.87 6.52
N ASP A 32 0.65 -7.88 7.35
CA ASP A 32 -0.14 -9.10 7.33
C ASP A 32 -1.53 -8.84 7.92
N ARG A 33 -1.63 -7.91 8.88
CA ARG A 33 -2.92 -7.47 9.40
C ARG A 33 -3.76 -6.82 8.31
N MET A 34 -3.16 -5.91 7.53
CA MET A 34 -3.88 -5.18 6.49
C MET A 34 -4.32 -6.11 5.36
N CYS A 35 -3.51 -7.10 4.94
CA CYS A 35 -4.03 -8.06 3.97
C CYS A 35 -5.22 -8.83 4.59
N SER A 36 -5.12 -9.21 5.87
CA SER A 36 -6.20 -9.88 6.61
C SER A 36 -7.46 -9.01 6.79
N THR A 37 -7.39 -7.69 6.62
CA THR A 37 -8.56 -6.80 6.66
C THR A 37 -9.46 -6.99 5.42
N TYR A 38 -8.88 -7.33 4.26
CA TYR A 38 -9.59 -7.34 2.98
C TYR A 38 -9.68 -8.74 2.37
N ALA A 39 -9.10 -9.72 3.04
CA ALA A 39 -9.08 -11.10 2.63
C ALA A 39 -10.36 -11.82 3.07
N SER A 40 -10.44 -13.12 2.78
CA SER A 40 -11.60 -13.94 3.13
C SER A 40 -11.16 -15.38 3.37
N PHE A 41 -12.00 -16.18 4.03
CA PHE A 41 -11.86 -17.63 4.04
C PHE A 41 -12.24 -18.20 2.69
N GLY A 42 -11.46 -19.19 2.25
CA GLY A 42 -11.64 -19.83 0.97
C GLY A 42 -12.53 -21.06 1.08
N ALA A 43 -12.62 -21.81 -0.02
CA ALA A 43 -13.23 -23.13 -0.05
C ALA A 43 -12.51 -24.08 0.92
N ASP A 44 -11.23 -23.84 1.21
CA ASP A 44 -10.40 -24.65 2.10
C ASP A 44 -10.49 -24.24 3.58
N ARG A 45 -11.29 -23.22 3.89
CA ARG A 45 -11.49 -22.66 5.23
C ARG A 45 -10.18 -22.43 5.99
N LYS A 46 -9.25 -21.65 5.42
CA LYS A 46 -7.94 -21.37 6.05
C LYS A 46 -7.44 -19.95 5.80
N LEU A 47 -8.36 -19.04 5.52
CA LEU A 47 -8.09 -17.72 4.96
C LEU A 47 -7.40 -17.82 3.59
N ARG A 48 -7.49 -16.76 2.79
CA ARG A 48 -6.86 -16.63 1.49
C ARG A 48 -6.73 -15.14 1.25
N TYR A 49 -5.50 -14.63 1.25
CA TYR A 49 -5.25 -13.23 0.92
C TYR A 49 -5.63 -12.98 -0.54
N SER A 50 -6.34 -11.88 -0.79
CA SER A 50 -6.75 -11.43 -2.12
C SER A 50 -5.55 -11.02 -2.99
N PRO A 51 -5.75 -10.88 -4.32
CA PRO A 51 -4.70 -10.51 -5.25
C PRO A 51 -4.13 -9.11 -5.00
N TYR A 52 -4.96 -8.17 -4.53
CA TYR A 52 -4.67 -6.74 -4.66
C TYR A 52 -3.86 -6.17 -3.50
N LEU A 53 -3.28 -7.01 -2.62
CA LEU A 53 -2.73 -6.61 -1.34
C LEU A 53 -1.65 -7.61 -0.94
N LYS A 54 -0.36 -7.31 -1.18
CA LYS A 54 0.73 -8.27 -0.95
C LYS A 54 1.97 -7.63 -0.32
N PRO A 55 2.74 -8.36 0.50
CA PRO A 55 3.98 -7.88 1.09
C PRO A 55 5.09 -7.83 0.04
N ARG A 56 6.19 -7.16 0.39
CA ARG A 56 7.49 -7.16 -0.30
C ARG A 56 8.58 -7.26 0.77
N VAL A 57 9.82 -6.95 0.39
CA VAL A 57 10.76 -6.20 1.21
C VAL A 57 11.27 -5.09 0.28
N ILE A 58 11.47 -3.88 0.80
CA ILE A 58 12.20 -2.82 0.12
C ILE A 58 13.11 -2.23 1.20
N GLU A 59 14.43 -2.25 0.97
CA GLU A 59 15.44 -1.67 1.89
C GLU A 59 15.41 -2.30 3.31
N GLY A 60 14.70 -3.42 3.47
CA GLY A 60 14.51 -4.12 4.74
C GLY A 60 13.13 -3.88 5.34
N VAL A 61 12.39 -2.88 4.88
CA VAL A 61 11.07 -2.56 5.40
C VAL A 61 10.11 -3.64 4.88
N ARG A 62 9.04 -3.91 5.60
CA ARG A 62 8.03 -4.89 5.17
C ARG A 62 7.40 -4.45 3.85
N CYS A 63 6.88 -3.21 3.83
CA CYS A 63 6.12 -2.62 2.71
C CYS A 63 4.82 -3.39 2.41
N LEU A 64 3.84 -2.74 1.78
CA LEU A 64 2.54 -3.32 1.47
C LEU A 64 2.06 -2.80 0.11
N ALA A 65 2.02 -3.65 -0.91
CA ALA A 65 1.59 -3.30 -2.26
C ALA A 65 0.07 -3.17 -2.29
N VAL A 66 -0.50 -2.31 -3.16
CA VAL A 66 -1.94 -2.20 -3.38
C VAL A 66 -2.16 -2.08 -4.90
N ASP A 67 -2.72 -3.12 -5.53
CA ASP A 67 -3.04 -3.17 -6.98
C ASP A 67 -4.19 -2.18 -7.26
N LEU A 68 -4.07 -1.34 -8.29
CA LEU A 68 -5.03 -0.29 -8.63
C LEU A 68 -6.40 -0.84 -9.06
N LYS A 69 -6.49 -2.14 -9.34
CA LYS A 69 -7.74 -2.78 -9.75
C LYS A 69 -8.76 -2.74 -8.62
N LEU A 70 -8.35 -2.81 -7.36
CA LEU A 70 -9.30 -2.70 -6.25
C LEU A 70 -10.09 -1.41 -6.37
N LYS A 71 -9.46 -0.28 -6.67
CA LYS A 71 -10.11 1.04 -6.63
C LYS A 71 -11.20 1.13 -7.74
N ASP A 72 -11.26 0.14 -8.63
CA ASP A 72 -12.26 -0.06 -9.69
C ASP A 72 -13.53 -0.77 -9.17
N THR A 73 -13.43 -1.42 -8.00
CA THR A 73 -14.41 -2.38 -7.47
C THR A 73 -14.84 -2.04 -6.02
N ASN A 74 -13.91 -1.94 -5.05
CA ASN A 74 -14.29 -1.65 -3.64
C ASN A 74 -13.47 -0.48 -3.08
N PRO A 75 -13.59 0.73 -3.62
CA PRO A 75 -12.54 1.74 -3.46
C PRO A 75 -12.48 2.34 -2.06
N GLU A 76 -13.52 2.16 -1.27
CA GLU A 76 -13.61 2.51 0.15
C GLU A 76 -12.42 1.93 0.93
N GLY A 77 -12.02 0.71 0.58
CA GLY A 77 -10.93 0.01 1.25
C GLY A 77 -9.59 0.61 0.89
N PHE A 78 -9.41 0.99 -0.38
CA PHE A 78 -8.20 1.68 -0.83
C PHE A 78 -8.06 3.02 -0.14
N ASN A 79 -9.17 3.78 -0.07
CA ASN A 79 -9.24 5.07 0.57
C ASN A 79 -8.73 5.00 2.01
N GLN A 80 -9.12 3.98 2.79
CA GLN A 80 -8.62 3.77 4.14
C GLN A 80 -7.14 3.43 4.15
N LEU A 81 -6.65 2.57 3.25
CA LEU A 81 -5.26 2.17 3.22
C LEU A 81 -4.36 3.37 3.01
N MET A 82 -4.76 4.27 2.10
CA MET A 82 -4.02 5.50 1.92
C MET A 82 -4.03 6.33 3.21
N HIS A 83 -5.12 6.31 3.97
CA HIS A 83 -5.25 7.14 5.16
C HIS A 83 -4.33 6.61 6.24
N PHE A 84 -4.30 5.30 6.47
CA PHE A 84 -3.34 4.63 7.34
C PHE A 84 -1.91 5.08 7.06
N ALA A 85 -1.52 5.15 5.78
CA ALA A 85 -0.19 5.61 5.41
C ALA A 85 -0.01 7.10 5.73
N THR A 86 -0.95 7.90 5.28
CA THR A 86 -0.92 9.35 5.40
C THR A 86 -0.97 9.78 6.87
N GLU A 87 -1.61 9.02 7.76
CA GLU A 87 -1.77 9.38 9.15
C GLU A 87 -0.42 9.25 9.85
N ASN A 88 0.30 8.14 9.64
CA ASN A 88 1.48 7.89 10.44
C ASN A 88 2.73 8.35 9.67
N GLN A 89 2.56 8.72 8.39
CA GLN A 89 3.49 9.30 7.43
C GLN A 89 4.49 8.27 6.88
N LEU A 90 4.03 7.05 6.65
CA LEU A 90 4.77 5.85 6.31
C LEU A 90 5.33 5.75 4.90
N ASN A 91 5.51 6.88 4.25
CA ASN A 91 5.97 7.06 2.89
C ASN A 91 5.21 6.24 1.84
N ILE A 92 4.47 6.93 0.98
CA ILE A 92 3.77 6.30 -0.11
C ILE A 92 4.78 6.19 -1.26
N LEU A 93 5.41 5.03 -1.37
CA LEU A 93 6.07 4.65 -2.60
C LEU A 93 5.03 4.30 -3.66
N ASP A 94 5.54 4.10 -4.86
CA ASP A 94 4.83 3.58 -6.02
C ASP A 94 5.54 2.31 -6.49
N ALA A 95 5.19 1.83 -7.67
CA ALA A 95 5.54 0.47 -8.11
C ALA A 95 7.04 0.20 -8.09
N GLU A 96 7.86 1.20 -8.48
CA GLU A 96 9.30 1.01 -8.56
C GLU A 96 9.96 1.18 -7.18
N GLY A 97 9.25 1.80 -6.23
CA GLY A 97 9.73 2.14 -4.90
C GLY A 97 10.19 3.59 -4.78
N ASN A 98 9.87 4.46 -5.73
CA ASN A 98 10.09 5.91 -5.64
C ASN A 98 8.96 6.52 -4.82
N SER A 99 9.25 7.49 -3.95
CA SER A 99 8.29 8.16 -3.07
C SER A 99 7.40 9.12 -3.88
N ILE A 100 6.10 8.91 -3.89
CA ILE A 100 5.06 9.77 -4.48
C ILE A 100 4.18 10.35 -3.35
N ASP A 101 3.10 11.05 -3.72
CA ASP A 101 2.06 11.52 -2.81
C ASP A 101 0.80 10.72 -3.09
N ALA A 102 -0.12 10.70 -2.12
CA ALA A 102 -1.39 9.99 -2.20
C ALA A 102 -2.31 10.60 -3.27
N ALA A 103 -2.24 11.92 -3.38
CA ALA A 103 -3.09 12.68 -4.28
C ALA A 103 -2.89 12.21 -5.71
N GLN A 104 -1.66 11.84 -6.09
CA GLN A 104 -1.29 11.37 -7.42
C GLN A 104 -1.91 9.98 -7.75
N VAL A 105 -2.65 9.38 -6.81
CA VAL A 105 -3.18 8.03 -6.92
C VAL A 105 -4.71 8.07 -6.90
N THR A 106 -5.33 8.54 -5.82
CA THR A 106 -6.79 8.54 -5.73
C THR A 106 -7.43 9.72 -6.48
N GLU A 107 -6.70 10.35 -7.41
CA GLU A 107 -7.21 11.27 -8.41
C GLU A 107 -7.60 10.58 -9.72
N ILE A 108 -7.50 9.25 -9.77
CA ILE A 108 -7.73 8.44 -10.96
C ILE A 108 -9.22 8.12 -10.95
N GLY A 1 6.96 25.49 -15.40
CA GLY A 1 7.88 24.77 -16.28
C GLY A 1 8.89 23.97 -15.47
N MET A 2 8.40 23.14 -14.55
CA MET A 2 9.19 22.28 -13.67
C MET A 2 8.69 20.86 -13.90
N GLY A 3 7.51 20.52 -13.37
CA GLY A 3 6.89 19.23 -13.55
C GLY A 3 5.69 19.14 -12.62
N THR A 4 5.72 18.22 -11.67
CA THR A 4 4.64 17.91 -10.74
C THR A 4 3.29 17.82 -11.48
N THR A 5 3.17 16.94 -12.47
CA THR A 5 2.05 16.93 -13.40
C THR A 5 1.47 15.53 -13.59
N GLU A 6 1.71 14.65 -12.62
CA GLU A 6 0.93 13.43 -12.41
C GLU A 6 1.04 12.41 -13.55
N LYS A 7 2.03 12.58 -14.40
CA LYS A 7 2.39 11.72 -15.52
C LYS A 7 3.02 10.43 -14.99
N SER A 8 2.28 9.33 -15.03
CA SER A 8 2.85 8.00 -14.92
C SER A 8 1.83 6.95 -15.39
N GLY A 9 2.29 5.72 -15.61
CA GLY A 9 1.47 4.56 -15.92
C GLY A 9 1.49 3.55 -14.78
N ILE A 10 1.69 3.99 -13.54
CA ILE A 10 1.82 3.16 -12.35
C ILE A 10 0.49 2.44 -12.07
N LYS A 11 0.51 1.11 -11.94
CA LYS A 11 -0.62 0.28 -11.50
C LYS A 11 -0.34 -0.52 -10.23
N GLU A 12 0.66 -0.15 -9.44
CA GLU A 12 0.88 -0.73 -8.12
C GLU A 12 1.57 0.35 -7.27
N ILE A 13 1.31 0.38 -5.97
CA ILE A 13 1.99 1.26 -5.03
C ILE A 13 2.42 0.40 -3.83
N ILE A 14 3.23 0.95 -2.95
CA ILE A 14 3.79 0.23 -1.82
C ILE A 14 3.71 1.14 -0.60
N ILE A 15 2.95 0.72 0.41
CA ILE A 15 2.94 1.39 1.69
C ILE A 15 4.26 1.04 2.39
N GLN A 16 5.26 1.91 2.29
CA GLN A 16 6.47 1.71 3.05
C GLN A 16 6.18 1.84 4.54
N GLY A 17 6.20 0.73 5.27
CA GLY A 17 6.15 0.75 6.73
C GLY A 17 7.46 1.18 7.38
N LEU A 18 8.25 2.01 6.70
CA LEU A 18 9.23 2.91 7.27
C LEU A 18 8.54 4.26 7.48
N THR A 19 8.86 4.95 8.57
CA THR A 19 8.31 6.27 8.79
C THR A 19 8.94 7.28 7.83
N ARG A 20 8.43 8.51 7.80
CA ARG A 20 9.07 9.63 7.11
C ARG A 20 10.50 9.87 7.64
N ALA A 21 10.73 9.52 8.90
CA ALA A 21 12.03 9.63 9.57
C ALA A 21 12.99 8.51 9.16
N GLY A 22 12.54 7.54 8.37
CA GLY A 22 13.36 6.43 7.90
C GLY A 22 13.65 5.42 9.00
N LYS A 23 12.71 5.19 9.94
CA LYS A 23 12.82 4.13 10.93
C LYS A 23 11.68 3.14 10.75
N PRO A 24 11.84 1.86 11.14
CA PRO A 24 10.81 0.85 10.97
C PRO A 24 9.67 1.14 11.93
N PHE A 25 8.46 1.02 11.40
CA PHE A 25 7.26 1.14 12.21
C PHE A 25 7.07 -0.12 13.05
N ARG A 26 6.35 -0.02 14.18
CA ARG A 26 5.80 -1.15 14.93
C ARG A 26 4.28 -0.99 14.94
N PRO A 27 3.50 -2.07 14.99
CA PRO A 27 3.95 -3.45 15.09
C PRO A 27 4.49 -3.92 13.74
N SER A 28 5.39 -4.90 13.69
CA SER A 28 5.69 -5.59 12.44
C SER A 28 4.45 -6.26 11.86
N ASP A 29 3.51 -6.66 12.73
CA ASP A 29 2.26 -7.33 12.38
C ASP A 29 1.33 -6.44 11.54
N TRP A 30 1.61 -5.13 11.38
CA TRP A 30 0.73 -4.17 10.70
C TRP A 30 0.38 -4.66 9.29
N VAL A 31 1.33 -5.29 8.61
CA VAL A 31 1.20 -5.72 7.23
C VAL A 31 0.09 -6.77 7.13
N ASP A 32 0.16 -7.82 7.95
CA ASP A 32 -0.83 -8.90 7.89
C ASP A 32 -2.17 -8.38 8.38
N ARG A 33 -2.17 -7.50 9.39
CA ARG A 33 -3.39 -6.86 9.85
C ARG A 33 -4.14 -6.19 8.71
N MET A 34 -3.45 -5.44 7.84
CA MET A 34 -4.11 -4.83 6.69
C MET A 34 -4.57 -5.91 5.70
N CYS A 35 -3.69 -6.85 5.34
CA CYS A 35 -3.99 -7.88 4.35
C CYS A 35 -5.27 -8.63 4.73
N SER A 36 -5.36 -9.08 5.97
CA SER A 36 -6.43 -9.92 6.48
C SER A 36 -7.76 -9.18 6.45
N THR A 37 -7.76 -7.94 6.90
CA THR A 37 -8.93 -7.07 6.95
C THR A 37 -9.63 -6.96 5.58
N TYR A 38 -8.85 -6.98 4.49
CA TYR A 38 -9.37 -6.79 3.13
C TYR A 38 -9.67 -8.15 2.46
N ALA A 39 -9.27 -9.26 3.10
CA ALA A 39 -9.42 -10.60 2.59
C ALA A 39 -10.82 -11.14 2.91
N SER A 40 -11.06 -12.42 2.63
CA SER A 40 -12.23 -13.17 3.04
C SER A 40 -11.84 -14.65 3.03
N PHE A 41 -12.69 -15.47 3.63
CA PHE A 41 -12.54 -16.91 3.62
C PHE A 41 -12.80 -17.45 2.22
N GLY A 42 -11.98 -18.42 1.81
CA GLY A 42 -12.10 -19.08 0.53
C GLY A 42 -12.90 -20.37 0.65
N ALA A 43 -14.19 -20.25 1.03
CA ALA A 43 -15.18 -21.32 1.16
C ALA A 43 -14.86 -22.41 2.17
N ASP A 44 -13.69 -22.44 2.81
CA ASP A 44 -13.19 -23.61 3.55
C ASP A 44 -12.57 -23.23 4.89
N ARG A 45 -12.98 -22.09 5.45
CA ARG A 45 -12.42 -21.45 6.65
C ARG A 45 -10.89 -21.35 6.62
N LYS A 46 -10.32 -20.94 5.49
CA LYS A 46 -9.01 -20.32 5.45
C LYS A 46 -9.20 -18.94 4.87
N LEU A 47 -8.64 -17.94 5.54
CA LEU A 47 -8.49 -16.62 4.95
C LEU A 47 -7.67 -16.74 3.66
N ARG A 48 -7.99 -15.90 2.67
CA ARG A 48 -7.30 -15.85 1.38
C ARG A 48 -7.05 -14.38 1.06
N TYR A 49 -5.81 -13.91 1.29
CA TYR A 49 -5.44 -12.53 0.98
C TYR A 49 -5.67 -12.29 -0.51
N SER A 50 -6.18 -11.11 -0.87
CA SER A 50 -6.41 -10.71 -2.24
C SER A 50 -5.08 -10.68 -3.01
N PRO A 51 -5.10 -10.96 -4.33
CA PRO A 51 -3.89 -10.92 -5.13
C PRO A 51 -3.30 -9.50 -5.19
N TYR A 52 -4.16 -8.50 -5.00
CA TYR A 52 -3.81 -7.09 -5.03
C TYR A 52 -3.04 -6.62 -3.80
N LEU A 53 -2.83 -7.49 -2.81
CA LEU A 53 -2.50 -7.07 -1.47
C LEU A 53 -1.58 -8.14 -0.88
N LYS A 54 -0.28 -8.00 -1.11
CA LYS A 54 0.69 -8.98 -0.65
C LYS A 54 1.65 -8.36 0.35
N PRO A 55 2.08 -9.11 1.38
CA PRO A 55 3.25 -8.77 2.16
C PRO A 55 4.49 -8.98 1.29
N ARG A 56 5.56 -8.29 1.66
CA ARG A 56 6.91 -8.45 1.14
C ARG A 56 7.87 -8.37 2.34
N VAL A 57 9.16 -8.20 2.10
CA VAL A 57 10.10 -7.44 2.88
C VAL A 57 11.24 -6.98 1.99
N ILE A 58 11.77 -5.77 2.21
CA ILE A 58 12.81 -5.16 1.40
C ILE A 58 13.85 -4.75 2.42
N GLU A 59 14.96 -5.48 2.54
CA GLU A 59 16.08 -5.18 3.45
C GLU A 59 15.74 -5.22 4.95
N GLY A 60 14.47 -5.45 5.29
CA GLY A 60 13.90 -5.37 6.63
C GLY A 60 12.53 -4.70 6.65
N VAL A 61 12.21 -3.85 5.66
CA VAL A 61 10.91 -3.21 5.59
C VAL A 61 9.90 -4.18 4.98
N ARG A 62 9.08 -4.80 5.84
CA ARG A 62 8.05 -5.75 5.45
C ARG A 62 7.26 -5.18 4.27
N CYS A 63 6.81 -3.93 4.38
CA CYS A 63 6.03 -3.25 3.36
C CYS A 63 4.73 -3.99 3.02
N LEU A 64 3.91 -3.40 2.16
CA LEU A 64 2.64 -3.96 1.72
C LEU A 64 2.49 -3.47 0.28
N ALA A 65 2.46 -4.40 -0.67
CA ALA A 65 2.16 -4.12 -2.06
C ALA A 65 0.66 -3.90 -2.19
N VAL A 66 0.25 -2.91 -2.97
CA VAL A 66 -1.15 -2.58 -3.19
C VAL A 66 -1.30 -2.34 -4.69
N ASP A 67 -1.71 -3.37 -5.40
CA ASP A 67 -1.98 -3.31 -6.84
C ASP A 67 -3.21 -2.44 -7.08
N LEU A 68 -3.18 -1.56 -8.08
CA LEU A 68 -4.24 -0.60 -8.35
C LEU A 68 -5.52 -1.25 -8.90
N LYS A 69 -5.46 -2.52 -9.31
CA LYS A 69 -6.65 -3.25 -9.78
C LYS A 69 -7.71 -3.32 -8.69
N LEU A 70 -7.33 -3.36 -7.41
CA LEU A 70 -8.31 -3.29 -6.32
C LEU A 70 -9.17 -2.03 -6.44
N LYS A 71 -8.62 -0.87 -6.80
CA LYS A 71 -9.36 0.40 -6.86
C LYS A 71 -10.49 0.34 -7.90
N ASP A 72 -10.31 -0.41 -8.99
CA ASP A 72 -11.35 -0.64 -10.00
C ASP A 72 -12.57 -1.31 -9.37
N THR A 73 -12.35 -2.25 -8.45
CA THR A 73 -13.43 -3.03 -7.85
C THR A 73 -13.91 -2.47 -6.50
N ASN A 74 -13.03 -1.86 -5.70
CA ASN A 74 -13.32 -1.25 -4.39
C ASN A 74 -12.40 -0.04 -4.22
N PRO A 75 -12.78 1.15 -4.72
CA PRO A 75 -11.95 2.35 -4.60
C PRO A 75 -11.93 2.84 -3.16
N GLU A 76 -13.01 2.66 -2.40
CA GLU A 76 -13.19 3.10 -1.03
C GLU A 76 -12.16 2.42 -0.11
N GLY A 77 -12.03 1.10 -0.23
CA GLY A 77 -11.06 0.33 0.52
C GLY A 77 -9.65 0.84 0.25
N PHE A 78 -9.30 1.03 -1.03
CA PHE A 78 -7.98 1.52 -1.41
C PHE A 78 -7.72 2.91 -0.85
N ASN A 79 -8.69 3.81 -1.02
CA ASN A 79 -8.65 5.19 -0.55
C ASN A 79 -8.31 5.21 0.95
N GLN A 80 -9.06 4.47 1.78
CA GLN A 80 -8.77 4.38 3.21
C GLN A 80 -7.41 3.76 3.53
N LEU A 81 -6.90 2.86 2.68
CA LEU A 81 -5.59 2.25 2.86
C LEU A 81 -4.50 3.30 2.73
N MET A 82 -4.67 4.18 1.75
CA MET A 82 -3.74 5.29 1.55
C MET A 82 -3.71 6.22 2.76
N HIS A 83 -4.85 6.42 3.44
CA HIS A 83 -4.88 7.20 4.66
C HIS A 83 -4.08 6.50 5.77
N PHE A 84 -4.26 5.19 5.96
CA PHE A 84 -3.61 4.41 7.01
C PHE A 84 -2.09 4.62 7.00
N ALA A 85 -1.49 4.77 5.81
CA ALA A 85 -0.08 5.04 5.68
C ALA A 85 0.27 6.34 6.40
N THR A 86 -0.23 7.46 5.87
CA THR A 86 0.12 8.80 6.31
C THR A 86 -0.38 9.06 7.74
N GLU A 87 -1.46 8.40 8.17
CA GLU A 87 -1.94 8.34 9.56
C GLU A 87 -0.78 7.96 10.48
N ASN A 88 -0.12 6.85 10.17
CA ASN A 88 0.98 6.30 10.97
C ASN A 88 2.32 6.90 10.55
N GLN A 89 2.29 8.03 9.81
CA GLN A 89 3.41 8.74 9.21
C GLN A 89 4.36 7.81 8.45
N LEU A 90 3.80 6.81 7.79
CA LEU A 90 4.50 5.91 6.90
C LEU A 90 4.74 6.63 5.58
N ASN A 91 5.80 6.23 4.88
CA ASN A 91 5.99 6.66 3.50
C ASN A 91 5.02 5.90 2.61
N ILE A 92 4.86 6.37 1.38
CA ILE A 92 4.21 5.64 0.31
C ILE A 92 5.15 5.75 -0.88
N LEU A 93 5.41 4.62 -1.50
CA LEU A 93 6.17 4.49 -2.70
C LEU A 93 5.26 4.00 -3.82
N ASP A 94 5.85 3.93 -4.99
CA ASP A 94 5.23 3.40 -6.20
C ASP A 94 5.64 1.95 -6.45
N ALA A 95 5.25 1.42 -7.61
CA ALA A 95 5.57 0.08 -8.06
C ALA A 95 7.06 -0.17 -8.15
N GLU A 96 7.83 0.83 -8.56
CA GLU A 96 9.28 0.79 -8.61
C GLU A 96 9.85 0.88 -7.19
N GLY A 97 9.24 1.74 -6.38
CA GLY A 97 9.63 2.00 -5.00
C GLY A 97 10.22 3.39 -4.81
N ASN A 98 9.98 4.32 -5.72
CA ASN A 98 10.24 5.74 -5.52
C ASN A 98 9.14 6.29 -4.60
N SER A 99 9.46 7.17 -3.65
CA SER A 99 8.45 7.76 -2.76
C SER A 99 7.57 8.76 -3.53
N ILE A 100 6.25 8.58 -3.48
CA ILE A 100 5.29 9.45 -4.16
C ILE A 100 4.27 10.00 -3.17
N ASP A 101 3.70 11.16 -3.50
CA ASP A 101 2.55 11.70 -2.79
C ASP A 101 1.31 10.94 -3.25
N ALA A 102 0.33 10.87 -2.36
CA ALA A 102 -0.88 10.07 -2.55
C ALA A 102 -1.79 10.68 -3.60
N ALA A 103 -1.72 12.00 -3.77
CA ALA A 103 -2.45 12.73 -4.78
C ALA A 103 -2.03 12.31 -6.20
N GLN A 104 -0.84 11.74 -6.35
CA GLN A 104 -0.35 11.19 -7.60
C GLN A 104 -0.80 9.73 -7.77
N VAL A 105 -1.77 9.25 -6.98
CA VAL A 105 -2.35 7.93 -7.09
C VAL A 105 -3.87 8.03 -7.20
N THR A 106 -4.51 8.89 -6.41
CA THR A 106 -5.97 8.97 -6.35
C THR A 106 -6.59 9.76 -7.52
N GLU A 107 -5.82 10.12 -8.56
CA GLU A 107 -6.25 10.88 -9.72
C GLU A 107 -5.71 10.31 -11.04
N ILE A 108 -5.19 9.07 -11.04
CA ILE A 108 -4.73 8.37 -12.24
C ILE A 108 -5.86 8.27 -13.25
N GLY A 1 4.52 15.82 -1.98
CA GLY A 1 5.47 15.82 -3.10
C GLY A 1 5.46 17.15 -3.80
N MET A 2 6.64 17.72 -4.06
CA MET A 2 6.83 18.96 -4.80
C MET A 2 8.10 18.82 -5.64
N GLY A 3 8.06 17.93 -6.63
CA GLY A 3 9.22 17.53 -7.41
C GLY A 3 8.83 17.42 -8.88
N THR A 4 8.19 16.31 -9.25
CA THR A 4 7.77 16.01 -10.61
C THR A 4 6.37 15.39 -10.57
N THR A 5 5.45 16.01 -11.27
CA THR A 5 4.07 15.56 -11.45
C THR A 5 3.91 15.14 -12.90
N GLU A 6 4.44 13.96 -13.23
CA GLU A 6 4.40 13.41 -14.57
C GLU A 6 3.69 12.04 -14.54
N LYS A 7 3.26 11.51 -15.69
CA LYS A 7 2.56 10.21 -15.75
C LYS A 7 3.50 9.15 -16.29
N SER A 8 4.07 8.36 -15.38
CA SER A 8 4.52 6.99 -15.59
C SER A 8 3.31 6.08 -15.83
N GLY A 9 3.50 4.76 -15.97
CA GLY A 9 2.42 3.77 -16.11
C GLY A 9 2.29 2.89 -14.87
N ILE A 10 2.38 3.44 -13.66
CA ILE A 10 2.39 2.71 -12.40
C ILE A 10 1.05 1.98 -12.21
N LYS A 11 1.07 0.65 -11.99
CA LYS A 11 -0.13 -0.19 -11.76
C LYS A 11 -0.19 -0.80 -10.36
N GLU A 12 0.68 -0.36 -9.47
CA GLU A 12 0.84 -0.92 -8.14
C GLU A 12 1.59 0.12 -7.32
N ILE A 13 1.18 0.34 -6.07
CA ILE A 13 1.82 1.30 -5.16
C ILE A 13 2.19 0.55 -3.88
N ILE A 14 3.14 1.08 -3.11
CA ILE A 14 3.88 0.30 -2.15
C ILE A 14 4.03 1.15 -0.89
N ILE A 15 3.10 0.97 0.06
CA ILE A 15 3.17 1.69 1.33
C ILE A 15 4.41 1.17 2.05
N GLN A 16 5.32 2.07 2.40
CA GLN A 16 6.55 1.66 3.04
C GLN A 16 6.27 1.28 4.49
N GLY A 17 7.13 0.42 5.06
CA GLY A 17 7.15 0.17 6.51
C GLY A 17 8.00 1.19 7.26
N LEU A 18 8.46 2.23 6.57
CA LEU A 18 9.30 3.30 7.08
C LEU A 18 8.45 4.55 7.25
N THR A 19 8.79 5.38 8.24
CA THR A 19 8.15 6.66 8.47
C THR A 19 8.48 7.66 7.35
N ARG A 20 7.78 8.80 7.36
CA ARG A 20 8.06 9.99 6.54
C ARG A 20 9.54 10.39 6.58
N ALA A 21 10.17 10.24 7.75
CA ALA A 21 11.60 10.40 7.91
C ALA A 21 12.32 9.28 7.17
N GLY A 22 12.24 8.08 7.73
CA GLY A 22 12.99 6.92 7.29
C GLY A 22 13.40 6.04 8.48
N LYS A 23 12.66 6.09 9.58
CA LYS A 23 12.80 5.12 10.66
C LYS A 23 11.83 3.96 10.46
N PRO A 24 12.11 2.76 11.00
CA PRO A 24 11.14 1.67 10.98
C PRO A 24 9.93 2.04 11.84
N PHE A 25 8.78 1.46 11.50
CA PHE A 25 7.56 1.54 12.27
C PHE A 25 7.29 0.17 12.89
N ARG A 26 6.78 0.14 14.13
CA ARG A 26 6.26 -1.08 14.77
C ARG A 26 4.72 -1.03 14.87
N PRO A 27 4.04 -2.18 14.83
CA PRO A 27 4.65 -3.50 14.76
C PRO A 27 5.21 -3.69 13.36
N SER A 28 6.35 -4.38 13.25
CA SER A 28 6.93 -4.61 11.93
C SER A 28 5.97 -5.47 11.10
N ASP A 29 5.19 -6.32 11.79
CA ASP A 29 4.20 -7.27 11.28
C ASP A 29 2.91 -6.60 10.77
N TRP A 30 2.81 -5.26 10.70
CA TRP A 30 1.62 -4.56 10.18
C TRP A 30 1.19 -5.11 8.80
N VAL A 31 2.16 -5.58 8.03
CA VAL A 31 2.01 -6.18 6.72
C VAL A 31 1.11 -7.43 6.75
N ASP A 32 1.11 -8.20 7.84
CA ASP A 32 0.26 -9.38 7.99
C ASP A 32 -1.10 -9.03 8.60
N ARG A 33 -1.19 -7.87 9.25
CA ARG A 33 -2.47 -7.36 9.74
C ARG A 33 -3.31 -6.93 8.53
N MET A 34 -2.70 -6.15 7.65
CA MET A 34 -3.35 -5.54 6.49
C MET A 34 -3.82 -6.56 5.46
N CYS A 35 -3.03 -7.59 5.14
CA CYS A 35 -3.45 -8.58 4.15
C CYS A 35 -4.74 -9.28 4.60
N SER A 36 -4.81 -9.63 5.89
CA SER A 36 -5.99 -10.18 6.54
C SER A 36 -7.16 -9.20 6.55
N THR A 37 -6.95 -7.88 6.68
CA THR A 37 -8.04 -6.89 6.65
C THR A 37 -8.91 -7.05 5.40
N TYR A 38 -8.31 -7.18 4.22
CA TYR A 38 -9.06 -7.28 2.97
C TYR A 38 -9.28 -8.72 2.51
N ALA A 39 -8.77 -9.70 3.24
CA ALA A 39 -9.03 -11.10 3.01
C ALA A 39 -10.50 -11.43 3.29
N SER A 40 -10.89 -12.62 2.89
CA SER A 40 -12.18 -13.25 3.14
C SER A 40 -11.95 -14.69 3.59
N PHE A 41 -12.89 -15.27 4.33
CA PHE A 41 -12.92 -16.71 4.55
C PHE A 41 -13.13 -17.44 3.23
N GLY A 42 -12.67 -18.69 3.15
CA GLY A 42 -12.74 -19.48 1.92
C GLY A 42 -13.22 -20.86 2.23
N ALA A 43 -14.54 -21.05 2.40
CA ALA A 43 -15.31 -22.24 2.80
C ALA A 43 -14.84 -22.88 4.10
N ASP A 44 -13.57 -23.27 4.14
CA ASP A 44 -12.68 -23.78 5.18
C ASP A 44 -12.55 -22.79 6.37
N ARG A 45 -13.26 -21.64 6.30
CA ARG A 45 -13.34 -20.59 7.31
C ARG A 45 -11.97 -20.10 7.80
N LYS A 46 -10.98 -19.93 6.91
CA LYS A 46 -9.59 -19.80 7.37
C LYS A 46 -8.81 -18.60 6.91
N LEU A 47 -9.54 -17.58 6.53
CA LEU A 47 -9.14 -16.42 5.80
C LEU A 47 -8.28 -16.76 4.58
N ARG A 48 -8.24 -15.86 3.60
CA ARG A 48 -7.56 -16.07 2.34
C ARG A 48 -7.21 -14.70 1.83
N TYR A 49 -5.92 -14.36 1.85
CA TYR A 49 -5.46 -13.05 1.41
C TYR A 49 -5.95 -12.79 -0.02
N SER A 50 -6.51 -11.60 -0.20
CA SER A 50 -7.01 -11.12 -1.47
C SER A 50 -5.85 -10.79 -2.40
N PRO A 51 -6.08 -10.79 -3.73
CA PRO A 51 -5.01 -10.62 -4.71
C PRO A 51 -4.39 -9.23 -4.63
N TYR A 52 -5.13 -8.23 -4.14
CA TYR A 52 -4.78 -6.82 -4.29
C TYR A 52 -3.78 -6.31 -3.24
N LEU A 53 -3.14 -7.20 -2.48
CA LEU A 53 -2.38 -6.86 -1.30
C LEU A 53 -1.29 -7.92 -1.09
N LYS A 54 0.00 -7.60 -1.34
CA LYS A 54 1.10 -8.56 -1.12
C LYS A 54 2.39 -7.90 -0.62
N PRO A 55 3.20 -8.58 0.22
CA PRO A 55 4.42 -8.02 0.80
C PRO A 55 5.54 -7.89 -0.24
N ARG A 56 6.61 -7.19 0.14
CA ARG A 56 7.90 -7.17 -0.55
C ARG A 56 9.04 -7.25 0.46
N VAL A 57 10.25 -6.99 -0.03
CA VAL A 57 11.31 -6.32 0.70
C VAL A 57 11.72 -5.16 -0.19
N ILE A 58 11.84 -3.96 0.38
CA ILE A 58 12.36 -2.74 -0.23
C ILE A 58 13.44 -2.29 0.74
N GLU A 59 14.72 -2.34 0.36
CA GLU A 59 15.84 -1.90 1.21
C GLU A 59 15.86 -2.54 2.61
N GLY A 60 15.26 -3.73 2.77
CA GLY A 60 15.16 -4.44 4.04
C GLY A 60 13.88 -4.11 4.82
N VAL A 61 13.10 -3.14 4.38
CA VAL A 61 11.78 -2.86 4.89
C VAL A 61 10.81 -3.84 4.24
N ARG A 62 9.81 -4.30 4.97
CA ARG A 62 8.75 -5.17 4.47
C ARG A 62 7.96 -4.48 3.34
N CYS A 63 7.23 -3.43 3.70
CA CYS A 63 6.27 -2.73 2.84
C CYS A 63 5.10 -3.65 2.42
N LEU A 64 4.07 -3.07 1.81
CA LEU A 64 2.92 -3.81 1.29
C LEU A 64 2.50 -3.12 0.00
N ALA A 65 2.38 -3.90 -1.06
CA ALA A 65 1.88 -3.45 -2.34
C ALA A 65 0.36 -3.42 -2.27
N VAL A 66 -0.28 -2.35 -2.76
CA VAL A 66 -1.70 -2.22 -2.98
C VAL A 66 -1.82 -2.30 -4.52
N ASP A 67 -2.58 -3.25 -5.07
CA ASP A 67 -2.81 -3.41 -6.52
C ASP A 67 -3.81 -2.35 -6.99
N LEU A 68 -3.50 -1.63 -8.07
CA LEU A 68 -4.41 -0.64 -8.64
C LEU A 68 -5.67 -1.30 -9.21
N LYS A 69 -5.65 -2.60 -9.51
CA LYS A 69 -6.84 -3.30 -10.01
C LYS A 69 -7.99 -3.18 -9.03
N LEU A 70 -7.72 -3.16 -7.71
CA LEU A 70 -8.77 -2.96 -6.71
C LEU A 70 -9.53 -1.69 -7.05
N LYS A 71 -8.83 -0.60 -7.37
CA LYS A 71 -9.42 0.73 -7.54
C LYS A 71 -10.48 0.75 -8.67
N ASP A 72 -10.41 -0.21 -9.58
CA ASP A 72 -11.40 -0.36 -10.65
C ASP A 72 -12.71 -0.96 -10.12
N THR A 73 -12.62 -1.77 -9.05
CA THR A 73 -13.69 -2.62 -8.53
C THR A 73 -14.24 -2.13 -7.17
N ASN A 74 -13.41 -1.78 -6.16
CA ASN A 74 -13.88 -1.32 -4.83
C ASN A 74 -13.03 -0.17 -4.25
N PRO A 75 -12.99 1.00 -4.87
CA PRO A 75 -11.92 1.98 -4.62
C PRO A 75 -11.93 2.62 -3.23
N GLU A 76 -13.00 2.42 -2.47
CA GLU A 76 -13.17 2.71 -1.07
C GLU A 76 -12.03 2.11 -0.24
N GLY A 77 -11.71 0.83 -0.47
CA GLY A 77 -10.63 0.15 0.22
C GLY A 77 -9.29 0.82 -0.07
N PHE A 78 -9.04 1.17 -1.33
CA PHE A 78 -7.85 1.88 -1.77
C PHE A 78 -7.74 3.24 -1.06
N ASN A 79 -8.84 4.00 -1.01
CA ASN A 79 -8.92 5.31 -0.37
C ASN A 79 -8.55 5.21 1.12
N GLN A 80 -9.05 4.20 1.81
CA GLN A 80 -8.73 3.95 3.21
C GLN A 80 -7.27 3.52 3.35
N LEU A 81 -6.75 2.71 2.42
CA LEU A 81 -5.36 2.28 2.38
C LEU A 81 -4.41 3.48 2.37
N MET A 82 -4.71 4.50 1.56
CA MET A 82 -3.87 5.68 1.49
C MET A 82 -3.89 6.47 2.82
N HIS A 83 -5.04 6.48 3.50
CA HIS A 83 -5.17 7.15 4.78
C HIS A 83 -4.39 6.43 5.87
N PHE A 84 -4.38 5.10 5.85
CA PHE A 84 -3.62 4.27 6.78
C PHE A 84 -2.15 4.68 6.80
N ALA A 85 -1.56 4.88 5.61
CA ALA A 85 -0.21 5.39 5.49
C ALA A 85 -0.04 6.73 6.22
N THR A 86 -0.83 7.75 5.86
CA THR A 86 -0.76 9.07 6.46
C THR A 86 -0.87 8.97 7.98
N GLU A 87 -1.88 8.25 8.50
CA GLU A 87 -2.21 8.19 9.91
C GLU A 87 -1.04 7.61 10.73
N ASN A 88 -0.33 6.63 10.15
CA ASN A 88 0.80 5.99 10.81
C ASN A 88 2.12 6.71 10.50
N GLN A 89 2.05 7.87 9.83
CA GLN A 89 3.18 8.68 9.37
C GLN A 89 4.11 7.91 8.44
N LEU A 90 3.59 6.94 7.70
CA LEU A 90 4.35 6.09 6.80
C LEU A 90 4.53 6.75 5.45
N ASN A 91 5.58 6.34 4.74
CA ASN A 91 5.93 6.83 3.41
C ASN A 91 5.14 6.04 2.35
N ILE A 92 4.92 6.62 1.16
CA ILE A 92 4.11 6.04 0.09
C ILE A 92 5.02 5.96 -1.13
N LEU A 93 5.55 4.78 -1.44
CA LEU A 93 6.36 4.55 -2.64
C LEU A 93 5.45 4.10 -3.78
N ASP A 94 5.96 4.15 -5.01
CA ASP A 94 5.33 3.56 -6.18
C ASP A 94 5.91 2.17 -6.45
N ALA A 95 5.55 1.60 -7.60
CA ALA A 95 6.10 0.36 -8.13
C ALA A 95 7.62 0.40 -8.22
N GLU A 96 8.24 1.51 -8.64
CA GLU A 96 9.69 1.65 -8.71
C GLU A 96 10.31 1.67 -7.33
N GLY A 97 9.63 2.24 -6.34
CA GLY A 97 10.16 2.55 -5.03
C GLY A 97 10.50 4.03 -4.89
N ASN A 98 9.78 4.92 -5.58
CA ASN A 98 9.95 6.37 -5.52
C ASN A 98 8.82 6.95 -4.67
N SER A 99 9.11 7.85 -3.71
CA SER A 99 8.12 8.38 -2.78
C SER A 99 7.19 9.40 -3.46
N ILE A 100 5.96 8.98 -3.78
CA ILE A 100 4.93 9.75 -4.47
C ILE A 100 3.91 10.32 -3.47
N ASP A 101 3.06 11.23 -3.94
CA ASP A 101 1.81 11.60 -3.29
C ASP A 101 0.73 10.59 -3.62
N ALA A 102 -0.34 10.59 -2.82
CA ALA A 102 -1.56 9.87 -3.14
C ALA A 102 -2.38 10.60 -4.19
N ALA A 103 -2.29 11.93 -4.26
CA ALA A 103 -2.94 12.75 -5.27
C ALA A 103 -2.60 12.23 -6.67
N GLN A 104 -1.34 11.84 -6.87
CA GLN A 104 -0.82 11.27 -8.10
C GLN A 104 -1.34 9.85 -8.37
N VAL A 105 -2.25 9.31 -7.55
CA VAL A 105 -2.78 7.96 -7.68
C VAL A 105 -4.31 7.90 -7.58
N THR A 106 -4.93 8.68 -6.70
CA THR A 106 -6.37 8.53 -6.46
C THR A 106 -7.23 9.19 -7.54
N GLU A 107 -6.65 9.85 -8.54
CA GLU A 107 -7.38 10.67 -9.52
C GLU A 107 -7.26 10.15 -10.95
N ILE A 108 -6.48 9.08 -11.15
CA ILE A 108 -6.21 8.44 -12.45
C ILE A 108 -7.52 7.89 -12.99
N GLY A 1 7.50 21.54 -3.16
CA GLY A 1 7.45 21.55 -4.62
C GLY A 1 8.72 20.95 -5.20
N MET A 2 8.82 19.61 -5.24
CA MET A 2 10.06 18.91 -5.55
C MET A 2 10.04 18.49 -7.03
N GLY A 3 9.43 17.35 -7.34
CA GLY A 3 9.50 16.71 -8.64
C GLY A 3 8.25 15.85 -8.82
N THR A 4 8.36 14.78 -9.61
CA THR A 4 7.30 13.78 -9.80
C THR A 4 5.95 14.46 -10.09
N THR A 5 5.89 15.17 -11.22
CA THR A 5 4.70 15.81 -11.76
C THR A 5 4.56 15.45 -13.24
N GLU A 6 4.83 14.19 -13.56
CA GLU A 6 4.51 13.55 -14.82
C GLU A 6 3.46 12.46 -14.54
N LYS A 7 3.16 11.61 -15.52
CA LYS A 7 2.39 10.39 -15.35
C LYS A 7 3.16 9.26 -16.02
N SER A 8 2.74 8.03 -15.75
CA SER A 8 3.24 6.82 -16.35
C SER A 8 2.04 5.90 -16.58
N GLY A 9 2.28 4.60 -16.72
CA GLY A 9 1.27 3.56 -16.83
C GLY A 9 1.15 2.72 -15.56
N ILE A 10 1.65 3.24 -14.44
CA ILE A 10 1.77 2.55 -13.17
C ILE A 10 0.42 2.03 -12.69
N LYS A 11 0.40 0.80 -12.18
CA LYS A 11 -0.75 0.14 -11.55
C LYS A 11 -0.38 -0.56 -10.24
N GLU A 12 0.62 -0.08 -9.50
CA GLU A 12 0.90 -0.59 -8.16
C GLU A 12 1.48 0.56 -7.33
N ILE A 13 1.35 0.49 -6.01
CA ILE A 13 1.99 1.38 -5.04
C ILE A 13 2.57 0.50 -3.93
N ILE A 14 3.42 1.06 -3.07
CA ILE A 14 4.05 0.33 -1.98
C ILE A 14 4.00 1.20 -0.74
N ILE A 15 3.19 0.82 0.24
CA ILE A 15 3.31 1.41 1.56
C ILE A 15 4.57 0.79 2.15
N GLN A 16 5.63 1.58 2.27
CA GLN A 16 6.86 1.14 2.89
C GLN A 16 6.60 0.87 4.39
N GLY A 17 7.37 -0.02 5.01
CA GLY A 17 7.37 -0.19 6.47
C GLY A 17 8.20 0.88 7.19
N LEU A 18 8.42 2.01 6.53
CA LEU A 18 9.21 3.16 6.95
C LEU A 18 8.26 4.33 7.05
N THR A 19 8.60 5.30 7.87
CA THR A 19 7.91 6.57 7.94
C THR A 19 8.25 7.42 6.72
N ARG A 20 7.48 8.48 6.50
CA ARG A 20 7.79 9.59 5.60
C ARG A 20 9.18 10.18 5.89
N ALA A 21 9.64 10.17 7.15
CA ALA A 21 10.97 10.60 7.54
C ALA A 21 12.08 9.66 7.06
N GLY A 22 11.74 8.40 6.80
CA GLY A 22 12.66 7.36 6.38
C GLY A 22 13.23 6.57 7.56
N LYS A 23 12.48 6.38 8.65
CA LYS A 23 12.81 5.35 9.63
C LYS A 23 11.65 4.43 10.02
N PRO A 24 11.92 3.25 10.59
CA PRO A 24 10.92 2.19 10.60
C PRO A 24 9.84 2.42 11.63
N PHE A 25 8.70 1.77 11.37
CA PHE A 25 7.51 1.85 12.18
C PHE A 25 7.32 0.51 12.89
N ARG A 26 6.72 0.51 14.08
CA ARG A 26 6.30 -0.70 14.77
C ARG A 26 4.80 -0.58 15.09
N PRO A 27 4.04 -1.68 15.11
CA PRO A 27 4.51 -3.05 14.94
C PRO A 27 4.91 -3.31 13.49
N SER A 28 6.06 -3.94 13.28
CA SER A 28 6.56 -4.31 11.96
C SER A 28 5.65 -5.32 11.25
N ASP A 29 4.72 -5.91 12.00
CA ASP A 29 3.76 -6.94 11.59
C ASP A 29 2.53 -6.31 10.92
N TRP A 30 2.44 -4.96 10.84
CA TRP A 30 1.31 -4.23 10.25
C TRP A 30 0.91 -4.77 8.87
N VAL A 31 1.88 -5.32 8.15
CA VAL A 31 1.79 -5.91 6.82
C VAL A 31 0.80 -7.08 6.80
N ASP A 32 0.75 -7.89 7.86
CA ASP A 32 -0.19 -9.00 7.99
C ASP A 32 -1.47 -8.56 8.67
N ARG A 33 -1.44 -7.45 9.44
CA ARG A 33 -2.67 -6.87 9.98
C ARG A 33 -3.52 -6.34 8.84
N MET A 34 -2.88 -5.72 7.85
CA MET A 34 -3.58 -5.17 6.71
C MET A 34 -4.16 -6.29 5.85
N CYS A 35 -3.36 -7.27 5.44
CA CYS A 35 -3.90 -8.30 4.55
C CYS A 35 -5.03 -9.09 5.23
N SER A 36 -4.99 -9.32 6.55
CA SER A 36 -6.08 -9.99 7.25
C SER A 36 -7.36 -9.15 7.19
N THR A 37 -7.23 -7.85 7.41
CA THR A 37 -8.34 -6.89 7.35
C THR A 37 -8.96 -6.89 5.95
N TYR A 38 -8.14 -6.85 4.91
CA TYR A 38 -8.56 -6.87 3.51
C TYR A 38 -8.63 -8.32 3.00
N ALA A 39 -9.18 -9.23 3.80
CA ALA A 39 -9.42 -10.63 3.46
C ALA A 39 -10.67 -11.14 4.17
N SER A 40 -11.13 -12.33 3.76
CA SER A 40 -12.28 -13.01 4.33
C SER A 40 -12.04 -14.51 4.24
N PHE A 41 -12.91 -15.28 4.89
CA PHE A 41 -12.85 -16.72 4.81
C PHE A 41 -13.30 -17.21 3.45
N GLY A 42 -12.40 -17.93 2.79
CA GLY A 42 -12.72 -18.85 1.71
C GLY A 42 -13.40 -20.11 2.27
N ALA A 43 -13.98 -20.92 1.38
CA ALA A 43 -14.92 -22.01 1.66
C ALA A 43 -14.51 -22.93 2.82
N ASP A 44 -13.22 -23.23 2.94
CA ASP A 44 -12.56 -24.09 3.93
C ASP A 44 -12.58 -23.52 5.35
N ARG A 45 -13.38 -22.49 5.59
CA ARG A 45 -13.42 -21.66 6.79
C ARG A 45 -12.00 -21.25 7.19
N LYS A 46 -11.30 -20.55 6.29
CA LYS A 46 -9.94 -20.09 6.55
C LYS A 46 -9.71 -18.79 5.80
N LEU A 47 -9.01 -17.83 6.42
CA LEU A 47 -8.75 -16.51 5.84
C LEU A 47 -8.03 -16.66 4.51
N ARG A 48 -8.36 -15.78 3.55
CA ARG A 48 -7.83 -15.81 2.19
C ARG A 48 -7.51 -14.40 1.75
N TYR A 49 -6.23 -14.05 1.82
CA TYR A 49 -5.71 -12.76 1.38
C TYR A 49 -6.05 -12.53 -0.08
N SER A 50 -6.64 -11.38 -0.41
CA SER A 50 -7.01 -10.96 -1.75
C SER A 50 -5.81 -10.90 -2.71
N PRO A 51 -6.07 -10.90 -4.03
CA PRO A 51 -5.03 -10.83 -5.05
C PRO A 51 -4.16 -9.57 -4.99
N TYR A 52 -4.69 -8.45 -4.49
CA TYR A 52 -4.14 -7.12 -4.74
C TYR A 52 -3.13 -6.65 -3.69
N LEU A 53 -2.62 -7.56 -2.88
CA LEU A 53 -1.98 -7.22 -1.62
C LEU A 53 -0.83 -8.21 -1.39
N LYS A 54 0.40 -7.70 -1.23
CA LYS A 54 1.60 -8.51 -1.13
C LYS A 54 2.76 -7.93 -0.33
N PRO A 55 3.51 -8.72 0.46
CA PRO A 55 4.72 -8.23 1.10
C PRO A 55 5.88 -8.19 0.10
N ARG A 56 6.93 -7.42 0.42
CA ARG A 56 8.18 -7.33 -0.33
C ARG A 56 9.37 -7.36 0.64
N VAL A 57 10.58 -7.07 0.16
CA VAL A 57 11.74 -6.75 0.97
C VAL A 57 12.51 -5.66 0.23
N ILE A 58 12.06 -4.41 0.33
CA ILE A 58 12.80 -3.27 -0.21
C ILE A 58 13.79 -2.89 0.86
N GLU A 59 15.09 -2.96 0.55
CA GLU A 59 16.14 -2.49 1.45
C GLU A 59 16.05 -3.12 2.86
N GLY A 60 15.54 -4.36 2.94
CA GLY A 60 15.35 -5.09 4.18
C GLY A 60 13.97 -4.96 4.79
N VAL A 61 13.11 -4.09 4.26
CA VAL A 61 11.81 -3.72 4.82
C VAL A 61 10.73 -4.51 4.12
N ARG A 62 9.86 -5.09 4.94
CA ARG A 62 8.64 -5.79 4.54
C ARG A 62 7.88 -5.00 3.47
N CYS A 63 7.38 -3.82 3.85
CA CYS A 63 6.43 -3.04 3.05
C CYS A 63 5.17 -3.87 2.75
N LEU A 64 4.22 -3.28 2.03
CA LEU A 64 3.04 -3.95 1.53
C LEU A 64 2.76 -3.32 0.18
N ALA A 65 2.84 -4.11 -0.90
CA ALA A 65 2.49 -3.65 -2.22
C ALA A 65 0.98 -3.79 -2.35
N VAL A 66 0.38 -2.83 -3.04
CA VAL A 66 -1.06 -2.67 -3.18
C VAL A 66 -1.28 -2.40 -4.67
N ASP A 67 -1.91 -3.35 -5.36
CA ASP A 67 -2.19 -3.25 -6.79
C ASP A 67 -3.35 -2.26 -6.99
N LEU A 68 -3.15 -1.27 -7.86
CA LEU A 68 -4.14 -0.24 -8.19
C LEU A 68 -5.40 -0.81 -8.83
N LYS A 69 -5.36 -2.02 -9.38
CA LYS A 69 -6.54 -2.68 -9.94
C LYS A 69 -7.65 -2.78 -8.90
N LEU A 70 -7.32 -2.84 -7.61
CA LEU A 70 -8.31 -2.77 -6.54
C LEU A 70 -9.17 -1.51 -6.64
N LYS A 71 -8.62 -0.35 -6.99
CA LYS A 71 -9.39 0.91 -7.14
C LYS A 71 -10.51 0.74 -8.18
N ASP A 72 -10.28 -0.05 -9.22
CA ASP A 72 -11.22 -0.24 -10.32
C ASP A 72 -12.45 -1.05 -9.91
N THR A 73 -12.29 -1.89 -8.89
CA THR A 73 -13.29 -2.89 -8.48
C THR A 73 -13.78 -2.63 -7.04
N ASN A 74 -13.08 -1.80 -6.27
CA ASN A 74 -13.42 -1.32 -4.94
C ASN A 74 -12.61 -0.04 -4.64
N PRO A 75 -13.02 1.12 -5.18
CA PRO A 75 -12.35 2.38 -4.89
C PRO A 75 -12.53 2.78 -3.43
N GLU A 76 -13.59 2.35 -2.77
CA GLU A 76 -13.96 2.70 -1.40
C GLU A 76 -12.93 2.12 -0.41
N GLY A 77 -12.63 0.83 -0.56
CA GLY A 77 -11.58 0.16 0.19
C GLY A 77 -10.24 0.83 -0.07
N PHE A 78 -9.91 1.09 -1.34
CA PHE A 78 -8.69 1.79 -1.72
C PHE A 78 -8.58 3.16 -1.01
N ASN A 79 -9.72 3.79 -0.74
CA ASN A 79 -9.89 5.09 -0.10
C ASN A 79 -9.54 5.05 1.38
N GLN A 80 -9.98 4.02 2.11
CA GLN A 80 -9.57 3.80 3.49
C GLN A 80 -8.09 3.40 3.56
N LEU A 81 -7.66 2.54 2.63
CA LEU A 81 -6.35 1.91 2.70
C LEU A 81 -5.24 2.94 2.68
N MET A 82 -5.33 3.91 1.76
CA MET A 82 -4.27 4.91 1.69
C MET A 82 -4.26 5.81 2.92
N HIS A 83 -5.44 6.14 3.46
CA HIS A 83 -5.54 6.97 4.64
C HIS A 83 -4.82 6.35 5.82
N PHE A 84 -4.87 5.02 5.94
CA PHE A 84 -4.10 4.30 6.96
C PHE A 84 -2.61 4.61 6.87
N ALA A 85 -2.03 4.68 5.66
CA ALA A 85 -0.64 5.06 5.49
C ALA A 85 -0.41 6.53 5.86
N THR A 86 -1.30 7.43 5.45
CA THR A 86 -1.27 8.84 5.83
C THR A 86 -1.26 8.97 7.37
N GLU A 87 -2.15 8.27 8.06
CA GLU A 87 -2.32 8.28 9.51
C GLU A 87 -1.04 7.83 10.22
N ASN A 88 -0.46 6.70 9.80
CA ASN A 88 0.67 6.11 10.51
C ASN A 88 1.98 6.79 10.12
N GLN A 89 1.90 7.88 9.34
CA GLN A 89 3.00 8.60 8.74
C GLN A 89 3.89 7.70 7.90
N LEU A 90 3.35 6.61 7.36
CA LEU A 90 4.10 5.65 6.57
C LEU A 90 4.42 6.25 5.20
N ASN A 91 5.58 5.89 4.68
CA ASN A 91 6.10 6.35 3.40
C ASN A 91 5.29 5.66 2.33
N ILE A 92 4.35 6.36 1.68
CA ILE A 92 3.71 5.85 0.49
C ILE A 92 4.75 6.03 -0.59
N LEU A 93 5.29 4.92 -1.09
CA LEU A 93 6.00 4.87 -2.33
C LEU A 93 5.02 4.49 -3.44
N ASP A 94 5.52 4.66 -4.64
CA ASP A 94 4.86 4.31 -5.90
C ASP A 94 5.43 2.99 -6.43
N ALA A 95 5.05 2.64 -7.66
CA ALA A 95 5.61 1.47 -8.34
C ALA A 95 7.09 1.64 -8.67
N GLU A 96 7.63 2.85 -8.77
CA GLU A 96 9.08 3.02 -8.86
C GLU A 96 9.74 2.77 -7.49
N GLY A 97 8.97 2.77 -6.41
CA GLY A 97 9.45 2.79 -5.04
C GLY A 97 9.99 4.16 -4.65
N ASN A 98 9.61 5.22 -5.37
CA ASN A 98 9.88 6.60 -4.94
C ASN A 98 8.70 7.08 -4.11
N SER A 99 8.97 7.90 -3.09
CA SER A 99 7.95 8.47 -2.23
C SER A 99 7.06 9.45 -3.01
N ILE A 100 5.74 9.32 -2.89
CA ILE A 100 4.74 10.20 -3.50
C ILE A 100 3.65 10.56 -2.48
N ASP A 101 2.81 11.55 -2.81
CA ASP A 101 1.55 11.79 -2.12
C ASP A 101 0.50 10.82 -2.66
N ALA A 102 -0.58 10.65 -1.90
CA ALA A 102 -1.65 9.70 -2.19
C ALA A 102 -2.55 10.16 -3.33
N ALA A 103 -2.73 11.48 -3.50
CA ALA A 103 -3.66 12.00 -4.49
C ALA A 103 -3.25 11.60 -5.91
N GLN A 104 -1.94 11.57 -6.16
CA GLN A 104 -1.34 11.13 -7.41
C GLN A 104 -1.78 9.72 -7.82
N VAL A 105 -2.16 8.88 -6.86
CA VAL A 105 -2.54 7.49 -7.08
C VAL A 105 -4.02 7.41 -7.40
N THR A 106 -4.87 8.07 -6.61
CA THR A 106 -6.32 7.88 -6.70
C THR A 106 -6.91 8.44 -8.00
N GLU A 107 -6.18 9.35 -8.64
CA GLU A 107 -6.65 10.13 -9.77
C GLU A 107 -6.48 9.39 -11.10
N ILE A 108 -6.19 8.09 -11.06
CA ILE A 108 -5.94 7.26 -12.21
C ILE A 108 -7.24 6.49 -12.43
N GLY A 1 1.20 19.94 -16.59
CA GLY A 1 1.18 18.54 -16.15
C GLY A 1 1.51 18.43 -14.67
N MET A 2 1.74 17.20 -14.22
CA MET A 2 1.87 16.86 -12.80
C MET A 2 3.13 16.00 -12.65
N GLY A 3 4.28 16.60 -12.95
CA GLY A 3 5.55 15.91 -13.12
C GLY A 3 5.70 15.49 -14.59
N THR A 4 6.93 15.57 -15.13
CA THR A 4 7.45 15.01 -16.39
C THR A 4 6.57 15.17 -17.67
N THR A 5 5.51 15.98 -17.59
CA THR A 5 4.37 16.16 -18.47
C THR A 5 3.52 14.91 -18.77
N GLU A 6 3.81 13.78 -18.15
CA GLU A 6 2.91 12.64 -18.08
C GLU A 6 3.01 11.91 -16.72
N LYS A 7 2.49 10.69 -16.63
CA LYS A 7 2.53 9.81 -15.47
C LYS A 7 3.03 8.46 -15.98
N SER A 8 3.91 7.80 -15.24
CA SER A 8 4.48 6.52 -15.65
C SER A 8 3.48 5.38 -15.51
N GLY A 9 3.81 4.21 -16.08
CA GLY A 9 3.00 2.99 -16.10
C GLY A 9 2.87 2.29 -14.75
N ILE A 10 3.00 3.06 -13.68
CA ILE A 10 2.88 2.66 -12.29
C ILE A 10 1.40 2.32 -12.05
N LYS A 11 1.17 1.18 -11.40
CA LYS A 11 -0.15 0.69 -10.99
C LYS A 11 -0.09 0.13 -9.57
N GLU A 12 0.82 0.60 -8.73
CA GLU A 12 1.08 0.00 -7.43
C GLU A 12 1.85 1.03 -6.60
N ILE A 13 1.46 1.25 -5.34
CA ILE A 13 2.28 1.95 -4.34
C ILE A 13 2.80 0.95 -3.33
N ILE A 14 3.81 1.32 -2.53
CA ILE A 14 4.52 0.39 -1.67
C ILE A 14 4.84 1.13 -0.37
N ILE A 15 3.89 1.08 0.57
CA ILE A 15 3.94 1.74 1.87
C ILE A 15 5.12 1.17 2.63
N GLN A 16 6.07 2.04 2.95
CA GLN A 16 7.25 1.65 3.67
C GLN A 16 6.88 1.30 5.11
N GLY A 17 7.58 0.33 5.70
CA GLY A 17 7.43 0.01 7.11
C GLY A 17 8.19 0.99 8.02
N LEU A 18 8.71 2.09 7.47
CA LEU A 18 9.46 3.16 8.13
C LEU A 18 8.57 4.40 8.23
N THR A 19 8.77 5.20 9.28
CA THR A 19 8.11 6.48 9.43
C THR A 19 8.90 7.57 8.72
N ARG A 20 8.33 8.78 8.61
CA ARG A 20 9.02 10.01 8.18
C ARG A 20 10.34 10.26 8.92
N ALA A 21 10.46 9.77 10.15
CA ALA A 21 11.61 9.93 11.01
C ALA A 21 12.72 8.90 10.74
N GLY A 22 12.54 8.00 9.76
CA GLY A 22 13.54 7.04 9.36
C GLY A 22 13.66 5.84 10.32
N LYS A 23 12.72 5.68 11.25
CA LYS A 23 12.64 4.58 12.20
C LYS A 23 11.55 3.60 11.76
N PRO A 24 11.65 2.31 12.11
CA PRO A 24 10.65 1.31 11.73
C PRO A 24 9.42 1.44 12.61
N PHE A 25 8.24 1.41 12.00
CA PHE A 25 6.96 1.43 12.69
C PHE A 25 6.75 0.11 13.44
N ARG A 26 5.93 0.10 14.50
CA ARG A 26 5.47 -1.11 15.14
C ARG A 26 3.94 -1.13 15.11
N PRO A 27 3.33 -2.33 15.02
CA PRO A 27 4.06 -3.57 14.97
C PRO A 27 4.71 -3.74 13.59
N SER A 28 5.91 -4.30 13.55
CA SER A 28 6.57 -4.67 12.30
C SER A 28 5.75 -5.66 11.47
N ASP A 29 4.84 -6.35 12.16
CA ASP A 29 3.93 -7.39 11.71
C ASP A 29 2.61 -6.80 11.18
N TRP A 30 2.52 -5.46 11.04
CA TRP A 30 1.38 -4.74 10.46
C TRP A 30 1.00 -5.29 9.08
N VAL A 31 2.01 -5.84 8.40
CA VAL A 31 2.01 -6.39 7.07
C VAL A 31 0.90 -7.42 6.91
N ASP A 32 0.90 -8.48 7.71
CA ASP A 32 0.00 -9.61 7.45
C ASP A 32 -1.40 -9.33 7.99
N ARG A 33 -1.53 -8.34 8.90
CA ARG A 33 -2.84 -7.85 9.30
C ARG A 33 -3.56 -7.26 8.10
N MET A 34 -2.86 -6.56 7.19
CA MET A 34 -3.51 -6.01 6.01
C MET A 34 -4.10 -7.14 5.17
N CYS A 35 -3.33 -8.19 4.87
CA CYS A 35 -3.84 -9.20 3.96
C CYS A 35 -5.05 -9.92 4.53
N SER A 36 -5.09 -10.20 5.84
CA SER A 36 -6.28 -10.76 6.48
C SER A 36 -7.46 -9.79 6.45
N THR A 37 -7.23 -8.50 6.74
CA THR A 37 -8.30 -7.49 6.78
C THR A 37 -8.89 -7.23 5.39
N TYR A 38 -8.11 -7.48 4.34
CA TYR A 38 -8.47 -7.35 2.94
C TYR A 38 -8.50 -8.75 2.30
N ALA A 39 -9.06 -9.72 3.02
CA ALA A 39 -9.31 -11.07 2.54
C ALA A 39 -10.79 -11.38 2.67
N SER A 40 -11.19 -12.51 2.09
CA SER A 40 -12.49 -13.10 2.32
C SER A 40 -12.31 -14.58 2.62
N PHE A 41 -13.26 -15.16 3.34
CA PHE A 41 -13.46 -16.60 3.33
C PHE A 41 -14.03 -16.98 1.96
N GLY A 42 -13.53 -18.10 1.42
CA GLY A 42 -14.09 -18.75 0.26
C GLY A 42 -15.38 -19.50 0.63
N ALA A 43 -15.98 -20.13 -0.38
CA ALA A 43 -17.14 -21.00 -0.21
C ALA A 43 -16.91 -22.07 0.86
N ASP A 44 -15.67 -22.57 0.97
CA ASP A 44 -15.28 -23.59 1.95
C ASP A 44 -14.99 -23.01 3.34
N ARG A 45 -15.26 -21.71 3.55
CA ARG A 45 -15.05 -20.95 4.80
C ARG A 45 -13.57 -20.92 5.23
N LYS A 46 -12.64 -21.17 4.32
CA LYS A 46 -11.22 -20.95 4.53
C LYS A 46 -10.85 -19.57 3.99
N LEU A 47 -10.00 -18.80 4.70
CA LEU A 47 -9.55 -17.47 4.32
C LEU A 47 -8.72 -17.49 3.04
N ARG A 48 -8.78 -16.43 2.24
CA ARG A 48 -7.98 -16.21 1.04
C ARG A 48 -7.52 -14.77 0.99
N TYR A 49 -6.22 -14.52 1.19
CA TYR A 49 -5.64 -13.22 0.93
C TYR A 49 -5.85 -12.83 -0.54
N SER A 50 -6.02 -11.55 -0.80
CA SER A 50 -6.16 -10.99 -2.13
C SER A 50 -4.79 -10.80 -2.79
N PRO A 51 -4.72 -10.70 -4.13
CA PRO A 51 -3.47 -10.42 -4.82
C PRO A 51 -3.08 -8.93 -4.73
N TYR A 52 -4.00 -8.05 -4.32
CA TYR A 52 -3.80 -6.60 -4.32
C TYR A 52 -2.90 -6.10 -3.19
N LEU A 53 -2.33 -6.99 -2.40
CA LEU A 53 -1.72 -6.70 -1.13
C LEU A 53 -0.66 -7.76 -0.91
N LYS A 54 0.59 -7.46 -1.27
CA LYS A 54 1.70 -8.42 -1.16
C LYS A 54 2.91 -7.72 -0.58
N PRO A 55 3.70 -8.41 0.26
CA PRO A 55 4.89 -7.83 0.86
C PRO A 55 6.00 -7.69 -0.18
N ARG A 56 7.08 -7.00 0.20
CA ARG A 56 8.34 -6.92 -0.51
C ARG A 56 9.46 -6.97 0.52
N VAL A 57 10.69 -6.72 0.10
CA VAL A 57 11.81 -6.37 0.94
C VAL A 57 12.50 -5.22 0.22
N ILE A 58 12.82 -4.16 0.96
CA ILE A 58 13.62 -3.04 0.47
C ILE A 58 14.66 -2.81 1.55
N GLU A 59 15.95 -3.03 1.25
CA GLU A 59 17.05 -2.74 2.18
C GLU A 59 16.86 -3.45 3.54
N GLY A 60 16.22 -4.62 3.53
CA GLY A 60 15.91 -5.39 4.74
C GLY A 60 14.65 -4.91 5.47
N VAL A 61 14.04 -3.79 5.08
CA VAL A 61 12.68 -3.43 5.45
C VAL A 61 11.74 -4.45 4.84
N ARG A 62 10.51 -4.48 5.33
CA ARG A 62 9.41 -5.21 4.74
C ARG A 62 8.92 -4.42 3.52
N CYS A 63 8.05 -3.43 3.73
CA CYS A 63 7.35 -2.61 2.72
C CYS A 63 6.24 -3.44 2.05
N LEU A 64 5.03 -2.86 1.94
CA LEU A 64 3.82 -3.57 1.56
C LEU A 64 3.23 -2.91 0.32
N ALA A 65 3.17 -3.65 -0.78
CA ALA A 65 2.61 -3.16 -2.03
C ALA A 65 1.09 -3.22 -1.99
N VAL A 66 0.43 -2.13 -2.39
CA VAL A 66 -1.01 -1.95 -2.47
C VAL A 66 -1.26 -1.74 -3.99
N ASP A 67 -1.86 -2.73 -4.65
CA ASP A 67 -2.16 -2.67 -6.09
C ASP A 67 -3.27 -1.66 -6.35
N LEU A 68 -3.02 -0.66 -7.21
CA LEU A 68 -4.03 0.32 -7.62
C LEU A 68 -5.25 -0.33 -8.27
N LYS A 69 -5.13 -1.58 -8.75
CA LYS A 69 -6.24 -2.33 -9.30
C LYS A 69 -7.35 -2.47 -8.27
N LEU A 70 -7.05 -2.51 -6.96
CA LEU A 70 -8.12 -2.58 -5.98
C LEU A 70 -9.03 -1.36 -6.11
N LYS A 71 -8.55 -0.15 -6.45
CA LYS A 71 -9.43 1.03 -6.48
C LYS A 71 -10.48 0.91 -7.57
N ASP A 72 -10.22 0.19 -8.67
CA ASP A 72 -11.21 -0.09 -9.71
C ASP A 72 -12.40 -0.87 -9.12
N THR A 73 -12.09 -1.93 -8.38
CA THR A 73 -13.07 -2.92 -7.95
C THR A 73 -13.67 -2.61 -6.55
N ASN A 74 -12.91 -1.93 -5.68
CA ASN A 74 -13.30 -1.43 -4.34
C ASN A 74 -12.60 -0.09 -4.08
N PRO A 75 -13.15 1.03 -4.56
CA PRO A 75 -12.60 2.39 -4.41
C PRO A 75 -12.72 2.99 -3.00
N GLU A 76 -13.36 2.25 -2.09
CA GLU A 76 -13.30 2.51 -0.64
C GLU A 76 -12.04 1.92 0.02
N GLY A 77 -11.64 0.70 -0.37
CA GLY A 77 -10.58 -0.08 0.28
C GLY A 77 -9.17 0.49 0.11
N PHE A 78 -8.70 0.62 -1.14
CA PHE A 78 -7.47 1.32 -1.52
C PHE A 78 -7.38 2.66 -0.80
N ASN A 79 -8.47 3.45 -0.81
CA ASN A 79 -8.56 4.76 -0.19
C ASN A 79 -8.16 4.68 1.28
N GLN A 80 -8.84 3.83 2.05
CA GLN A 80 -8.51 3.65 3.46
C GLN A 80 -7.08 3.12 3.66
N LEU A 81 -6.57 2.30 2.73
CA LEU A 81 -5.19 1.83 2.78
C LEU A 81 -4.24 3.03 2.71
N MET A 82 -4.46 3.94 1.76
CA MET A 82 -3.64 5.13 1.61
C MET A 82 -3.66 5.96 2.89
N HIS A 83 -4.85 6.16 3.48
CA HIS A 83 -4.97 6.98 4.67
C HIS A 83 -4.18 6.38 5.84
N PHE A 84 -4.30 5.07 6.07
CA PHE A 84 -3.64 4.35 7.16
C PHE A 84 -2.13 4.60 7.21
N ALA A 85 -1.50 4.78 6.04
CA ALA A 85 -0.10 5.16 5.96
C ALA A 85 0.14 6.49 6.68
N THR A 86 -0.53 7.56 6.23
CA THR A 86 -0.35 8.89 6.77
C THR A 86 -0.82 8.93 8.24
N GLU A 87 -1.85 8.16 8.61
CA GLU A 87 -2.37 8.02 9.98
C GLU A 87 -1.31 7.49 10.95
N ASN A 88 -0.20 6.95 10.43
CA ASN A 88 0.94 6.46 11.20
C ASN A 88 2.26 7.06 10.72
N GLN A 89 2.18 8.12 9.91
CA GLN A 89 3.33 8.83 9.36
C GLN A 89 4.32 7.89 8.65
N LEU A 90 3.83 6.80 8.06
CA LEU A 90 4.62 5.87 7.26
C LEU A 90 5.02 6.58 5.97
N ASN A 91 6.28 6.41 5.55
CA ASN A 91 6.81 7.02 4.32
C ASN A 91 6.10 6.38 3.14
N ILE A 92 5.23 7.09 2.41
CA ILE A 92 4.55 6.50 1.26
C ILE A 92 5.56 6.53 0.13
N LEU A 93 5.97 5.35 -0.30
CA LEU A 93 6.78 5.20 -1.48
C LEU A 93 5.90 4.62 -2.58
N ASP A 94 6.33 4.89 -3.80
CA ASP A 94 5.69 4.39 -5.02
C ASP A 94 6.34 3.07 -5.43
N ALA A 95 5.93 2.60 -6.61
CA ALA A 95 6.50 1.42 -7.25
C ALA A 95 8.01 1.53 -7.44
N GLU A 96 8.51 2.74 -7.69
CA GLU A 96 9.93 3.04 -7.88
C GLU A 96 10.68 3.27 -6.56
N GLY A 97 9.97 3.30 -5.44
CA GLY A 97 10.59 3.69 -4.19
C GLY A 97 10.81 5.20 -4.09
N ASN A 98 10.19 5.97 -4.98
CA ASN A 98 10.12 7.43 -4.89
C ASN A 98 9.15 7.72 -3.75
N SER A 99 9.53 8.55 -2.80
CA SER A 99 8.64 9.04 -1.76
C SER A 99 7.65 10.03 -2.36
N ILE A 100 6.35 9.71 -2.32
CA ILE A 100 5.27 10.48 -2.92
C ILE A 100 4.17 10.74 -1.90
N ASP A 101 3.23 11.61 -2.24
CA ASP A 101 1.98 11.76 -1.50
C ASP A 101 0.98 10.74 -2.00
N ALA A 102 0.01 10.44 -1.15
CA ALA A 102 -1.18 9.66 -1.51
C ALA A 102 -2.03 10.40 -2.54
N ALA A 103 -1.97 11.72 -2.49
CA ALA A 103 -2.64 12.66 -3.36
C ALA A 103 -2.28 12.51 -4.84
N GLN A 104 -1.18 11.83 -5.15
CA GLN A 104 -0.74 11.59 -6.51
C GLN A 104 -1.26 10.26 -7.06
N VAL A 105 -1.96 9.47 -6.24
CA VAL A 105 -2.28 8.08 -6.50
C VAL A 105 -3.78 7.90 -6.72
N THR A 106 -4.63 8.56 -5.94
CA THR A 106 -6.07 8.33 -5.99
C THR A 106 -6.73 9.06 -7.18
N GLU A 107 -5.93 9.73 -8.02
CA GLU A 107 -6.35 10.81 -8.91
C GLU A 107 -5.91 10.54 -10.36
N ILE A 108 -5.37 9.35 -10.62
CA ILE A 108 -4.92 8.93 -11.96
C ILE A 108 -6.03 9.17 -12.98
N GLY A 1 13.29 21.02 -9.73
CA GLY A 1 12.25 21.72 -10.49
C GLY A 1 10.86 21.32 -10.00
N MET A 2 9.82 21.67 -10.77
CA MET A 2 8.40 21.42 -10.46
C MET A 2 7.77 20.39 -11.41
N GLY A 3 8.60 19.66 -12.16
CA GLY A 3 8.14 18.63 -13.08
C GLY A 3 8.07 17.31 -12.34
N THR A 4 6.87 16.72 -12.36
CA THR A 4 6.58 15.36 -11.86
C THR A 4 5.45 14.69 -12.68
N THR A 5 4.84 15.40 -13.65
CA THR A 5 3.62 14.98 -14.36
C THR A 5 3.84 13.85 -15.38
N GLU A 6 5.03 13.26 -15.41
CA GLU A 6 5.41 12.13 -16.24
C GLU A 6 4.67 10.90 -15.69
N LYS A 7 3.55 10.53 -16.32
CA LYS A 7 2.73 9.42 -15.86
C LYS A 7 3.33 8.12 -16.36
N SER A 8 4.11 7.46 -15.51
CA SER A 8 4.77 6.19 -15.81
C SER A 8 3.80 4.99 -15.94
N GLY A 9 2.49 5.22 -16.04
CA GLY A 9 1.51 4.18 -16.30
C GLY A 9 1.28 3.26 -15.10
N ILE A 10 1.71 3.69 -13.92
CA ILE A 10 1.80 2.88 -12.71
C ILE A 10 0.40 2.42 -12.31
N LYS A 11 0.31 1.17 -11.86
CA LYS A 11 -0.91 0.59 -11.32
C LYS A 11 -0.66 -0.29 -10.09
N GLU A 12 0.35 -0.05 -9.26
CA GLU A 12 0.56 -0.75 -7.99
C GLU A 12 1.51 0.02 -7.06
N ILE A 13 1.02 0.53 -5.92
CA ILE A 13 1.83 1.21 -4.91
C ILE A 13 2.46 0.19 -3.94
N ILE A 14 3.30 0.67 -3.03
CA ILE A 14 3.89 -0.12 -1.98
C ILE A 14 3.93 0.78 -0.73
N ILE A 15 2.96 0.62 0.18
CA ILE A 15 3.03 1.29 1.48
C ILE A 15 4.27 0.76 2.19
N GLN A 16 5.23 1.63 2.49
CA GLN A 16 6.45 1.22 3.14
C GLN A 16 6.21 0.87 4.61
N GLY A 17 7.05 -0.03 5.16
CA GLY A 17 7.04 -0.39 6.59
C GLY A 17 7.83 0.60 7.46
N LEU A 18 8.49 1.56 6.84
CA LEU A 18 9.13 2.67 7.47
C LEU A 18 8.17 3.86 7.50
N THR A 19 8.61 4.91 8.18
CA THR A 19 7.92 6.17 8.41
C THR A 19 8.31 7.23 7.36
N ARG A 20 7.67 8.41 7.35
CA ARG A 20 8.12 9.63 6.65
C ARG A 20 9.59 10.01 6.92
N ALA A 21 10.17 9.51 8.01
CA ALA A 21 11.55 9.76 8.40
C ALA A 21 12.50 8.66 7.93
N GLY A 22 12.03 7.68 7.16
CA GLY A 22 12.89 6.62 6.68
C GLY A 22 13.26 5.66 7.79
N LYS A 23 12.30 5.26 8.64
CA LYS A 23 12.64 4.25 9.63
C LYS A 23 11.52 3.37 10.10
N PRO A 24 11.87 2.19 10.63
CA PRO A 24 10.95 1.10 10.72
C PRO A 24 9.96 1.39 11.82
N PHE A 25 8.71 1.34 11.42
CA PHE A 25 7.61 1.57 12.31
C PHE A 25 7.25 0.21 12.91
N ARG A 26 6.89 0.21 14.20
CA ARG A 26 6.30 -0.93 14.87
C ARG A 26 4.91 -0.56 15.38
N PRO A 27 4.00 -1.54 15.54
CA PRO A 27 4.27 -2.94 15.33
C PRO A 27 4.45 -3.26 13.85
N SER A 28 5.54 -3.96 13.57
CA SER A 28 5.89 -4.31 12.20
C SER A 28 4.84 -5.25 11.62
N ASP A 29 4.03 -5.87 12.47
CA ASP A 29 2.85 -6.68 12.16
C ASP A 29 1.77 -5.92 11.37
N TRP A 30 1.88 -4.60 11.23
CA TRP A 30 0.90 -3.74 10.57
C TRP A 30 0.61 -4.20 9.15
N VAL A 31 1.62 -4.81 8.52
CA VAL A 31 1.59 -5.32 7.16
C VAL A 31 0.46 -6.35 7.08
N ASP A 32 0.41 -7.25 8.05
CA ASP A 32 -0.59 -8.30 8.08
C ASP A 32 -1.91 -7.80 8.69
N ARG A 33 -1.84 -6.69 9.44
CA ARG A 33 -3.01 -5.95 9.94
C ARG A 33 -3.72 -5.19 8.81
N MET A 34 -3.24 -5.30 7.59
CA MET A 34 -3.94 -4.79 6.43
C MET A 34 -4.52 -5.93 5.63
N CYS A 35 -3.75 -7.01 5.46
CA CYS A 35 -4.17 -8.10 4.60
C CYS A 35 -5.49 -8.70 5.06
N SER A 36 -5.65 -8.95 6.37
CA SER A 36 -6.84 -9.54 6.97
C SER A 36 -8.02 -8.55 6.98
N THR A 37 -7.78 -7.24 7.20
CA THR A 37 -8.81 -6.21 7.13
C THR A 37 -9.54 -6.20 5.77
N TYR A 38 -8.87 -6.59 4.68
CA TYR A 38 -9.45 -6.65 3.34
C TYR A 38 -9.39 -8.07 2.81
N ALA A 39 -9.64 -9.07 3.66
CA ALA A 39 -9.60 -10.46 3.24
C ALA A 39 -11.02 -11.03 3.11
N SER A 40 -11.09 -12.30 2.76
CA SER A 40 -12.29 -13.14 2.85
C SER A 40 -11.90 -14.61 2.61
N PHE A 41 -12.47 -15.52 3.38
CA PHE A 41 -12.17 -16.95 3.33
C PHE A 41 -12.48 -17.48 1.93
N GLY A 42 -11.82 -18.57 1.54
CA GLY A 42 -11.76 -19.07 0.16
C GLY A 42 -12.58 -20.32 -0.02
N ALA A 43 -13.81 -20.31 0.49
CA ALA A 43 -14.75 -21.42 0.62
C ALA A 43 -14.20 -22.62 1.44
N ASP A 44 -12.99 -22.52 2.00
CA ASP A 44 -12.23 -23.66 2.54
C ASP A 44 -11.99 -23.57 4.04
N ARG A 45 -12.65 -22.59 4.67
CA ARG A 45 -12.46 -22.24 6.07
C ARG A 45 -11.00 -21.91 6.42
N LYS A 46 -10.24 -21.18 5.58
CA LYS A 46 -8.82 -20.91 5.88
C LYS A 46 -8.31 -19.50 5.60
N LEU A 47 -9.20 -18.51 5.59
CA LEU A 47 -8.84 -17.16 5.22
C LEU A 47 -8.30 -17.16 3.75
N ARG A 48 -8.02 -16.01 3.15
CA ARG A 48 -7.52 -15.82 1.78
C ARG A 48 -7.21 -14.33 1.57
N TYR A 49 -5.95 -13.94 1.67
CA TYR A 49 -5.51 -12.61 1.28
C TYR A 49 -5.69 -12.47 -0.24
N SER A 50 -6.13 -11.30 -0.68
CA SER A 50 -6.31 -10.96 -2.08
C SER A 50 -4.99 -10.88 -2.83
N PRO A 51 -5.04 -10.95 -4.18
CA PRO A 51 -3.86 -10.67 -4.99
C PRO A 51 -3.36 -9.25 -4.80
N TYR A 52 -4.29 -8.32 -4.54
CA TYR A 52 -4.08 -6.89 -4.63
C TYR A 52 -3.48 -6.28 -3.37
N LEU A 53 -3.00 -7.12 -2.45
CA LEU A 53 -2.52 -6.67 -1.15
C LEU A 53 -1.56 -7.76 -0.69
N LYS A 54 -0.24 -7.57 -0.85
CA LYS A 54 0.74 -8.58 -0.44
C LYS A 54 2.04 -7.98 0.14
N PRO A 55 2.70 -8.66 1.08
CA PRO A 55 3.94 -8.18 1.70
C PRO A 55 5.10 -8.24 0.70
N ARG A 56 6.23 -7.61 1.05
CA ARG A 56 7.40 -7.49 0.19
C ARG A 56 8.67 -7.49 1.04
N VAL A 57 9.84 -7.26 0.44
CA VAL A 57 11.09 -7.00 1.15
C VAL A 57 11.90 -6.00 0.31
N ILE A 58 11.79 -4.71 0.65
CA ILE A 58 12.49 -3.57 0.04
C ILE A 58 13.42 -3.08 1.12
N GLU A 59 14.72 -2.96 0.84
CA GLU A 59 15.73 -2.45 1.77
C GLU A 59 15.62 -3.10 3.15
N GLY A 60 15.29 -4.39 3.18
CA GLY A 60 15.08 -5.09 4.43
C GLY A 60 13.88 -4.56 5.22
N VAL A 61 12.82 -4.08 4.58
CA VAL A 61 11.59 -3.58 5.19
C VAL A 61 10.43 -4.36 4.58
N ARG A 62 9.43 -4.70 5.41
CA ARG A 62 8.28 -5.53 5.08
C ARG A 62 7.42 -4.88 3.98
N CYS A 63 6.93 -3.66 4.25
CA CYS A 63 6.08 -2.89 3.34
C CYS A 63 4.86 -3.71 2.90
N LEU A 64 4.08 -3.18 1.95
CA LEU A 64 2.84 -3.78 1.50
C LEU A 64 2.51 -3.29 0.11
N ALA A 65 2.73 -4.13 -0.90
CA ALA A 65 2.32 -3.89 -2.28
C ALA A 65 0.79 -3.83 -2.32
N VAL A 66 0.21 -2.79 -2.92
CA VAL A 66 -1.24 -2.66 -3.11
C VAL A 66 -1.45 -2.31 -4.59
N ASP A 67 -2.06 -3.20 -5.37
CA ASP A 67 -2.36 -2.93 -6.78
C ASP A 67 -3.45 -1.87 -6.86
N LEU A 68 -3.47 -1.08 -7.95
CA LEU A 68 -4.49 -0.07 -8.26
C LEU A 68 -5.77 -0.63 -8.91
N LYS A 69 -5.78 -1.90 -9.35
CA LYS A 69 -6.99 -2.53 -9.90
C LYS A 69 -8.14 -2.58 -8.88
N LEU A 70 -7.84 -2.72 -7.59
CA LEU A 70 -8.77 -2.82 -6.48
C LEU A 70 -9.61 -1.55 -6.40
N LYS A 71 -9.09 -0.41 -6.86
CA LYS A 71 -9.73 0.88 -6.84
C LYS A 71 -10.93 0.86 -7.79
N ASP A 72 -10.90 0.05 -8.85
CA ASP A 72 -12.03 -0.08 -9.76
C ASP A 72 -13.15 -0.90 -9.14
N THR A 73 -12.80 -2.05 -8.56
CA THR A 73 -13.81 -2.93 -7.97
C THR A 73 -14.31 -2.41 -6.61
N ASN A 74 -13.49 -1.61 -5.90
CA ASN A 74 -13.74 -1.18 -4.53
C ASN A 74 -12.87 0.04 -4.15
N PRO A 75 -13.19 1.23 -4.66
CA PRO A 75 -12.36 2.41 -4.44
C PRO A 75 -12.32 2.86 -2.99
N GLU A 76 -13.38 2.59 -2.24
CA GLU A 76 -13.55 2.97 -0.84
C GLU A 76 -12.43 2.41 0.02
N GLY A 77 -12.01 1.19 -0.28
CA GLY A 77 -11.06 0.45 0.54
C GLY A 77 -9.61 0.81 0.21
N PHE A 78 -9.28 0.96 -1.06
CA PHE A 78 -7.98 1.48 -1.47
C PHE A 78 -7.74 2.84 -0.81
N ASN A 79 -8.73 3.72 -0.88
CA ASN A 79 -8.74 5.04 -0.26
C ASN A 79 -8.37 5.00 1.23
N GLN A 80 -9.09 4.21 2.03
CA GLN A 80 -8.80 4.09 3.47
C GLN A 80 -7.38 3.57 3.72
N LEU A 81 -6.87 2.72 2.84
CA LEU A 81 -5.53 2.15 2.96
C LEU A 81 -4.47 3.25 2.92
N MET A 82 -4.60 4.14 1.94
CA MET A 82 -3.74 5.31 1.79
C MET A 82 -3.84 6.20 3.04
N HIS A 83 -5.05 6.35 3.59
CA HIS A 83 -5.26 7.20 4.76
C HIS A 83 -4.60 6.64 6.03
N PHE A 84 -4.69 5.33 6.25
CA PHE A 84 -4.06 4.65 7.38
C PHE A 84 -2.56 4.92 7.37
N ALA A 85 -1.97 4.95 6.18
CA ALA A 85 -0.56 5.23 5.99
C ALA A 85 -0.19 6.58 6.59
N THR A 86 -0.85 7.65 6.16
CA THR A 86 -0.59 8.99 6.66
C THR A 86 -0.75 9.04 8.18
N GLU A 87 -1.76 8.37 8.74
CA GLU A 87 -2.02 8.34 10.17
C GLU A 87 -0.78 7.86 10.92
N ASN A 88 -0.33 6.65 10.58
CA ASN A 88 0.82 5.99 11.22
C ASN A 88 2.14 6.61 10.76
N GLN A 89 2.07 7.72 10.00
CA GLN A 89 3.16 8.49 9.42
C GLN A 89 4.07 7.64 8.52
N LEU A 90 3.47 6.75 7.74
CA LEU A 90 4.16 5.75 6.94
C LEU A 90 4.46 6.28 5.56
N ASN A 91 5.60 5.85 5.01
CA ASN A 91 6.06 6.32 3.72
C ASN A 91 5.31 5.64 2.58
N ILE A 92 4.54 6.37 1.79
CA ILE A 92 3.82 5.76 0.67
C ILE A 92 4.86 5.67 -0.47
N LEU A 93 5.39 4.48 -0.74
CA LEU A 93 6.21 4.27 -1.94
C LEU A 93 5.29 3.81 -3.06
N ASP A 94 5.85 3.81 -4.26
CA ASP A 94 5.20 3.30 -5.45
C ASP A 94 5.86 2.01 -5.92
N ALA A 95 5.50 1.56 -7.12
CA ALA A 95 6.01 0.34 -7.75
C ALA A 95 7.54 0.32 -7.84
N GLU A 96 8.13 1.47 -8.14
CA GLU A 96 9.58 1.66 -8.20
C GLU A 96 10.22 1.71 -6.81
N GLY A 97 9.45 2.08 -5.79
CA GLY A 97 9.98 2.29 -4.45
C GLY A 97 10.44 3.73 -4.23
N ASN A 98 9.82 4.68 -4.94
CA ASN A 98 10.05 6.12 -4.74
C ASN A 98 8.92 6.65 -3.86
N SER A 99 9.24 7.52 -2.90
CA SER A 99 8.30 8.14 -1.96
C SER A 99 7.44 9.21 -2.62
N ILE A 100 6.12 8.99 -2.67
CA ILE A 100 5.12 9.82 -3.33
C ILE A 100 3.90 10.09 -2.42
N ASP A 101 3.02 11.00 -2.84
CA ASP A 101 1.76 11.28 -2.15
C ASP A 101 0.64 10.45 -2.75
N ALA A 102 -0.44 10.35 -1.99
CA ALA A 102 -1.66 9.64 -2.34
C ALA A 102 -2.40 10.30 -3.51
N ALA A 103 -2.23 11.61 -3.68
CA ALA A 103 -2.85 12.35 -4.78
C ALA A 103 -2.30 11.92 -6.14
N GLN A 104 -1.11 11.31 -6.17
CA GLN A 104 -0.52 10.81 -7.40
C GLN A 104 -0.91 9.36 -7.65
N VAL A 105 -1.89 8.86 -6.91
CA VAL A 105 -2.38 7.49 -6.96
C VAL A 105 -3.90 7.56 -7.18
N THR A 106 -4.59 8.39 -6.40
CA THR A 106 -6.05 8.51 -6.40
C THR A 106 -6.52 9.49 -7.50
N GLU A 107 -5.77 9.66 -8.59
CA GLU A 107 -6.16 10.47 -9.74
C GLU A 107 -5.89 9.74 -11.07
N ILE A 108 -5.61 8.43 -11.02
CA ILE A 108 -5.36 7.58 -12.18
C ILE A 108 -6.55 6.63 -12.40
N GLY A 1 0.41 17.54 -1.80
CA GLY A 1 1.03 17.60 -3.13
C GLY A 1 1.45 19.01 -3.45
N MET A 2 0.60 19.76 -4.18
CA MET A 2 0.90 21.09 -4.72
C MET A 2 2.19 21.14 -5.54
N GLY A 3 2.73 20.00 -5.97
CA GLY A 3 4.08 19.89 -6.50
C GLY A 3 4.07 19.00 -7.72
N THR A 4 4.55 17.78 -7.54
CA THR A 4 4.87 16.82 -8.57
C THR A 4 3.57 16.33 -9.15
N THR A 5 3.25 16.90 -10.29
CA THR A 5 2.06 16.64 -11.07
C THR A 5 2.49 16.12 -12.45
N GLU A 6 3.55 15.30 -12.48
CA GLU A 6 3.98 14.58 -13.67
C GLU A 6 3.06 13.37 -13.95
N LYS A 7 3.46 12.50 -14.88
CA LYS A 7 2.72 11.31 -15.27
C LYS A 7 3.68 10.13 -15.42
N SER A 8 3.16 8.91 -15.38
CA SER A 8 3.92 7.69 -15.45
C SER A 8 3.00 6.56 -15.92
N GLY A 9 3.40 5.30 -15.77
CA GLY A 9 2.63 4.13 -16.18
C GLY A 9 2.22 3.22 -15.02
N ILE A 10 2.33 3.72 -13.79
CA ILE A 10 2.30 2.99 -12.52
C ILE A 10 0.98 2.21 -12.41
N LYS A 11 1.03 0.91 -12.10
CA LYS A 11 -0.16 0.09 -11.86
C LYS A 11 -0.14 -0.63 -10.51
N GLU A 12 0.76 -0.26 -9.63
CA GLU A 12 0.76 -0.72 -8.25
C GLU A 12 1.60 0.27 -7.44
N ILE A 13 1.47 0.25 -6.12
CA ILE A 13 2.22 1.11 -5.21
C ILE A 13 2.66 0.28 -4.01
N ILE A 14 3.59 0.80 -3.20
CA ILE A 14 4.19 0.09 -2.09
C ILE A 14 4.20 1.01 -0.87
N ILE A 15 3.26 0.84 0.05
CA ILE A 15 3.28 1.48 1.35
C ILE A 15 4.53 0.97 2.06
N GLN A 16 5.50 1.85 2.24
CA GLN A 16 6.72 1.52 2.94
C GLN A 16 6.44 1.11 4.39
N GLY A 17 7.31 0.27 4.97
CA GLY A 17 7.27 -0.07 6.39
C GLY A 17 8.18 0.81 7.25
N LEU A 18 8.93 1.73 6.62
CA LEU A 18 9.52 2.88 7.28
C LEU A 18 8.52 4.05 7.29
N THR A 19 8.86 5.00 8.14
CA THR A 19 8.17 6.28 8.33
C THR A 19 8.59 7.29 7.26
N ARG A 20 8.01 8.49 7.29
CA ARG A 20 8.47 9.70 6.59
C ARG A 20 9.87 10.16 7.00
N ALA A 21 10.36 9.69 8.14
CA ALA A 21 11.75 9.86 8.55
C ALA A 21 12.66 8.77 7.98
N GLY A 22 12.09 7.74 7.37
CA GLY A 22 12.78 6.58 6.84
C GLY A 22 13.24 5.65 7.94
N LYS A 23 12.39 5.32 8.95
CA LYS A 23 12.69 4.23 9.89
C LYS A 23 11.58 3.27 10.27
N PRO A 24 11.93 2.03 10.67
CA PRO A 24 11.01 0.92 10.65
C PRO A 24 10.01 1.06 11.77
N PHE A 25 8.75 0.98 11.39
CA PHE A 25 7.62 1.29 12.22
C PHE A 25 7.10 -0.02 12.86
N ARG A 26 6.98 -0.04 14.19
CA ARG A 26 6.17 -1.03 14.91
C ARG A 26 4.71 -0.57 14.83
N PRO A 27 3.75 -1.51 14.89
CA PRO A 27 4.02 -2.92 14.89
C PRO A 27 4.46 -3.34 13.49
N SER A 28 5.46 -4.21 13.40
CA SER A 28 5.81 -4.77 12.10
C SER A 28 4.77 -5.80 11.62
N ASP A 29 3.88 -6.23 12.51
CA ASP A 29 2.69 -7.02 12.18
C ASP A 29 1.71 -6.26 11.27
N TRP A 30 1.91 -4.95 11.04
CA TRP A 30 0.98 -4.11 10.28
C TRP A 30 0.66 -4.69 8.90
N VAL A 31 1.66 -5.30 8.26
CA VAL A 31 1.58 -5.91 6.93
C VAL A 31 0.53 -7.02 6.93
N ASP A 32 0.61 -7.93 7.89
CA ASP A 32 -0.29 -9.08 7.93
C ASP A 32 -1.63 -8.73 8.56
N ARG A 33 -1.70 -7.62 9.32
CA ARG A 33 -2.97 -7.05 9.75
C ARG A 33 -3.71 -6.45 8.57
N MET A 34 -3.02 -5.70 7.72
CA MET A 34 -3.63 -5.05 6.57
C MET A 34 -4.22 -6.11 5.64
N CYS A 35 -3.46 -7.14 5.26
CA CYS A 35 -3.99 -8.11 4.31
C CYS A 35 -5.17 -8.91 4.84
N SER A 36 -5.30 -9.09 6.15
CA SER A 36 -6.42 -9.78 6.78
C SER A 36 -7.66 -8.90 6.87
N THR A 37 -7.42 -7.64 7.21
CA THR A 37 -8.43 -6.59 7.21
C THR A 37 -9.01 -6.38 5.79
N TYR A 38 -8.23 -6.73 4.76
CA TYR A 38 -8.62 -6.77 3.36
C TYR A 38 -8.69 -8.24 2.92
N ALA A 39 -9.35 -9.08 3.72
CA ALA A 39 -9.67 -10.47 3.42
C ALA A 39 -11.06 -10.76 3.92
N SER A 40 -11.60 -11.92 3.52
CA SER A 40 -12.75 -12.52 4.15
C SER A 40 -12.59 -14.04 4.16
N PHE A 41 -13.34 -14.67 5.05
CA PHE A 41 -13.53 -16.10 5.15
C PHE A 41 -14.10 -16.69 3.87
N GLY A 42 -13.34 -17.66 3.36
CA GLY A 42 -13.68 -18.52 2.27
C GLY A 42 -14.53 -19.70 2.71
N ALA A 43 -14.76 -20.61 1.77
CA ALA A 43 -15.68 -21.74 1.95
C ALA A 43 -15.28 -22.66 3.10
N ASP A 44 -13.98 -22.79 3.40
CA ASP A 44 -13.49 -23.69 4.45
C ASP A 44 -13.55 -23.04 5.84
N ARG A 45 -14.19 -21.87 5.96
CA ARG A 45 -14.16 -20.96 7.10
C ARG A 45 -12.72 -20.71 7.57
N LYS A 46 -11.91 -20.23 6.63
CA LYS A 46 -10.56 -19.71 6.80
C LYS A 46 -10.56 -18.41 6.02
N LEU A 47 -10.07 -17.31 6.60
CA LEU A 47 -9.90 -16.09 5.80
C LEU A 47 -8.93 -16.35 4.67
N ARG A 48 -9.03 -15.51 3.64
CA ARG A 48 -8.21 -15.59 2.45
C ARG A 48 -7.82 -14.18 2.02
N TYR A 49 -6.54 -13.83 2.12
CA TYR A 49 -6.04 -12.49 1.75
C TYR A 49 -6.39 -12.18 0.29
N SER A 50 -6.72 -10.91 0.00
CA SER A 50 -6.91 -10.44 -1.37
C SER A 50 -5.63 -10.67 -2.20
N PRO A 51 -5.74 -10.80 -3.54
CA PRO A 51 -4.56 -10.89 -4.40
C PRO A 51 -3.84 -9.55 -4.47
N TYR A 52 -4.56 -8.44 -4.33
CA TYR A 52 -4.06 -7.09 -4.57
C TYR A 52 -3.11 -6.58 -3.48
N LEU A 53 -2.71 -7.41 -2.52
CA LEU A 53 -2.13 -6.98 -1.26
C LEU A 53 -1.08 -8.00 -0.80
N LYS A 54 0.19 -7.80 -1.16
CA LYS A 54 1.25 -8.77 -0.89
C LYS A 54 2.46 -8.10 -0.26
N PRO A 55 3.17 -8.78 0.66
CA PRO A 55 4.33 -8.21 1.34
C PRO A 55 5.50 -8.05 0.36
N ARG A 56 6.55 -7.33 0.78
CA ARG A 56 7.81 -7.24 0.04
C ARG A 56 9.00 -7.31 0.98
N VAL A 57 10.21 -7.17 0.44
CA VAL A 57 11.45 -6.95 1.19
C VAL A 57 12.35 -6.03 0.35
N ILE A 58 12.28 -4.74 0.63
CA ILE A 58 13.07 -3.64 0.09
C ILE A 58 13.89 -3.12 1.26
N GLU A 59 15.22 -3.05 1.12
CA GLU A 59 16.16 -2.62 2.17
C GLU A 59 15.96 -3.39 3.48
N GLY A 60 15.46 -4.62 3.42
CA GLY A 60 15.16 -5.44 4.60
C GLY A 60 13.93 -4.97 5.38
N VAL A 61 13.25 -3.91 4.94
CA VAL A 61 11.94 -3.48 5.42
C VAL A 61 10.90 -4.53 4.98
N ARG A 62 9.69 -4.49 5.54
CA ARG A 62 8.56 -5.32 5.11
C ARG A 62 7.85 -4.64 3.93
N CYS A 63 7.13 -3.54 4.18
CA CYS A 63 6.25 -2.88 3.21
C CYS A 63 5.08 -3.78 2.76
N LEU A 64 4.17 -3.22 1.98
CA LEU A 64 3.00 -3.91 1.43
C LEU A 64 2.72 -3.35 0.05
N ALA A 65 2.77 -4.18 -0.99
CA ALA A 65 2.29 -3.85 -2.33
C ALA A 65 0.77 -3.73 -2.29
N VAL A 66 0.19 -2.79 -3.04
CA VAL A 66 -1.25 -2.56 -3.23
C VAL A 66 -1.40 -2.41 -4.77
N ASP A 67 -1.98 -3.39 -5.45
CA ASP A 67 -2.21 -3.36 -6.90
C ASP A 67 -3.33 -2.37 -7.23
N LEU A 68 -3.08 -1.42 -8.15
CA LEU A 68 -4.05 -0.38 -8.51
C LEU A 68 -5.28 -0.97 -9.20
N LYS A 69 -5.21 -2.20 -9.73
CA LYS A 69 -6.35 -2.90 -10.33
C LYS A 69 -7.51 -2.98 -9.34
N LEU A 70 -7.23 -3.03 -8.03
CA LEU A 70 -8.24 -2.98 -6.99
C LEU A 70 -9.18 -1.79 -7.18
N LYS A 71 -8.70 -0.62 -7.61
CA LYS A 71 -9.50 0.60 -7.67
C LYS A 71 -10.69 0.46 -8.63
N ASP A 72 -10.55 -0.31 -9.70
CA ASP A 72 -11.63 -0.62 -10.65
C ASP A 72 -12.78 -1.38 -9.99
N THR A 73 -12.42 -2.35 -9.14
CA THR A 73 -13.34 -3.35 -8.61
C THR A 73 -13.82 -3.02 -7.19
N ASN A 74 -13.08 -2.18 -6.45
CA ASN A 74 -13.39 -1.64 -5.14
C ASN A 74 -12.51 -0.39 -4.92
N PRO A 75 -12.94 0.80 -5.39
CA PRO A 75 -12.20 2.03 -5.20
C PRO A 75 -12.11 2.40 -3.73
N GLU A 76 -13.14 2.08 -2.93
CA GLU A 76 -13.25 2.34 -1.50
C GLU A 76 -12.02 1.76 -0.79
N GLY A 77 -11.71 0.48 -1.06
CA GLY A 77 -10.57 -0.21 -0.48
C GLY A 77 -9.27 0.51 -0.82
N PHE A 78 -9.00 0.75 -2.12
CA PHE A 78 -7.76 1.40 -2.53
C PHE A 78 -7.65 2.81 -1.95
N ASN A 79 -8.75 3.57 -1.98
CA ASN A 79 -8.87 4.93 -1.46
C ASN A 79 -8.49 4.93 0.02
N GLN A 80 -9.10 4.05 0.83
CA GLN A 80 -8.76 3.91 2.23
C GLN A 80 -7.32 3.41 2.44
N LEU A 81 -6.77 2.61 1.52
CA LEU A 81 -5.39 2.17 1.59
C LEU A 81 -4.44 3.37 1.58
N MET A 82 -4.75 4.38 0.76
CA MET A 82 -3.95 5.60 0.71
C MET A 82 -3.82 6.20 2.11
N HIS A 83 -4.96 6.35 2.80
CA HIS A 83 -4.99 6.96 4.11
C HIS A 83 -4.15 6.17 5.10
N PHE A 84 -4.20 4.83 5.07
CA PHE A 84 -3.47 3.98 6.00
C PHE A 84 -1.99 4.36 6.07
N ALA A 85 -1.35 4.63 4.93
CA ALA A 85 0.04 5.04 4.95
C ALA A 85 0.20 6.34 5.74
N THR A 86 -0.54 7.37 5.34
CA THR A 86 -0.42 8.70 5.89
C THR A 86 -0.80 8.70 7.38
N GLU A 87 -1.81 7.93 7.81
CA GLU A 87 -2.24 7.78 9.19
C GLU A 87 -1.08 7.38 10.09
N ASN A 88 -0.29 6.41 9.62
CA ASN A 88 0.82 5.82 10.34
C ASN A 88 2.13 6.57 10.09
N GLN A 89 2.06 7.68 9.36
CA GLN A 89 3.19 8.46 8.86
C GLN A 89 4.17 7.60 8.04
N LEU A 90 3.72 6.47 7.50
CA LEU A 90 4.50 5.59 6.63
C LEU A 90 4.74 6.29 5.30
N ASN A 91 5.86 5.96 4.67
CA ASN A 91 6.22 6.53 3.37
C ASN A 91 5.44 5.82 2.26
N ILE A 92 5.32 6.43 1.08
CA ILE A 92 4.57 5.90 -0.06
C ILE A 92 5.58 5.74 -1.19
N LEU A 93 5.79 4.51 -1.64
CA LEU A 93 6.52 4.20 -2.84
C LEU A 93 5.54 3.81 -3.94
N ASP A 94 6.09 3.66 -5.14
CA ASP A 94 5.42 3.18 -6.34
C ASP A 94 5.80 1.73 -6.64
N ALA A 95 5.40 1.25 -7.82
CA ALA A 95 5.70 -0.09 -8.34
C ALA A 95 7.20 -0.37 -8.45
N GLU A 96 8.02 0.64 -8.72
CA GLU A 96 9.47 0.53 -8.80
C GLU A 96 10.14 0.63 -7.43
N GLY A 97 9.38 0.94 -6.39
CA GLY A 97 9.85 1.25 -5.06
C GLY A 97 10.55 2.61 -4.97
N ASN A 98 10.21 3.56 -5.84
CA ASN A 98 10.63 4.97 -5.73
C ASN A 98 9.59 5.69 -4.87
N SER A 99 10.01 6.60 -3.99
CA SER A 99 9.08 7.38 -3.18
C SER A 99 8.40 8.48 -4.01
N ILE A 100 7.08 8.56 -3.87
CA ILE A 100 6.17 9.44 -4.60
C ILE A 100 5.17 10.07 -3.61
N ASP A 101 4.20 10.83 -4.13
CA ASP A 101 3.12 11.44 -3.38
C ASP A 101 1.80 10.89 -3.88
N ALA A 102 0.79 10.93 -3.02
CA ALA A 102 -0.48 10.25 -3.15
C ALA A 102 -1.33 10.77 -4.33
N ALA A 103 -1.17 12.03 -4.75
CA ALA A 103 -1.94 12.53 -5.90
C ALA A 103 -1.51 11.82 -7.18
N GLN A 104 -0.21 11.49 -7.27
CA GLN A 104 0.37 10.71 -8.36
C GLN A 104 -0.08 9.24 -8.28
N VAL A 105 -1.08 8.93 -7.45
CA VAL A 105 -1.76 7.65 -7.42
C VAL A 105 -3.27 7.83 -7.55
N THR A 106 -3.89 8.67 -6.73
CA THR A 106 -5.35 8.71 -6.68
C THR A 106 -5.99 9.61 -7.73
N GLU A 107 -5.21 10.44 -8.42
CA GLU A 107 -5.72 11.58 -9.16
C GLU A 107 -5.08 11.69 -10.55
N ILE A 108 -4.70 10.54 -11.11
CA ILE A 108 -4.15 10.41 -12.47
C ILE A 108 -5.02 11.16 -13.46
N GLY A 1 -3.70 23.05 -6.77
CA GLY A 1 -3.42 22.70 -8.16
C GLY A 1 -1.97 22.96 -8.51
N MET A 2 -1.68 24.08 -9.20
CA MET A 2 -0.31 24.50 -9.52
C MET A 2 0.50 23.46 -10.33
N GLY A 3 -0.17 22.63 -11.14
CA GLY A 3 0.47 21.75 -12.11
C GLY A 3 0.91 20.46 -11.43
N THR A 4 -0.06 19.58 -11.21
CA THR A 4 0.06 18.35 -10.45
C THR A 4 -0.75 17.30 -11.22
N THR A 5 -0.17 16.70 -12.26
CA THR A 5 -0.69 15.54 -13.00
C THR A 5 0.42 14.80 -13.75
N GLU A 6 1.69 15.06 -13.42
CA GLU A 6 2.78 14.27 -13.98
C GLU A 6 2.70 12.84 -13.43
N LYS A 7 2.93 11.88 -14.31
CA LYS A 7 2.85 10.45 -14.02
C LYS A 7 3.75 9.69 -14.97
N SER A 8 4.16 8.48 -14.59
CA SER A 8 5.13 7.66 -15.32
C SER A 8 4.51 6.34 -15.79
N GLY A 9 3.23 6.12 -15.51
CA GLY A 9 2.48 4.95 -15.93
C GLY A 9 2.61 3.78 -14.97
N ILE A 10 3.02 4.07 -13.73
CA ILE A 10 3.16 3.15 -12.62
C ILE A 10 1.77 2.59 -12.31
N LYS A 11 1.71 1.30 -11.96
CA LYS A 11 0.49 0.56 -11.70
C LYS A 11 0.60 -0.37 -10.47
N GLU A 12 1.57 -0.11 -9.61
CA GLU A 12 1.68 -0.68 -8.26
C GLU A 12 2.62 0.23 -7.48
N ILE A 13 2.39 0.31 -6.18
CA ILE A 13 3.21 1.04 -5.21
C ILE A 13 3.60 0.08 -4.11
N ILE A 14 4.37 0.58 -3.15
CA ILE A 14 4.78 -0.17 -1.98
C ILE A 14 4.69 0.76 -0.78
N ILE A 15 3.66 0.61 0.04
CA ILE A 15 3.61 1.27 1.34
C ILE A 15 4.80 0.71 2.13
N GLN A 16 5.86 1.48 2.33
CA GLN A 16 7.00 1.02 3.13
C GLN A 16 6.57 0.73 4.57
N GLY A 17 7.34 -0.11 5.27
CA GLY A 17 7.14 -0.40 6.70
C GLY A 17 8.01 0.48 7.61
N LEU A 18 8.87 1.32 7.04
CA LEU A 18 9.41 2.46 7.72
C LEU A 18 8.43 3.62 7.67
N THR A 19 8.72 4.59 8.51
CA THR A 19 7.99 5.82 8.66
C THR A 19 8.38 6.84 7.59
N ARG A 20 7.70 7.98 7.57
CA ARG A 20 8.15 9.24 6.97
C ARG A 20 9.54 9.69 7.43
N ALA A 21 9.99 9.24 8.60
CA ALA A 21 11.34 9.44 9.12
C ALA A 21 12.32 8.35 8.66
N GLY A 22 11.86 7.38 7.86
CA GLY A 22 12.66 6.24 7.48
C GLY A 22 13.01 5.41 8.69
N LYS A 23 12.06 5.05 9.57
CA LYS A 23 12.33 4.01 10.58
C LYS A 23 11.23 2.99 10.86
N PRO A 24 11.60 1.78 11.28
CA PRO A 24 10.72 0.64 11.18
C PRO A 24 9.67 0.78 12.26
N PHE A 25 8.44 0.74 11.81
CA PHE A 25 7.27 1.07 12.59
C PHE A 25 6.71 -0.23 13.19
N ARG A 26 6.20 -0.15 14.42
CA ARG A 26 5.54 -1.28 15.08
C ARG A 26 4.03 -1.01 15.12
N PRO A 27 3.23 -2.07 15.27
CA PRO A 27 3.67 -3.46 15.18
C PRO A 27 4.06 -3.77 13.73
N SER A 28 5.07 -4.63 13.53
CA SER A 28 5.51 -4.99 12.16
C SER A 28 4.36 -5.71 11.41
N ASP A 29 3.45 -6.30 12.18
CA ASP A 29 2.22 -6.97 11.80
C ASP A 29 1.26 -6.10 11.00
N TRP A 30 1.48 -4.79 10.91
CA TRP A 30 0.59 -3.88 10.19
C TRP A 30 0.31 -4.33 8.75
N VAL A 31 1.29 -4.95 8.11
CA VAL A 31 1.19 -5.54 6.78
C VAL A 31 0.14 -6.66 6.78
N ASP A 32 0.24 -7.58 7.74
CA ASP A 32 -0.66 -8.72 7.83
C ASP A 32 -2.03 -8.27 8.29
N ARG A 33 -2.13 -7.32 9.22
CA ARG A 33 -3.42 -6.76 9.64
C ARG A 33 -4.08 -6.05 8.46
N MET A 34 -3.34 -5.38 7.57
CA MET A 34 -3.90 -4.82 6.36
C MET A 34 -4.47 -5.93 5.49
N CYS A 35 -3.66 -6.92 5.07
CA CYS A 35 -4.20 -7.91 4.14
C CYS A 35 -5.43 -8.62 4.74
N SER A 36 -5.40 -8.90 6.05
CA SER A 36 -6.50 -9.49 6.80
C SER A 36 -7.74 -8.59 6.91
N THR A 37 -7.61 -7.28 6.68
CA THR A 37 -8.69 -6.28 6.64
C THR A 37 -9.31 -6.16 5.23
N TYR A 38 -8.69 -6.77 4.22
CA TYR A 38 -9.17 -6.70 2.83
C TYR A 38 -9.60 -8.08 2.34
N ALA A 39 -9.51 -9.11 3.20
CA ALA A 39 -9.74 -10.53 2.95
C ALA A 39 -11.06 -10.99 3.58
N SER A 40 -11.47 -12.24 3.34
CA SER A 40 -12.74 -12.79 3.87
C SER A 40 -12.81 -14.30 3.77
N PHE A 41 -13.62 -14.90 4.66
CA PHE A 41 -13.62 -16.33 4.93
C PHE A 41 -14.58 -17.02 3.98
N GLY A 42 -14.26 -18.28 3.67
CA GLY A 42 -15.04 -19.08 2.74
C GLY A 42 -15.39 -20.40 3.38
N ALA A 43 -16.34 -20.37 4.31
CA ALA A 43 -16.79 -21.43 5.22
C ALA A 43 -15.71 -21.94 6.19
N ASP A 44 -14.46 -22.04 5.75
CA ASP A 44 -13.30 -22.73 6.32
C ASP A 44 -12.70 -22.04 7.54
N ARG A 45 -13.37 -21.01 8.05
CA ARG A 45 -12.88 -19.98 8.96
C ARG A 45 -11.55 -19.33 8.52
N LYS A 46 -11.12 -19.54 7.28
CA LYS A 46 -9.84 -19.10 6.77
C LYS A 46 -10.13 -18.15 5.64
N LEU A 47 -9.52 -16.97 5.75
CA LEU A 47 -9.66 -15.92 4.77
C LEU A 47 -8.90 -16.27 3.49
N ARG A 48 -9.27 -15.58 2.43
CA ARG A 48 -8.56 -15.46 1.18
C ARG A 48 -8.06 -14.04 1.12
N TYR A 49 -6.75 -13.84 1.17
CA TYR A 49 -6.19 -12.52 0.92
C TYR A 49 -6.48 -12.19 -0.55
N SER A 50 -6.97 -10.99 -0.80
CA SER A 50 -7.12 -10.52 -2.17
C SER A 50 -5.74 -10.44 -2.84
N PRO A 51 -5.65 -10.76 -4.16
CA PRO A 51 -4.39 -10.90 -4.86
C PRO A 51 -3.66 -9.58 -5.08
N TYR A 52 -4.38 -8.45 -5.00
CA TYR A 52 -3.88 -7.11 -5.24
C TYR A 52 -2.97 -6.59 -4.11
N LEU A 53 -2.64 -7.41 -3.11
CA LEU A 53 -2.20 -6.92 -1.82
C LEU A 53 -1.24 -7.92 -1.21
N LYS A 54 0.08 -7.71 -1.35
CA LYS A 54 1.06 -8.71 -0.91
C LYS A 54 2.22 -8.04 -0.17
N PRO A 55 2.85 -8.73 0.79
CA PRO A 55 4.00 -8.19 1.53
C PRO A 55 5.22 -8.07 0.61
N ARG A 56 6.29 -7.46 1.12
CA ARG A 56 7.62 -7.57 0.53
C ARG A 56 8.65 -7.80 1.63
N VAL A 57 9.91 -7.65 1.26
CA VAL A 57 11.04 -7.39 2.13
C VAL A 57 11.90 -6.42 1.32
N ILE A 58 12.02 -5.17 1.78
CA ILE A 58 12.81 -4.09 1.21
C ILE A 58 13.82 -3.75 2.30
N GLU A 59 15.10 -4.10 2.11
CA GLU A 59 16.15 -3.90 3.12
C GLU A 59 15.82 -4.56 4.49
N GLY A 60 14.92 -5.55 4.49
CA GLY A 60 14.44 -6.25 5.68
C GLY A 60 13.06 -5.77 6.15
N VAL A 61 12.67 -4.56 5.75
CA VAL A 61 11.39 -3.95 6.12
C VAL A 61 10.28 -4.63 5.34
N ARG A 62 9.18 -4.94 6.03
CA ARG A 62 8.05 -5.72 5.50
C ARG A 62 7.46 -5.02 4.29
N CYS A 63 6.81 -3.88 4.48
CA CYS A 63 6.15 -3.13 3.42
C CYS A 63 4.98 -3.92 2.81
N LEU A 64 4.17 -3.24 1.98
CA LEU A 64 2.93 -3.77 1.42
C LEU A 64 2.86 -3.28 -0.02
N ALA A 65 3.03 -4.19 -0.99
CA ALA A 65 2.88 -3.91 -2.41
C ALA A 65 1.38 -3.87 -2.73
N VAL A 66 0.86 -2.82 -3.38
CA VAL A 66 -0.57 -2.67 -3.65
C VAL A 66 -0.82 -2.51 -5.15
N ASP A 67 -1.51 -3.45 -5.78
CA ASP A 67 -1.77 -3.42 -7.22
C ASP A 67 -2.81 -2.33 -7.53
N LEU A 68 -2.51 -1.41 -8.44
CA LEU A 68 -3.40 -0.28 -8.71
C LEU A 68 -4.73 -0.72 -9.32
N LYS A 69 -4.80 -1.89 -9.94
CA LYS A 69 -6.04 -2.38 -10.57
C LYS A 69 -7.17 -2.50 -9.57
N LEU A 70 -6.87 -2.65 -8.27
CA LEU A 70 -7.88 -2.59 -7.22
C LEU A 70 -8.71 -1.29 -7.31
N LYS A 71 -8.15 -0.17 -7.76
CA LYS A 71 -8.84 1.12 -7.80
C LYS A 71 -9.92 1.12 -8.89
N ASP A 72 -9.84 0.25 -9.89
CA ASP A 72 -10.95 0.07 -10.84
C ASP A 72 -12.13 -0.55 -10.11
N THR A 73 -11.91 -1.73 -9.52
CA THR A 73 -12.99 -2.58 -9.04
C THR A 73 -13.55 -2.10 -7.69
N ASN A 74 -12.73 -1.45 -6.85
CA ASN A 74 -13.10 -0.90 -5.55
C ASN A 74 -12.21 0.30 -5.26
N PRO A 75 -12.55 1.50 -5.79
CA PRO A 75 -11.75 2.70 -5.57
C PRO A 75 -11.76 3.17 -4.12
N GLU A 76 -12.79 2.84 -3.35
CA GLU A 76 -12.92 3.13 -1.92
C GLU A 76 -11.80 2.40 -1.16
N GLY A 77 -11.54 1.13 -1.49
CA GLY A 77 -10.57 0.30 -0.81
C GLY A 77 -9.17 0.85 -0.98
N PHE A 78 -8.76 1.15 -2.21
CA PHE A 78 -7.44 1.73 -2.46
C PHE A 78 -7.31 3.10 -1.74
N ASN A 79 -8.37 3.90 -1.76
CA ASN A 79 -8.46 5.20 -1.06
C ASN A 79 -8.27 5.04 0.44
N GLN A 80 -9.04 4.14 1.06
CA GLN A 80 -8.88 3.75 2.47
C GLN A 80 -7.41 3.40 2.75
N LEU A 81 -6.80 2.60 1.89
CA LEU A 81 -5.43 2.10 2.07
C LEU A 81 -4.44 3.25 2.13
N MET A 82 -4.65 4.25 1.28
CA MET A 82 -3.83 5.44 1.24
C MET A 82 -3.95 6.22 2.54
N HIS A 83 -5.17 6.39 3.07
CA HIS A 83 -5.36 7.12 4.32
C HIS A 83 -4.53 6.52 5.45
N PHE A 84 -4.47 5.20 5.53
CA PHE A 84 -3.68 4.50 6.53
C PHE A 84 -2.21 4.94 6.50
N ALA A 85 -1.63 5.11 5.31
CA ALA A 85 -0.24 5.50 5.19
C ALA A 85 -0.01 6.94 5.67
N THR A 86 -1.01 7.82 5.54
CA THR A 86 -0.98 9.17 6.10
C THR A 86 -1.03 9.06 7.62
N GLU A 87 -2.03 8.38 8.17
CA GLU A 87 -2.33 8.28 9.59
C GLU A 87 -1.17 7.64 10.35
N ASN A 88 -0.62 6.56 9.80
CA ASN A 88 0.47 5.81 10.44
C ASN A 88 1.82 6.39 10.05
N GLN A 89 1.84 7.43 9.21
CA GLN A 89 3.01 8.16 8.75
C GLN A 89 4.12 7.22 8.28
N LEU A 90 3.74 6.38 7.32
CA LEU A 90 4.60 5.43 6.64
C LEU A 90 5.12 6.08 5.39
N ASN A 91 6.36 5.78 5.01
CA ASN A 91 6.85 6.20 3.71
C ASN A 91 6.06 5.42 2.66
N ILE A 92 5.89 5.97 1.47
CA ILE A 92 5.25 5.26 0.37
C ILE A 92 6.26 5.29 -0.76
N LEU A 93 6.67 4.11 -1.19
CA LEU A 93 7.48 3.94 -2.37
C LEU A 93 6.58 3.63 -3.56
N ASP A 94 7.21 3.65 -4.70
CA ASP A 94 6.67 3.24 -6.00
C ASP A 94 7.21 1.88 -6.42
N ALA A 95 6.90 1.48 -7.66
CA ALA A 95 7.28 0.19 -8.22
C ALA A 95 8.79 0.01 -8.35
N GLU A 96 9.56 1.08 -8.57
CA GLU A 96 11.01 1.02 -8.53
C GLU A 96 11.44 0.87 -7.07
N GLY A 97 10.83 1.67 -6.20
CA GLY A 97 11.15 1.86 -4.81
C GLY A 97 11.50 3.33 -4.50
N ASN A 98 11.18 4.26 -5.41
CA ASN A 98 11.36 5.69 -5.18
C ASN A 98 10.31 6.15 -4.18
N SER A 99 10.65 6.96 -3.18
CA SER A 99 9.65 7.55 -2.29
C SER A 99 8.78 8.55 -3.08
N ILE A 100 7.45 8.47 -2.95
CA ILE A 100 6.48 9.27 -3.70
C ILE A 100 5.34 9.75 -2.79
N ASP A 101 4.68 10.85 -3.17
CA ASP A 101 3.43 11.28 -2.56
C ASP A 101 2.31 10.39 -3.08
N ALA A 102 1.23 10.27 -2.31
CA ALA A 102 0.04 9.50 -2.70
C ALA A 102 -0.83 10.32 -3.66
N ALA A 103 -0.68 11.65 -3.64
CA ALA A 103 -1.32 12.58 -4.56
C ALA A 103 -0.99 12.25 -6.02
N GLN A 104 0.11 11.55 -6.27
CA GLN A 104 0.57 11.16 -7.59
C GLN A 104 0.04 9.77 -8.00
N VAL A 105 -0.83 9.14 -7.19
CA VAL A 105 -1.28 7.76 -7.36
C VAL A 105 -2.81 7.67 -7.37
N THR A 106 -3.51 8.52 -6.61
CA THR A 106 -4.96 8.54 -6.59
C THR A 106 -5.56 9.28 -7.81
N GLU A 107 -4.75 9.60 -8.82
CA GLU A 107 -5.10 10.34 -10.03
C GLU A 107 -4.57 9.70 -11.32
N ILE A 108 -4.09 8.46 -11.25
CA ILE A 108 -3.58 7.74 -12.42
C ILE A 108 -4.70 7.57 -13.45
N GLY A 1 -1.90 27.46 -12.66
CA GLY A 1 -0.53 27.52 -12.15
C GLY A 1 -0.31 26.41 -11.14
N MET A 2 0.08 25.21 -11.59
CA MET A 2 0.49 24.08 -10.76
C MET A 2 1.67 23.38 -11.44
N GLY A 3 2.21 22.35 -10.80
CA GLY A 3 3.15 21.37 -11.33
C GLY A 3 2.44 20.01 -11.41
N THR A 4 3.22 18.94 -11.57
CA THR A 4 2.73 17.56 -11.66
C THR A 4 1.53 17.43 -12.62
N THR A 5 1.83 17.60 -13.91
CA THR A 5 0.91 17.42 -15.02
C THR A 5 1.40 16.29 -15.95
N GLU A 6 2.13 15.34 -15.40
CA GLU A 6 2.48 14.08 -16.06
C GLU A 6 1.94 12.95 -15.19
N LYS A 7 0.75 12.45 -15.55
CA LYS A 7 0.20 11.18 -15.07
C LYS A 7 1.27 10.10 -15.15
N SER A 8 1.48 9.35 -14.08
CA SER A 8 2.43 8.27 -14.04
C SER A 8 1.90 7.02 -14.79
N GLY A 9 2.66 5.92 -14.77
CA GLY A 9 2.23 4.62 -15.30
C GLY A 9 2.13 3.52 -14.25
N ILE A 10 2.31 3.91 -12.99
CA ILE A 10 2.35 3.08 -11.80
C ILE A 10 1.04 2.30 -11.70
N LYS A 11 1.15 1.00 -11.42
CA LYS A 11 0.01 0.11 -11.19
C LYS A 11 0.15 -0.78 -9.95
N GLU A 12 1.17 -0.52 -9.15
CA GLU A 12 1.35 -1.14 -7.86
C GLU A 12 2.10 -0.13 -7.01
N ILE A 13 1.82 -0.11 -5.72
CA ILE A 13 2.47 0.76 -4.74
C ILE A 13 2.89 -0.07 -3.53
N ILE A 14 3.77 0.47 -2.69
CA ILE A 14 4.40 -0.25 -1.59
C ILE A 14 4.43 0.68 -0.38
N ILE A 15 3.47 0.54 0.53
CA ILE A 15 3.56 1.18 1.84
C ILE A 15 4.75 0.53 2.54
N GLN A 16 5.84 1.28 2.70
CA GLN A 16 6.98 0.81 3.44
C GLN A 16 6.62 0.73 4.93
N GLY A 17 7.21 -0.22 5.66
CA GLY A 17 7.06 -0.29 7.12
C GLY A 17 8.08 0.59 7.84
N LEU A 18 8.68 1.56 7.15
CA LEU A 18 9.63 2.51 7.66
C LEU A 18 8.88 3.83 7.85
N THR A 19 9.06 4.44 9.01
CA THR A 19 8.66 5.81 9.27
C THR A 19 9.54 6.76 8.47
N ARG A 20 9.09 8.01 8.30
CA ARG A 20 9.82 9.06 7.58
C ARG A 20 11.27 9.26 8.04
N ALA A 21 11.56 9.02 9.32
CA ALA A 21 12.89 9.18 9.89
C ALA A 21 13.82 8.00 9.54
N GLY A 22 13.35 7.03 8.77
CA GLY A 22 14.07 5.85 8.33
C GLY A 22 14.02 4.69 9.32
N LYS A 23 13.20 4.80 10.37
CA LYS A 23 13.15 3.84 11.47
C LYS A 23 11.99 2.88 11.26
N PRO A 24 12.12 1.59 11.64
CA PRO A 24 11.07 0.61 11.47
C PRO A 24 9.87 0.90 12.38
N PHE A 25 8.67 0.77 11.83
CA PHE A 25 7.43 1.00 12.53
C PHE A 25 7.00 -0.25 13.32
N ARG A 26 6.05 -0.09 14.23
CA ARG A 26 5.51 -1.10 15.12
C ARG A 26 4.01 -0.87 15.35
N PRO A 27 3.25 -1.93 15.68
CA PRO A 27 3.73 -3.31 15.71
C PRO A 27 4.06 -3.73 14.28
N SER A 28 5.14 -4.49 14.14
CA SER A 28 5.72 -4.75 12.84
C SER A 28 4.76 -5.59 11.98
N ASP A 29 3.89 -6.36 12.65
CA ASP A 29 2.82 -7.18 12.07
C ASP A 29 1.63 -6.34 11.58
N TRP A 30 1.74 -5.00 11.53
CA TRP A 30 0.74 -4.13 10.92
C TRP A 30 0.39 -4.60 9.50
N VAL A 31 1.39 -5.13 8.79
CA VAL A 31 1.29 -5.71 7.46
C VAL A 31 0.22 -6.80 7.46
N ASP A 32 0.26 -7.69 8.45
CA ASP A 32 -0.64 -8.81 8.56
C ASP A 32 -2.03 -8.36 9.00
N ARG A 33 -2.13 -7.26 9.75
CA ARG A 33 -3.43 -6.67 10.09
C ARG A 33 -4.13 -6.20 8.82
N MET A 34 -3.43 -5.45 7.96
CA MET A 34 -4.01 -4.91 6.73
C MET A 34 -4.51 -6.05 5.84
N CYS A 35 -3.65 -7.02 5.52
CA CYS A 35 -4.02 -8.04 4.56
C CYS A 35 -5.25 -8.82 5.03
N SER A 36 -5.38 -9.07 6.34
CA SER A 36 -6.54 -9.71 6.96
C SER A 36 -7.82 -8.90 6.67
N THR A 37 -7.80 -7.62 7.01
CA THR A 37 -8.98 -6.76 6.87
C THR A 37 -9.49 -6.73 5.43
N TYR A 38 -8.59 -6.68 4.45
CA TYR A 38 -8.93 -6.57 3.04
C TYR A 38 -9.06 -7.95 2.37
N ALA A 39 -9.04 -9.03 3.14
CA ALA A 39 -9.23 -10.40 2.69
C ALA A 39 -10.60 -10.91 3.14
N SER A 40 -10.93 -12.15 2.77
CA SER A 40 -12.19 -12.74 3.15
C SER A 40 -12.10 -14.24 2.98
N PHE A 41 -13.06 -14.97 3.54
CA PHE A 41 -13.16 -16.40 3.36
C PHE A 41 -13.67 -16.73 1.95
N GLY A 42 -13.32 -17.91 1.46
CA GLY A 42 -13.84 -18.50 0.22
C GLY A 42 -14.57 -19.79 0.56
N ALA A 43 -14.93 -20.62 -0.43
CA ALA A 43 -15.74 -21.81 -0.20
C ALA A 43 -15.08 -22.78 0.81
N ASP A 44 -13.75 -22.85 0.80
CA ASP A 44 -12.93 -23.68 1.71
C ASP A 44 -13.02 -23.20 3.17
N ARG A 45 -13.67 -22.06 3.41
CA ARG A 45 -13.79 -21.36 4.70
C ARG A 45 -12.45 -21.29 5.43
N LYS A 46 -11.42 -20.78 4.72
CA LYS A 46 -10.03 -20.84 5.18
C LYS A 46 -9.22 -19.59 4.85
N LEU A 47 -9.87 -18.44 4.68
CA LEU A 47 -9.29 -17.15 4.28
C LEU A 47 -8.60 -17.16 2.91
N ARG A 48 -8.84 -16.13 2.10
CA ARG A 48 -8.18 -15.84 0.83
C ARG A 48 -7.82 -14.37 0.84
N TYR A 49 -6.54 -14.06 0.63
CA TYR A 49 -6.08 -12.70 0.43
C TYR A 49 -6.28 -12.37 -1.04
N SER A 50 -6.71 -11.16 -1.38
CA SER A 50 -6.76 -10.74 -2.77
C SER A 50 -5.35 -10.78 -3.39
N PRO A 51 -5.20 -11.03 -4.70
CA PRO A 51 -3.93 -10.92 -5.41
C PRO A 51 -3.42 -9.47 -5.50
N TYR A 52 -4.09 -8.52 -4.85
CA TYR A 52 -3.80 -7.09 -4.90
C TYR A 52 -3.18 -6.59 -3.60
N LEU A 53 -2.74 -7.48 -2.69
CA LEU A 53 -2.34 -7.12 -1.33
C LEU A 53 -1.46 -8.24 -0.79
N LYS A 54 -0.13 -8.08 -0.82
CA LYS A 54 0.79 -9.08 -0.28
C LYS A 54 2.03 -8.42 0.33
N PRO A 55 2.66 -9.05 1.33
CA PRO A 55 3.92 -8.57 1.88
C PRO A 55 5.03 -8.65 0.83
N ARG A 56 6.15 -7.97 1.09
CA ARG A 56 7.37 -7.99 0.27
C ARG A 56 8.54 -8.10 1.26
N VAL A 57 9.76 -7.82 0.80
CA VAL A 57 10.81 -7.23 1.62
C VAL A 57 11.47 -6.17 0.72
N ILE A 58 11.73 -4.97 1.24
CA ILE A 58 12.59 -3.95 0.61
C ILE A 58 13.55 -3.49 1.71
N GLU A 59 14.86 -3.60 1.53
CA GLU A 59 15.85 -3.09 2.50
C GLU A 59 15.69 -3.73 3.90
N GLY A 60 15.11 -4.93 3.94
CA GLY A 60 14.76 -5.65 5.16
C GLY A 60 13.41 -5.27 5.73
N VAL A 61 12.78 -4.20 5.26
CA VAL A 61 11.51 -3.73 5.80
C VAL A 61 10.41 -4.70 5.32
N ARG A 62 9.39 -4.87 6.16
CA ARG A 62 8.30 -5.80 5.93
C ARG A 62 7.46 -5.41 4.72
N CYS A 63 7.08 -4.13 4.65
CA CYS A 63 6.23 -3.49 3.63
C CYS A 63 4.94 -4.25 3.27
N LEU A 64 4.09 -3.63 2.45
CA LEU A 64 2.85 -4.23 1.96
C LEU A 64 2.65 -3.70 0.55
N ALA A 65 2.78 -4.57 -0.45
CA ALA A 65 2.45 -4.23 -1.83
C ALA A 65 0.94 -4.15 -1.95
N VAL A 66 0.43 -3.17 -2.70
CA VAL A 66 -0.99 -3.02 -3.03
C VAL A 66 -1.06 -2.79 -4.54
N ASP A 67 -1.73 -3.67 -5.27
CA ASP A 67 -1.92 -3.56 -6.72
C ASP A 67 -3.06 -2.58 -7.00
N LEU A 68 -2.86 -1.66 -7.94
CA LEU A 68 -3.82 -0.58 -8.21
C LEU A 68 -5.09 -1.08 -8.91
N LYS A 69 -5.12 -2.33 -9.39
CA LYS A 69 -6.33 -2.94 -9.94
C LYS A 69 -7.45 -2.91 -8.90
N LEU A 70 -7.12 -3.04 -7.61
CA LEU A 70 -8.11 -2.93 -6.54
C LEU A 70 -8.85 -1.60 -6.61
N LYS A 71 -8.18 -0.48 -6.85
CA LYS A 71 -8.82 0.84 -6.85
C LYS A 71 -9.93 0.92 -7.89
N ASP A 72 -9.86 0.12 -8.94
CA ASP A 72 -10.90 0.08 -9.96
C ASP A 72 -12.18 -0.56 -9.45
N THR A 73 -12.07 -1.57 -8.58
CA THR A 73 -13.19 -2.39 -8.13
C THR A 73 -13.63 -2.06 -6.69
N ASN A 74 -12.77 -1.38 -5.94
CA ASN A 74 -13.05 -0.76 -4.65
C ASN A 74 -12.05 0.39 -4.48
N PRO A 75 -12.35 1.58 -5.01
CA PRO A 75 -11.48 2.72 -4.80
C PRO A 75 -11.46 3.13 -3.34
N GLU A 76 -12.56 2.91 -2.62
CA GLU A 76 -12.79 3.39 -1.27
C GLU A 76 -11.83 2.72 -0.29
N GLY A 77 -11.71 1.40 -0.37
CA GLY A 77 -10.76 0.64 0.43
C GLY A 77 -9.34 1.13 0.16
N PHE A 78 -8.95 1.19 -1.12
CA PHE A 78 -7.64 1.68 -1.50
C PHE A 78 -7.39 3.09 -0.94
N ASN A 79 -8.38 3.98 -1.09
CA ASN A 79 -8.35 5.36 -0.63
C ASN A 79 -8.10 5.43 0.88
N GLN A 80 -8.67 4.52 1.69
CA GLN A 80 -8.35 4.42 3.10
C GLN A 80 -6.92 3.92 3.33
N LEU A 81 -6.48 2.89 2.59
CA LEU A 81 -5.15 2.28 2.73
C LEU A 81 -4.06 3.35 2.57
N MET A 82 -4.24 4.24 1.60
CA MET A 82 -3.31 5.35 1.35
C MET A 82 -3.17 6.24 2.58
N HIS A 83 -4.29 6.67 3.15
CA HIS A 83 -4.33 7.62 4.24
C HIS A 83 -3.64 7.08 5.50
N PHE A 84 -3.90 5.81 5.81
CA PHE A 84 -3.30 5.10 6.93
C PHE A 84 -1.78 5.25 6.95
N ALA A 85 -1.13 5.28 5.77
CA ALA A 85 0.30 5.47 5.70
C ALA A 85 0.71 6.83 6.29
N THR A 86 0.06 7.93 5.87
CA THR A 86 0.36 9.26 6.39
C THR A 86 0.14 9.31 7.90
N GLU A 87 -0.97 8.74 8.40
CA GLU A 87 -1.31 8.73 9.81
C GLU A 87 -0.27 8.04 10.68
N ASN A 88 0.54 7.16 10.10
CA ASN A 88 1.61 6.44 10.80
C ASN A 88 2.97 6.94 10.35
N GLN A 89 3.00 8.00 9.52
CA GLN A 89 4.16 8.65 8.91
C GLN A 89 5.03 7.66 8.11
N LEU A 90 4.40 6.59 7.62
CA LEU A 90 5.04 5.54 6.82
C LEU A 90 5.40 6.10 5.44
N ASN A 91 6.51 5.62 4.89
CA ASN A 91 6.97 6.03 3.57
C ASN A 91 6.11 5.34 2.53
N ILE A 92 5.44 6.09 1.65
CA ILE A 92 4.63 5.53 0.58
C ILE A 92 5.60 5.39 -0.58
N LEU A 93 5.90 4.17 -1.01
CA LEU A 93 6.66 3.95 -2.21
C LEU A 93 5.75 3.52 -3.34
N ASP A 94 6.34 3.46 -4.51
CA ASP A 94 5.75 2.86 -5.70
C ASP A 94 6.28 1.42 -5.84
N ALA A 95 5.96 0.78 -6.97
CA ALA A 95 6.42 -0.57 -7.30
C ALA A 95 7.94 -0.68 -7.40
N GLU A 96 8.65 0.40 -7.78
CA GLU A 96 10.10 0.40 -7.85
C GLU A 96 10.75 0.65 -6.48
N GLY A 97 10.07 1.40 -5.61
CA GLY A 97 10.56 1.82 -4.30
C GLY A 97 10.85 3.32 -4.22
N ASN A 98 10.42 4.12 -5.20
CA ASN A 98 10.48 5.59 -5.20
C ASN A 98 9.43 6.11 -4.21
N SER A 99 9.76 7.09 -3.37
CA SER A 99 8.87 7.57 -2.31
C SER A 99 7.89 8.62 -2.82
N ILE A 100 6.76 8.15 -3.35
CA ILE A 100 5.75 8.95 -4.04
C ILE A 100 4.79 9.64 -3.06
N ASP A 101 4.05 10.64 -3.54
CA ASP A 101 2.89 11.17 -2.83
C ASP A 101 1.70 10.31 -3.23
N ALA A 102 0.72 10.26 -2.35
CA ALA A 102 -0.52 9.51 -2.56
C ALA A 102 -1.46 10.23 -3.52
N ALA A 103 -1.29 11.54 -3.71
CA ALA A 103 -1.99 12.30 -4.74
C ALA A 103 -1.66 11.69 -6.10
N GLN A 104 -0.37 11.52 -6.39
CA GLN A 104 0.10 10.98 -7.66
C GLN A 104 -0.40 9.55 -7.91
N VAL A 105 -0.97 8.86 -6.91
CA VAL A 105 -1.52 7.51 -7.04
C VAL A 105 -3.02 7.61 -7.30
N THR A 106 -3.72 8.40 -6.49
CA THR A 106 -5.18 8.46 -6.49
C THR A 106 -5.75 9.17 -7.72
N GLU A 107 -4.89 9.73 -8.58
CA GLU A 107 -5.24 10.54 -9.75
C GLU A 107 -4.79 9.88 -11.07
N ILE A 108 -4.44 8.58 -11.06
CA ILE A 108 -4.05 7.83 -12.25
C ILE A 108 -5.31 7.35 -12.94
N GLY A 1 10.23 21.88 -13.21
CA GLY A 1 9.53 20.76 -12.57
C GLY A 1 9.82 20.81 -11.09
N MET A 2 10.17 19.68 -10.46
CA MET A 2 10.58 19.58 -9.06
C MET A 2 9.44 19.81 -8.05
N GLY A 3 8.33 20.45 -8.44
CA GLY A 3 7.18 20.68 -7.56
C GLY A 3 6.48 19.36 -7.27
N THR A 4 5.49 18.99 -8.09
CA THR A 4 4.70 17.76 -7.91
C THR A 4 4.46 17.03 -9.24
N THR A 5 5.02 17.52 -10.35
CA THR A 5 4.78 17.05 -11.71
C THR A 5 5.60 15.80 -11.95
N GLU A 6 5.17 14.71 -11.34
CA GLU A 6 5.70 13.37 -11.45
C GLU A 6 4.54 12.39 -11.70
N LYS A 7 4.15 12.22 -12.96
CA LYS A 7 3.16 11.24 -13.40
C LYS A 7 3.88 10.00 -13.91
N SER A 8 3.25 8.84 -13.87
CA SER A 8 3.85 7.60 -14.36
C SER A 8 2.75 6.57 -14.61
N GLY A 9 3.06 5.54 -15.40
CA GLY A 9 2.15 4.49 -15.81
C GLY A 9 1.97 3.42 -14.74
N ILE A 10 2.03 3.80 -13.46
CA ILE A 10 1.97 2.90 -12.31
C ILE A 10 0.64 2.13 -12.33
N LYS A 11 0.70 0.82 -12.03
CA LYS A 11 -0.45 -0.07 -11.84
C LYS A 11 -0.41 -0.84 -10.52
N GLU A 12 0.53 -0.52 -9.66
CA GLU A 12 0.70 -1.15 -8.36
C GLU A 12 1.60 -0.25 -7.50
N ILE A 13 1.13 0.19 -6.34
CA ILE A 13 1.85 1.04 -5.39
C ILE A 13 2.45 0.15 -4.28
N ILE A 14 3.16 0.72 -3.31
CA ILE A 14 3.63 -0.04 -2.14
C ILE A 14 3.66 0.91 -0.95
N ILE A 15 2.80 0.68 0.03
CA ILE A 15 2.86 1.42 1.28
C ILE A 15 4.16 0.98 1.95
N GLN A 16 5.13 1.88 2.09
CA GLN A 16 6.38 1.51 2.70
C GLN A 16 6.14 1.21 4.19
N GLY A 17 6.94 0.32 4.77
CA GLY A 17 6.91 0.06 6.21
C GLY A 17 7.72 1.07 7.01
N LEU A 18 8.10 2.18 6.38
CA LEU A 18 9.08 3.14 6.75
C LEU A 18 8.39 4.51 6.90
N THR A 19 8.78 5.29 7.90
CA THR A 19 8.15 6.58 8.18
C THR A 19 8.67 7.66 7.22
N ARG A 20 8.01 8.82 7.26
CA ARG A 20 8.51 10.11 6.76
C ARG A 20 9.87 10.52 7.32
N ALA A 21 10.26 9.97 8.47
CA ALA A 21 11.56 10.18 9.09
C ALA A 21 12.53 9.05 8.80
N GLY A 22 12.22 8.15 7.87
CA GLY A 22 13.18 7.18 7.37
C GLY A 22 13.51 6.07 8.34
N LYS A 23 12.60 5.73 9.27
CA LYS A 23 12.73 4.52 10.08
C LYS A 23 11.49 3.69 10.20
N PRO A 24 11.63 2.38 10.42
CA PRO A 24 10.55 1.48 10.13
C PRO A 24 9.58 1.42 11.30
N PHE A 25 8.32 1.59 10.99
CA PHE A 25 7.21 1.81 11.90
C PHE A 25 6.79 0.50 12.57
N ARG A 26 6.22 0.55 13.79
CA ARG A 26 5.67 -0.61 14.48
C ARG A 26 4.14 -0.55 14.60
N PRO A 27 3.43 -1.68 14.77
CA PRO A 27 3.98 -3.03 14.96
C PRO A 27 4.70 -3.50 13.70
N SER A 28 5.65 -4.41 13.81
CA SER A 28 6.32 -4.97 12.64
C SER A 28 5.28 -5.57 11.70
N ASP A 29 4.35 -6.30 12.32
CA ASP A 29 3.40 -7.20 11.72
C ASP A 29 2.19 -6.44 11.17
N TRP A 30 2.28 -5.11 11.03
CA TRP A 30 1.26 -4.25 10.43
C TRP A 30 0.90 -4.74 9.03
N VAL A 31 1.90 -5.25 8.30
CA VAL A 31 1.76 -5.78 6.95
C VAL A 31 0.77 -6.95 6.94
N ASP A 32 0.72 -7.75 8.01
CA ASP A 32 -0.20 -8.89 8.15
C ASP A 32 -1.55 -8.45 8.73
N ARG A 33 -1.59 -7.29 9.41
CA ARG A 33 -2.85 -6.72 9.88
C ARG A 33 -3.65 -6.29 8.66
N MET A 34 -3.01 -5.58 7.74
CA MET A 34 -3.69 -5.07 6.56
C MET A 34 -4.22 -6.23 5.71
N CYS A 35 -3.39 -7.25 5.41
CA CYS A 35 -3.84 -8.35 4.55
C CYS A 35 -5.11 -8.99 5.11
N SER A 36 -5.13 -9.24 6.41
CA SER A 36 -6.23 -9.87 7.12
C SER A 36 -7.50 -8.99 7.10
N THR A 37 -7.35 -7.67 7.08
CA THR A 37 -8.46 -6.72 7.08
C THR A 37 -9.04 -6.51 5.68
N TYR A 38 -8.43 -7.10 4.64
CA TYR A 38 -8.82 -7.02 3.24
C TYR A 38 -9.06 -8.43 2.69
N ALA A 39 -9.59 -9.31 3.55
CA ALA A 39 -9.68 -10.74 3.30
C ALA A 39 -10.84 -11.40 4.04
N SER A 40 -11.01 -12.69 3.80
CA SER A 40 -12.15 -13.47 4.27
C SER A 40 -11.74 -14.89 4.58
N PHE A 41 -12.60 -15.61 5.27
CA PHE A 41 -12.60 -17.06 5.30
C PHE A 41 -13.27 -17.52 4.01
N GLY A 42 -12.71 -18.54 3.37
CA GLY A 42 -13.40 -19.25 2.31
C GLY A 42 -14.41 -20.23 2.91
N ALA A 43 -15.02 -21.03 2.04
CA ALA A 43 -15.95 -22.11 2.33
C ALA A 43 -15.45 -22.97 3.50
N ASP A 44 -14.14 -23.23 3.52
CA ASP A 44 -13.50 -24.22 4.39
C ASP A 44 -13.03 -23.60 5.70
N ARG A 45 -13.40 -22.35 5.98
CA ARG A 45 -13.07 -21.57 7.19
C ARG A 45 -11.57 -21.28 7.36
N LYS A 46 -10.74 -21.62 6.38
CA LYS A 46 -9.38 -21.10 6.30
C LYS A 46 -9.43 -19.75 5.59
N LEU A 47 -8.53 -18.86 6.01
CA LEU A 47 -8.43 -17.50 5.52
C LEU A 47 -7.83 -17.51 4.11
N ARG A 48 -8.32 -16.63 3.24
CA ARG A 48 -7.79 -16.33 1.92
C ARG A 48 -7.64 -14.83 1.79
N TYR A 49 -6.41 -14.35 1.77
CA TYR A 49 -6.10 -12.97 1.45
C TYR A 49 -6.48 -12.69 -0.02
N SER A 50 -6.67 -11.42 -0.35
CA SER A 50 -6.83 -10.98 -1.74
C SER A 50 -5.50 -11.07 -2.51
N PRO A 51 -5.53 -11.20 -3.85
CA PRO A 51 -4.32 -11.18 -4.68
C PRO A 51 -3.77 -9.75 -4.83
N TYR A 52 -4.62 -8.74 -4.62
CA TYR A 52 -4.29 -7.33 -4.83
C TYR A 52 -3.30 -6.80 -3.82
N LEU A 53 -3.04 -7.54 -2.76
CA LEU A 53 -2.54 -6.99 -1.52
C LEU A 53 -1.62 -8.04 -0.97
N LYS A 54 -0.31 -7.84 -1.09
CA LYS A 54 0.65 -8.83 -0.67
C LYS A 54 1.82 -8.17 0.05
N PRO A 55 2.48 -8.90 0.96
CA PRO A 55 3.71 -8.43 1.54
C PRO A 55 4.79 -8.38 0.44
N ARG A 56 5.79 -7.57 0.72
CA ARG A 56 7.13 -7.73 0.17
C ARG A 56 8.08 -7.65 1.37
N VAL A 57 9.36 -7.46 1.07
CA VAL A 57 10.38 -6.80 1.86
C VAL A 57 11.45 -6.29 0.90
N ILE A 58 11.77 -5.00 1.01
CA ILE A 58 12.79 -4.28 0.26
C ILE A 58 13.66 -3.66 1.35
N GLU A 59 14.98 -3.87 1.28
CA GLU A 59 15.95 -3.32 2.23
C GLU A 59 15.59 -3.66 3.69
N GLY A 60 14.99 -4.84 3.91
CA GLY A 60 14.51 -5.31 5.20
C GLY A 60 13.19 -4.67 5.62
N VAL A 61 12.71 -3.65 4.92
CA VAL A 61 11.43 -3.01 5.17
C VAL A 61 10.36 -3.82 4.46
N ARG A 62 9.50 -4.46 5.25
CA ARG A 62 8.40 -5.33 4.86
C ARG A 62 7.58 -4.67 3.75
N CYS A 63 6.89 -3.57 4.03
CA CYS A 63 6.04 -2.87 3.05
C CYS A 63 4.88 -3.76 2.56
N LEU A 64 3.94 -3.16 1.83
CA LEU A 64 2.67 -3.76 1.45
C LEU A 64 2.35 -3.29 0.04
N ALA A 65 2.47 -4.18 -0.95
CA ALA A 65 2.18 -3.86 -2.34
C ALA A 65 0.66 -3.83 -2.54
N VAL A 66 0.16 -2.92 -3.38
CA VAL A 66 -1.28 -2.70 -3.57
C VAL A 66 -1.56 -2.53 -5.06
N ASP A 67 -2.16 -3.54 -5.67
CA ASP A 67 -2.55 -3.60 -7.07
C ASP A 67 -3.65 -2.57 -7.32
N LEU A 68 -3.45 -1.66 -8.26
CA LEU A 68 -4.42 -0.60 -8.58
C LEU A 68 -5.76 -1.16 -9.07
N LYS A 69 -5.82 -2.42 -9.51
CA LYS A 69 -7.07 -3.10 -9.85
C LYS A 69 -8.02 -3.14 -8.65
N LEU A 70 -7.51 -3.10 -7.42
CA LEU A 70 -8.36 -2.95 -6.25
C LEU A 70 -9.10 -1.60 -6.28
N LYS A 71 -8.49 -0.48 -6.67
CA LYS A 71 -9.21 0.81 -6.77
C LYS A 71 -10.33 0.71 -7.80
N ASP A 72 -10.16 -0.07 -8.85
CA ASP A 72 -11.17 -0.22 -9.90
C ASP A 72 -12.39 -1.03 -9.42
N THR A 73 -12.17 -1.98 -8.52
CA THR A 73 -13.22 -2.91 -8.03
C THR A 73 -13.76 -2.57 -6.63
N ASN A 74 -13.00 -1.88 -5.79
CA ASN A 74 -13.40 -1.39 -4.47
C ASN A 74 -12.58 -0.14 -4.16
N PRO A 75 -12.93 0.99 -4.78
CA PRO A 75 -12.20 2.24 -4.59
C PRO A 75 -12.18 2.70 -3.13
N GLU A 76 -13.25 2.43 -2.38
CA GLU A 76 -13.39 2.73 -0.96
C GLU A 76 -12.33 1.98 -0.14
N GLY A 77 -12.16 0.68 -0.41
CA GLY A 77 -11.19 -0.15 0.29
C GLY A 77 -9.78 0.37 0.04
N PHE A 78 -9.41 0.52 -1.23
CA PHE A 78 -8.09 1.03 -1.62
C PHE A 78 -7.84 2.41 -1.00
N ASN A 79 -8.85 3.28 -1.01
CA ASN A 79 -8.84 4.60 -0.38
C ASN A 79 -8.48 4.51 1.10
N GLN A 80 -9.24 3.74 1.89
CA GLN A 80 -8.97 3.59 3.32
C GLN A 80 -7.55 3.08 3.57
N LEU A 81 -7.05 2.21 2.70
CA LEU A 81 -5.69 1.69 2.79
C LEU A 81 -4.65 2.78 2.63
N MET A 82 -4.87 3.67 1.65
CA MET A 82 -4.02 4.82 1.42
C MET A 82 -4.07 5.77 2.61
N HIS A 83 -5.27 6.05 3.15
CA HIS A 83 -5.44 6.91 4.30
C HIS A 83 -4.59 6.42 5.46
N PHE A 84 -4.69 5.13 5.79
CA PHE A 84 -3.88 4.51 6.83
C PHE A 84 -2.38 4.80 6.65
N ALA A 85 -1.87 4.80 5.41
CA ALA A 85 -0.48 5.14 5.17
C ALA A 85 -0.19 6.58 5.61
N THR A 86 -0.95 7.54 5.08
CA THR A 86 -0.83 8.95 5.41
C THR A 86 -0.93 9.14 6.93
N GLU A 87 -1.92 8.53 7.57
CA GLU A 87 -2.26 8.67 8.99
C GLU A 87 -1.07 8.32 9.88
N ASN A 88 -0.46 7.16 9.63
CA ASN A 88 0.66 6.62 10.40
C ASN A 88 1.98 7.31 10.01
N GLN A 89 1.92 8.25 9.05
CA GLN A 89 3.04 8.97 8.45
C GLN A 89 4.03 8.01 7.76
N LEU A 90 3.52 6.93 7.19
CA LEU A 90 4.29 6.02 6.36
C LEU A 90 4.58 6.69 5.03
N ASN A 91 5.70 6.32 4.42
CA ASN A 91 5.99 6.76 3.06
C ASN A 91 5.11 5.95 2.10
N ILE A 92 4.75 6.56 0.96
CA ILE A 92 3.90 5.99 -0.06
C ILE A 92 4.78 6.07 -1.31
N LEU A 93 5.38 4.94 -1.68
CA LEU A 93 6.25 4.90 -2.84
C LEU A 93 5.45 4.42 -4.05
N ASP A 94 6.01 4.62 -5.23
CA ASP A 94 5.51 4.07 -6.48
C ASP A 94 6.22 2.76 -6.81
N ALA A 95 5.85 2.16 -7.92
CA ALA A 95 6.39 0.87 -8.35
C ALA A 95 7.92 0.88 -8.47
N GLU A 96 8.57 2.03 -8.64
CA GLU A 96 10.01 2.16 -8.65
C GLU A 96 10.58 2.30 -7.24
N GLY A 97 9.92 3.04 -6.34
CA GLY A 97 10.47 3.50 -5.09
C GLY A 97 10.61 5.01 -4.98
N ASN A 98 9.96 5.80 -5.85
CA ASN A 98 9.79 7.25 -5.70
C ASN A 98 8.64 7.50 -4.74
N SER A 99 8.79 8.38 -3.75
CA SER A 99 7.68 8.82 -2.92
C SER A 99 6.69 9.63 -3.76
N ILE A 100 5.39 9.36 -3.67
CA ILE A 100 4.34 10.07 -4.40
C ILE A 100 3.20 10.46 -3.45
N ASP A 101 2.35 11.39 -3.89
CA ASP A 101 1.10 11.71 -3.22
C ASP A 101 0.10 10.59 -3.52
N ALA A 102 -0.93 10.53 -2.69
CA ALA A 102 -2.04 9.61 -2.90
C ALA A 102 -2.95 10.06 -4.04
N ALA A 103 -3.09 11.37 -4.26
CA ALA A 103 -3.87 11.94 -5.36
C ALA A 103 -3.40 11.37 -6.70
N GLN A 104 -2.07 11.22 -6.85
CA GLN A 104 -1.43 10.72 -8.05
C GLN A 104 -1.67 9.21 -8.27
N VAL A 105 -2.50 8.57 -7.45
CA VAL A 105 -2.91 7.18 -7.54
C VAL A 105 -4.43 7.09 -7.66
N THR A 106 -5.17 7.95 -6.97
CA THR A 106 -6.63 7.89 -6.90
C THR A 106 -7.30 8.61 -8.08
N GLU A 107 -6.54 9.15 -9.04
CA GLU A 107 -7.03 9.88 -10.21
C GLU A 107 -6.42 9.33 -11.52
N ILE A 108 -6.04 8.05 -11.53
CA ILE A 108 -5.60 7.34 -12.73
C ILE A 108 -6.84 6.98 -13.54
N GLY A 1 4.83 22.64 -16.27
CA GLY A 1 5.40 22.48 -14.93
C GLY A 1 4.55 21.53 -14.11
N MET A 2 4.99 21.23 -12.88
CA MET A 2 4.25 20.35 -11.98
C MET A 2 2.84 20.89 -11.77
N GLY A 3 1.84 20.05 -12.03
CA GLY A 3 0.42 20.38 -11.97
C GLY A 3 -0.38 19.40 -12.81
N THR A 4 0.15 19.00 -13.97
CA THR A 4 -0.44 18.04 -14.92
C THR A 4 -0.63 16.63 -14.33
N THR A 5 -0.25 16.40 -13.07
CA THR A 5 -0.29 15.12 -12.39
C THR A 5 0.53 14.10 -13.20
N GLU A 6 1.84 14.38 -13.29
CA GLU A 6 2.82 13.63 -14.07
C GLU A 6 3.14 12.28 -13.42
N LYS A 7 3.03 11.20 -14.18
CA LYS A 7 3.18 9.81 -13.73
C LYS A 7 3.73 8.94 -14.87
N SER A 8 3.78 7.62 -14.68
CA SER A 8 4.35 6.67 -15.63
C SER A 8 3.39 5.49 -15.88
N GLY A 9 2.07 5.69 -15.73
CA GLY A 9 1.06 4.68 -16.03
C GLY A 9 1.16 3.46 -15.12
N ILE A 10 1.73 3.62 -13.92
CA ILE A 10 2.00 2.56 -12.96
C ILE A 10 0.68 2.05 -12.40
N LYS A 11 0.64 0.76 -12.05
CA LYS A 11 -0.48 0.07 -11.44
C LYS A 11 -0.10 -0.61 -10.13
N GLU A 12 0.90 -0.11 -9.42
CA GLU A 12 1.32 -0.67 -8.14
C GLU A 12 2.08 0.40 -7.37
N ILE A 13 1.92 0.36 -6.06
CA ILE A 13 2.65 1.13 -5.08
C ILE A 13 3.08 0.18 -3.98
N ILE A 14 3.87 0.70 -3.04
CA ILE A 14 4.39 -0.07 -1.93
C ILE A 14 4.46 0.83 -0.69
N ILE A 15 3.59 0.59 0.28
CA ILE A 15 3.65 1.22 1.60
C ILE A 15 4.91 0.66 2.28
N GLN A 16 5.92 1.48 2.60
CA GLN A 16 7.05 1.01 3.39
C GLN A 16 6.60 0.80 4.83
N GLY A 17 7.36 0.02 5.60
CA GLY A 17 7.17 -0.10 7.05
C GLY A 17 8.12 0.81 7.83
N LEU A 18 8.82 1.70 7.12
CA LEU A 18 9.65 2.75 7.67
C LEU A 18 8.81 4.01 7.74
N THR A 19 9.07 4.85 8.73
CA THR A 19 8.55 6.21 8.81
C THR A 19 9.24 7.08 7.74
N ARG A 20 8.77 8.31 7.52
CA ARG A 20 9.53 9.34 6.80
C ARG A 20 10.99 9.51 7.28
N ALA A 21 11.19 9.32 8.58
CA ALA A 21 12.44 9.52 9.31
C ALA A 21 13.23 8.21 9.43
N GLY A 22 12.89 7.18 8.65
CA GLY A 22 13.74 6.02 8.43
C GLY A 22 13.79 5.03 9.59
N LYS A 23 13.00 5.17 10.66
CA LYS A 23 12.87 4.16 11.64
C LYS A 23 11.81 3.16 11.19
N PRO A 24 11.87 1.91 11.65
CA PRO A 24 10.82 0.94 11.41
C PRO A 24 9.63 1.30 12.30
N PHE A 25 8.44 0.94 11.87
CA PHE A 25 7.21 1.09 12.63
C PHE A 25 7.03 -0.10 13.57
N ARG A 26 6.26 0.11 14.64
CA ARG A 26 5.65 -0.96 15.42
C ARG A 26 4.14 -0.73 15.37
N PRO A 27 3.32 -1.80 15.43
CA PRO A 27 3.78 -3.17 15.46
C PRO A 27 4.29 -3.57 14.07
N SER A 28 5.24 -4.50 14.02
CA SER A 28 5.71 -5.12 12.78
C SER A 28 4.56 -5.77 12.01
N ASP A 29 3.61 -6.34 12.75
CA ASP A 29 2.44 -7.09 12.28
C ASP A 29 1.43 -6.24 11.51
N TRP A 30 1.64 -4.92 11.41
CA TRP A 30 0.74 -3.97 10.75
C TRP A 30 0.39 -4.42 9.31
N VAL A 31 1.36 -5.05 8.64
CA VAL A 31 1.33 -5.61 7.30
C VAL A 31 0.20 -6.63 7.15
N ASP A 32 0.12 -7.56 8.10
CA ASP A 32 -0.82 -8.66 8.08
C ASP A 32 -2.18 -8.15 8.52
N ARG A 33 -2.19 -7.27 9.53
CA ARG A 33 -3.38 -6.59 10.00
C ARG A 33 -4.03 -5.74 8.89
N MET A 34 -3.24 -5.29 7.91
CA MET A 34 -3.77 -4.64 6.74
C MET A 34 -4.38 -5.67 5.80
N CYS A 35 -3.62 -6.67 5.33
CA CYS A 35 -4.16 -7.60 4.33
C CYS A 35 -5.44 -8.27 4.83
N SER A 36 -5.50 -8.59 6.11
CA SER A 36 -6.65 -9.12 6.84
C SER A 36 -7.91 -8.24 6.81
N THR A 37 -7.75 -6.93 6.59
CA THR A 37 -8.85 -5.98 6.50
C THR A 37 -9.47 -5.99 5.10
N TYR A 38 -8.82 -6.58 4.10
CA TYR A 38 -9.28 -6.64 2.71
C TYR A 38 -9.44 -8.10 2.31
N ALA A 39 -9.92 -8.95 3.23
CA ALA A 39 -9.87 -10.40 3.16
C ALA A 39 -11.21 -11.02 3.57
N SER A 40 -11.32 -12.35 3.49
CA SER A 40 -12.52 -13.07 3.90
C SER A 40 -12.24 -14.57 4.06
N PHE A 41 -13.07 -15.24 4.84
CA PHE A 41 -13.18 -16.70 4.83
C PHE A 41 -14.08 -17.10 3.69
N GLY A 42 -13.66 -18.10 2.93
CA GLY A 42 -14.45 -18.69 1.85
C GLY A 42 -13.75 -19.85 1.21
N ALA A 43 -12.54 -19.70 0.69
CA ALA A 43 -11.80 -20.84 0.17
C ALA A 43 -11.44 -21.77 1.32
N ASP A 44 -12.32 -22.73 1.50
CA ASP A 44 -12.26 -23.86 2.40
C ASP A 44 -12.52 -23.41 3.85
N ARG A 45 -13.33 -22.35 4.01
CA ARG A 45 -13.53 -21.64 5.29
C ARG A 45 -12.17 -21.41 6.00
N LYS A 46 -11.13 -21.15 5.21
CA LYS A 46 -9.87 -20.56 5.63
C LYS A 46 -9.86 -19.13 5.13
N LEU A 47 -9.02 -18.30 5.72
CA LEU A 47 -8.86 -16.91 5.34
C LEU A 47 -8.17 -16.82 3.98
N ARG A 48 -8.62 -15.93 3.10
CA ARG A 48 -7.87 -15.48 1.93
C ARG A 48 -7.81 -13.96 1.94
N TYR A 49 -6.60 -13.44 1.99
CA TYR A 49 -6.30 -12.11 1.48
C TYR A 49 -6.64 -12.09 -0.01
N SER A 50 -7.10 -10.95 -0.50
CA SER A 50 -7.17 -10.66 -1.92
C SER A 50 -5.75 -10.55 -2.50
N PRO A 51 -5.58 -10.75 -3.82
CA PRO A 51 -4.25 -10.77 -4.43
C PRO A 51 -3.61 -9.38 -4.50
N TYR A 52 -4.40 -8.32 -4.24
CA TYR A 52 -4.01 -6.92 -4.43
C TYR A 52 -3.16 -6.36 -3.29
N LEU A 53 -2.65 -7.19 -2.38
CA LEU A 53 -2.08 -6.78 -1.10
C LEU A 53 -1.08 -7.85 -0.65
N LYS A 54 0.23 -7.66 -0.80
CA LYS A 54 1.25 -8.65 -0.39
C LYS A 54 2.51 -7.99 0.18
N PRO A 55 3.23 -8.61 1.13
CA PRO A 55 4.48 -8.07 1.65
C PRO A 55 5.61 -8.19 0.63
N ARG A 56 6.74 -7.52 0.91
CA ARG A 56 7.97 -7.57 0.10
C ARG A 56 9.17 -7.43 1.05
N VAL A 57 10.38 -7.22 0.53
CA VAL A 57 11.52 -6.83 1.36
C VAL A 57 12.31 -5.73 0.66
N ILE A 58 12.11 -4.48 1.08
CA ILE A 58 12.77 -3.30 0.52
C ILE A 58 13.58 -2.69 1.66
N GLU A 59 14.86 -2.39 1.45
CA GLU A 59 15.76 -1.87 2.47
C GLU A 59 15.66 -2.65 3.81
N GLY A 60 15.37 -3.96 3.77
CA GLY A 60 15.23 -4.81 4.96
C GLY A 60 13.88 -4.70 5.68
N VAL A 61 12.94 -3.87 5.21
CA VAL A 61 11.61 -3.70 5.80
C VAL A 61 10.67 -4.81 5.31
N ARG A 62 9.51 -5.00 5.96
CA ARG A 62 8.48 -5.93 5.48
C ARG A 62 7.60 -5.33 4.37
N CYS A 63 7.53 -3.99 4.33
CA CYS A 63 6.70 -3.18 3.45
C CYS A 63 5.26 -3.72 3.35
N LEU A 64 4.49 -3.26 2.35
CA LEU A 64 3.21 -3.82 1.94
C LEU A 64 2.99 -3.32 0.50
N ALA A 65 3.19 -4.17 -0.50
CA ALA A 65 2.87 -3.85 -1.89
C ALA A 65 1.36 -3.91 -2.06
N VAL A 66 0.79 -2.90 -2.72
CA VAL A 66 -0.61 -2.88 -3.06
C VAL A 66 -0.67 -2.87 -4.61
N ASP A 67 -1.75 -3.37 -5.20
CA ASP A 67 -2.01 -3.30 -6.63
C ASP A 67 -3.09 -2.24 -6.86
N LEU A 68 -2.98 -1.42 -7.91
CA LEU A 68 -3.91 -0.32 -8.17
C LEU A 68 -5.24 -0.78 -8.78
N LYS A 69 -5.31 -1.99 -9.32
CA LYS A 69 -6.49 -2.57 -9.98
C LYS A 69 -7.69 -2.56 -9.02
N LEU A 70 -7.42 -2.61 -7.70
CA LEU A 70 -8.35 -2.52 -6.59
C LEU A 70 -9.16 -1.23 -6.72
N LYS A 71 -8.51 -0.10 -6.99
CA LYS A 71 -9.17 1.20 -6.99
C LYS A 71 -10.26 1.28 -8.07
N ASP A 72 -10.06 0.63 -9.21
CA ASP A 72 -11.03 0.59 -10.29
C ASP A 72 -12.27 -0.25 -9.94
N THR A 73 -12.09 -1.23 -9.06
CA THR A 73 -13.16 -2.14 -8.65
C THR A 73 -13.81 -1.68 -7.32
N ASN A 74 -13.09 -0.96 -6.46
CA ASN A 74 -13.51 -0.42 -5.16
C ASN A 74 -12.56 0.72 -4.76
N PRO A 75 -12.80 1.97 -5.20
CA PRO A 75 -11.92 3.09 -4.90
C PRO A 75 -11.86 3.43 -3.42
N GLU A 76 -12.97 3.31 -2.69
CA GLU A 76 -13.08 3.63 -1.27
C GLU A 76 -12.09 2.82 -0.44
N GLY A 77 -11.98 1.53 -0.74
CA GLY A 77 -11.01 0.64 -0.13
C GLY A 77 -9.58 1.17 -0.32
N PHE A 78 -9.20 1.41 -1.57
CA PHE A 78 -7.85 1.88 -1.89
C PHE A 78 -7.56 3.23 -1.24
N ASN A 79 -8.54 4.12 -1.22
CA ASN A 79 -8.47 5.46 -0.62
C ASN A 79 -8.13 5.33 0.86
N GLN A 80 -8.88 4.51 1.62
CA GLN A 80 -8.57 4.27 3.03
C GLN A 80 -7.13 3.79 3.23
N LEU A 81 -6.63 2.92 2.36
CA LEU A 81 -5.31 2.33 2.52
C LEU A 81 -4.23 3.39 2.44
N MET A 82 -4.41 4.39 1.57
CA MET A 82 -3.51 5.53 1.46
C MET A 82 -3.52 6.34 2.76
N HIS A 83 -4.70 6.54 3.34
CA HIS A 83 -4.86 7.31 4.57
C HIS A 83 -4.05 6.70 5.70
N PHE A 84 -4.18 5.38 5.93
CA PHE A 84 -3.50 4.69 7.03
C PHE A 84 -1.98 4.86 6.96
N ALA A 85 -1.39 4.74 5.76
CA ALA A 85 0.02 4.94 5.52
C ALA A 85 0.42 6.31 6.06
N THR A 86 -0.23 7.34 5.50
CA THR A 86 0.02 8.74 5.79
C THR A 86 -0.13 9.00 7.29
N GLU A 87 -1.17 8.45 7.92
CA GLU A 87 -1.45 8.64 9.34
C GLU A 87 -0.32 8.14 10.23
N ASN A 88 0.27 7.00 9.90
CA ASN A 88 1.38 6.44 10.66
C ASN A 88 2.73 7.07 10.25
N GLN A 89 2.68 8.12 9.42
CA GLN A 89 3.82 8.77 8.76
C GLN A 89 4.80 7.77 8.16
N LEU A 90 4.26 6.69 7.61
CA LEU A 90 5.03 5.68 6.90
C LEU A 90 5.59 6.32 5.62
N ASN A 91 6.50 5.66 4.92
CA ASN A 91 7.06 6.15 3.66
C ASN A 91 6.34 5.44 2.52
N ILE A 92 5.51 6.13 1.74
CA ILE A 92 4.89 5.50 0.58
C ILE A 92 5.92 5.53 -0.54
N LEU A 93 6.24 4.37 -1.10
CA LEU A 93 6.97 4.20 -2.33
C LEU A 93 5.97 3.87 -3.44
N ASP A 94 6.40 4.08 -4.67
CA ASP A 94 5.71 3.65 -5.88
C ASP A 94 6.35 2.34 -6.33
N ALA A 95 5.98 1.88 -7.52
CA ALA A 95 6.42 0.57 -8.03
C ALA A 95 7.94 0.48 -8.22
N GLU A 96 8.62 1.56 -8.62
CA GLU A 96 10.07 1.51 -8.77
C GLU A 96 10.78 1.52 -7.42
N GLY A 97 10.12 2.03 -6.38
CA GLY A 97 10.72 2.18 -5.07
C GLY A 97 11.28 3.57 -4.81
N ASN A 98 10.77 4.58 -5.52
CA ASN A 98 10.97 5.99 -5.21
C ASN A 98 9.82 6.41 -4.29
N SER A 99 10.09 7.20 -3.25
CA SER A 99 9.06 7.76 -2.37
C SER A 99 8.14 8.71 -3.14
N ILE A 100 6.82 8.64 -2.95
CA ILE A 100 5.83 9.47 -3.65
C ILE A 100 4.75 9.99 -2.68
N ASP A 101 3.94 10.96 -3.11
CA ASP A 101 2.69 11.34 -2.43
C ASP A 101 1.50 10.67 -3.06
N ALA A 102 0.45 10.56 -2.27
CA ALA A 102 -0.72 9.75 -2.63
C ALA A 102 -1.65 10.49 -3.59
N ALA A 103 -1.54 11.82 -3.67
CA ALA A 103 -2.27 12.60 -4.66
C ALA A 103 -1.90 12.19 -6.08
N GLN A 104 -0.70 11.63 -6.24
CA GLN A 104 -0.19 11.17 -7.52
C GLN A 104 -0.74 9.79 -7.88
N VAL A 105 -1.59 9.20 -7.04
CA VAL A 105 -2.12 7.86 -7.17
C VAL A 105 -3.64 7.87 -7.06
N THR A 106 -4.21 8.66 -6.17
CA THR A 106 -5.66 8.66 -5.98
C THR A 106 -6.38 9.37 -7.12
N GLU A 107 -5.64 10.10 -7.97
CA GLU A 107 -6.14 10.78 -9.16
C GLU A 107 -6.02 9.91 -10.41
N ILE A 108 -5.55 8.67 -10.26
CA ILE A 108 -5.58 7.62 -11.26
C ILE A 108 -6.92 6.93 -11.09
#